data_4MYC
#
_entry.id   4MYC
#
_cell.length_a   156.618
_cell.length_b   156.618
_cell.length_c   520.562
_cell.angle_alpha   90.00
_cell.angle_beta   90.00
_cell.angle_gamma   120.00
#
_symmetry.space_group_name_H-M   'P 65 2 2'
#
_entity_poly.entity_id   1
_entity_poly.type   'polypeptide(L)'
_entity_poly.pdbx_seq_one_letter_code
;YIWPKGNNKVRIRVLIALGLLISAKILNVQVPFFFKQTIDSMNIAWDDPTVALPAAIGLTILCYGVARFGSVLFGELRNA
VFAKVAQNAIRTVSLQTFQHLMKLDLGWHLSRQTGGLTRAMDRGTKGISQVLTAMVFHIIPISFEISVVCGILTYQFGAS
FAAITFSTMLLYSIFTIKTTAWRTHFRRDANKADNKAASVALDSLINFEAVKYFNNEKYLADKYNGSLMNYRDSQIKVSQ
SLAFLNSGQNLIFTTALTAMMYMGCTGVIGGNLTVGDLVLINQLVFQLSVPLNFLGSVYRDLKQSLIDMETLFKLRKNEV
KIKNAERPLMLPENVPYDITFENVTFGYHPDRKILKNASFTIPAGWKTAIVGSSGSGKSTILKLVFRFYDPESGRILING
RDIKEYDIDALRKVIGVVPQDTPLFNDTIWENVKFGRIDATDEEVITVVEKAQLAPLIKKLPQGFDTIVGERGLMISGGE
KQRLAIARVLLKNARIMFFDEATSALDTHTEQALLRTIRDNFTSGSRTSVYIAHRLRTIADADKIIVLDNGRVREEGKHL
ELLAMPGSLYRELWTIQEDLDHLENELKDQQELWSHPQ
;
_entity_poly.pdbx_strand_id   A,C,B
#
# COMPACT_ATOMS: atom_id res chain seq x y z
N TYR A 1 -51.70 -9.15 -27.86
CA TYR A 1 -50.90 -8.17 -28.60
C TYR A 1 -51.65 -6.87 -28.81
N ILE A 2 -50.93 -5.76 -28.62
CA ILE A 2 -51.42 -4.40 -28.87
C ILE A 2 -52.67 -4.04 -28.05
N TRP A 3 -53.79 -3.91 -28.76
CA TRP A 3 -55.10 -3.58 -28.20
C TRP A 3 -55.05 -2.44 -27.17
N PRO A 4 -54.64 -1.25 -27.62
CA PRO A 4 -54.74 0.05 -26.94
C PRO A 4 -56.10 0.69 -27.27
N LYS A 5 -56.82 0.13 -28.25
CA LYS A 5 -58.14 0.65 -28.65
C LYS A 5 -59.29 -0.36 -28.41
N GLY A 6 -60.34 0.13 -27.75
CA GLY A 6 -61.53 -0.64 -27.39
C GLY A 6 -62.71 0.28 -27.11
N ASN A 7 -62.73 0.78 -25.87
CA ASN A 7 -63.61 1.88 -25.47
C ASN A 7 -62.72 2.98 -24.84
N ASN A 8 -63.31 3.84 -23.98
CA ASN A 8 -62.63 4.99 -23.38
C ASN A 8 -61.86 5.80 -24.43
N LYS A 9 -62.63 6.40 -25.35
CA LYS A 9 -62.09 7.16 -26.50
C LYS A 9 -61.54 8.53 -26.10
N VAL A 10 -61.00 8.62 -24.89
CA VAL A 10 -60.21 9.77 -24.51
C VAL A 10 -58.84 9.61 -25.16
N ARG A 11 -58.56 8.41 -25.67
CA ARG A 11 -57.32 8.16 -26.38
C ARG A 11 -57.48 8.55 -27.85
N ILE A 12 -58.34 9.55 -28.10
CA ILE A 12 -58.51 10.19 -29.39
C ILE A 12 -57.19 10.84 -29.73
N ARG A 13 -56.50 11.24 -28.66
CA ARG A 13 -55.19 11.85 -28.67
C ARG A 13 -54.20 11.11 -29.57
N VAL A 14 -54.46 9.84 -29.83
CA VAL A 14 -53.63 9.04 -30.71
C VAL A 14 -53.69 9.59 -32.14
N LEU A 15 -54.85 10.10 -32.52
CA LEU A 15 -54.98 10.79 -33.79
C LEU A 15 -54.08 12.03 -33.75
N ILE A 16 -54.26 12.86 -32.71
CA ILE A 16 -53.49 14.10 -32.56
C ILE A 16 -51.99 13.86 -32.71
N ALA A 17 -51.49 12.76 -32.13
CA ALA A 17 -50.08 12.42 -32.25
C ALA A 17 -49.76 12.03 -33.69
N LEU A 18 -50.63 11.21 -34.27
CA LEU A 18 -50.51 10.82 -35.66
C LEU A 18 -50.61 12.04 -36.58
N GLY A 19 -51.56 12.93 -36.26
CA GLY A 19 -51.71 14.15 -37.01
C GLY A 19 -50.47 14.99 -36.88
N LEU A 20 -50.05 15.24 -35.64
CA LEU A 20 -48.84 16.03 -35.37
C LEU A 20 -47.63 15.38 -36.02
N LEU A 21 -47.69 14.06 -36.23
CA LEU A 21 -46.60 13.36 -36.89
C LEU A 21 -46.52 13.76 -38.36
N ILE A 22 -47.64 13.68 -39.07
CA ILE A 22 -47.72 14.14 -40.47
C ILE A 22 -47.31 15.62 -40.58
N SER A 23 -47.98 16.48 -39.83
CA SER A 23 -47.75 17.93 -39.90
C SER A 23 -46.37 18.37 -39.36
N ALA A 24 -45.49 17.41 -39.10
CA ALA A 24 -44.13 17.76 -38.70
C ALA A 24 -43.16 17.37 -39.81
N LYS A 25 -43.54 16.34 -40.57
CA LYS A 25 -42.75 15.91 -41.73
C LYS A 25 -43.07 16.75 -42.98
N ILE A 26 -44.34 17.14 -43.09
CA ILE A 26 -44.79 18.01 -44.16
C ILE A 26 -44.02 19.29 -44.05
N LEU A 27 -43.95 19.81 -42.83
CA LEU A 27 -43.17 21.00 -42.51
C LEU A 27 -41.66 20.84 -42.77
N ASN A 28 -41.20 19.60 -42.84
CA ASN A 28 -39.79 19.30 -43.07
C ASN A 28 -39.44 19.35 -44.56
N VAL A 29 -40.17 18.59 -45.37
CA VAL A 29 -39.88 18.50 -46.80
C VAL A 29 -40.07 19.87 -47.45
N GLN A 30 -40.79 20.74 -46.74
CA GLN A 30 -41.03 22.09 -47.21
C GLN A 30 -39.87 23.06 -46.86
N VAL A 31 -38.98 22.67 -45.94
CA VAL A 31 -37.85 23.55 -45.57
C VAL A 31 -36.83 23.83 -46.71
N PRO A 32 -36.52 22.81 -47.52
CA PRO A 32 -35.58 23.08 -48.63
C PRO A 32 -36.17 23.93 -49.78
N PHE A 33 -37.49 23.90 -49.97
CA PHE A 33 -38.16 24.76 -50.94
C PHE A 33 -37.86 26.21 -50.59
N PHE A 34 -38.00 26.56 -49.32
CA PHE A 34 -37.75 27.93 -48.87
C PHE A 34 -36.28 28.33 -49.00
N PHE A 35 -35.40 27.35 -49.02
CA PHE A 35 -33.97 27.61 -49.24
C PHE A 35 -33.72 27.81 -50.74
N LYS A 36 -34.36 26.98 -51.57
CA LYS A 36 -34.23 27.09 -53.02
C LYS A 36 -34.76 28.43 -53.50
N GLN A 37 -35.98 28.74 -53.08
CA GLN A 37 -36.64 29.96 -53.50
C GLN A 37 -35.87 31.16 -52.95
N THR A 38 -35.37 31.10 -51.72
CA THR A 38 -34.63 32.25 -51.20
C THR A 38 -33.29 32.47 -51.92
N ILE A 39 -32.73 31.42 -52.50
CA ILE A 39 -31.50 31.52 -53.28
C ILE A 39 -31.74 32.04 -54.70
N ASP A 40 -32.75 31.51 -55.40
CA ASP A 40 -33.06 32.00 -56.75
C ASP A 40 -33.53 33.49 -56.71
N SER A 41 -34.25 33.85 -55.66
CA SER A 41 -34.77 35.20 -55.47
C SER A 41 -33.72 36.15 -54.95
N MET A 42 -32.46 35.79 -55.15
CA MET A 42 -31.38 36.70 -54.84
C MET A 42 -30.38 36.68 -56.00
N ASN A 43 -30.62 35.80 -56.98
CA ASN A 43 -29.82 35.70 -58.19
C ASN A 43 -30.36 36.69 -59.24
N ILE A 44 -30.38 37.98 -58.89
CA ILE A 44 -30.97 39.01 -59.74
C ILE A 44 -30.09 40.28 -59.90
N ALA A 45 -30.68 41.35 -60.42
CA ALA A 45 -29.95 42.57 -60.76
C ALA A 45 -29.05 43.15 -59.66
N TRP A 46 -29.69 43.79 -58.67
CA TRP A 46 -29.05 44.52 -57.53
C TRP A 46 -28.14 45.69 -57.91
N ASP A 47 -28.53 46.41 -58.95
CA ASP A 47 -27.76 47.54 -59.44
C ASP A 47 -27.70 48.70 -58.45
N ASP A 48 -28.66 48.72 -57.53
CA ASP A 48 -28.65 49.69 -56.43
C ASP A 48 -28.27 48.92 -55.19
N PRO A 49 -27.03 49.11 -54.70
CA PRO A 49 -26.51 48.33 -53.56
C PRO A 49 -26.86 48.96 -52.21
N THR A 50 -27.75 49.94 -52.20
CA THR A 50 -28.22 50.51 -50.94
C THR A 50 -29.72 50.22 -50.74
N VAL A 51 -30.30 49.49 -51.69
CA VAL A 51 -31.71 49.10 -51.63
C VAL A 51 -31.93 48.22 -50.39
N ALA A 52 -33.11 48.30 -49.79
CA ALA A 52 -33.43 47.41 -48.69
C ALA A 52 -33.88 46.06 -49.29
N LEU A 53 -33.98 45.04 -48.44
CA LEU A 53 -34.41 43.71 -48.88
C LEU A 53 -35.91 43.67 -49.15
N PRO A 54 -36.30 43.23 -50.37
CA PRO A 54 -37.72 42.95 -50.62
C PRO A 54 -38.32 42.11 -49.49
N ALA A 55 -39.32 42.68 -48.81
CA ALA A 55 -40.00 41.98 -47.72
C ALA A 55 -40.75 40.77 -48.28
N ALA A 56 -40.91 40.74 -49.61
CA ALA A 56 -41.51 39.62 -50.32
C ALA A 56 -40.57 38.41 -50.28
N ILE A 57 -39.29 38.69 -50.04
CA ILE A 57 -38.29 37.63 -49.89
C ILE A 57 -37.72 37.56 -48.47
N GLY A 58 -37.83 38.65 -47.71
CA GLY A 58 -37.57 38.58 -46.27
C GLY A 58 -38.58 37.65 -45.61
N LEU A 59 -39.75 37.55 -46.24
CA LEU A 59 -40.81 36.67 -45.81
C LEU A 59 -40.46 35.21 -46.08
N THR A 60 -39.95 34.91 -47.27
CA THR A 60 -39.60 33.53 -47.61
C THR A 60 -38.56 32.97 -46.64
N ILE A 61 -37.63 33.81 -46.18
CA ILE A 61 -36.60 33.37 -45.22
C ILE A 61 -37.12 33.31 -43.76
N LEU A 62 -38.22 34.03 -43.49
CA LEU A 62 -38.93 33.90 -42.22
C LEU A 62 -39.73 32.61 -42.25
N CYS A 63 -40.26 32.27 -43.42
CA CYS A 63 -40.96 31.00 -43.60
C CYS A 63 -40.07 29.77 -43.48
N TYR A 64 -38.84 29.91 -43.96
CA TYR A 64 -37.83 28.87 -43.85
C TYR A 64 -37.61 28.56 -42.39
N GLY A 65 -37.31 29.61 -41.63
CA GLY A 65 -37.12 29.51 -40.19
C GLY A 65 -38.32 28.89 -39.49
N VAL A 66 -39.49 29.47 -39.70
CA VAL A 66 -40.72 28.92 -39.13
C VAL A 66 -41.26 27.78 -40.01
N ALA A 67 -40.52 26.67 -40.07
CA ALA A 67 -40.92 25.49 -40.81
C ALA A 67 -39.83 24.50 -40.52
N ARG A 68 -38.64 25.05 -40.30
CA ARG A 68 -37.53 24.31 -39.75
C ARG A 68 -37.86 24.07 -38.29
N PHE A 69 -38.18 25.16 -37.60
CA PHE A 69 -38.61 25.11 -36.21
C PHE A 69 -39.96 24.41 -36.11
N GLY A 70 -40.81 24.60 -37.12
CA GLY A 70 -42.11 23.94 -37.11
C GLY A 70 -42.01 22.43 -37.19
N SER A 71 -40.97 21.94 -37.85
CA SER A 71 -40.77 20.50 -38.07
C SER A 71 -40.35 19.77 -36.81
N VAL A 72 -39.38 20.34 -36.12
CA VAL A 72 -38.91 19.80 -34.87
C VAL A 72 -40.01 19.89 -33.82
N LEU A 73 -40.54 21.10 -33.60
CA LEU A 73 -41.58 21.34 -32.57
C LEU A 73 -42.81 20.46 -32.73
N PHE A 74 -43.31 20.32 -33.96
CA PHE A 74 -44.46 19.46 -34.20
C PHE A 74 -44.12 17.99 -34.07
N GLY A 75 -42.82 17.67 -34.09
CA GLY A 75 -42.36 16.31 -33.85
C GLY A 75 -42.16 16.05 -32.36
N GLU A 76 -41.51 16.99 -31.68
CA GLU A 76 -41.31 16.89 -30.23
C GLU A 76 -42.66 16.91 -29.52
N LEU A 77 -43.64 17.61 -30.09
CA LEU A 77 -44.99 17.62 -29.54
C LEU A 77 -45.69 16.31 -29.86
N ARG A 78 -45.31 15.66 -30.95
CA ARG A 78 -45.86 14.35 -31.25
C ARG A 78 -45.46 13.39 -30.12
N ASN A 79 -44.20 13.46 -29.74
CA ASN A 79 -43.65 12.61 -28.68
C ASN A 79 -44.34 12.76 -27.33
N ALA A 80 -44.24 13.94 -26.74
CA ALA A 80 -44.80 14.13 -25.40
C ALA A 80 -46.30 13.88 -25.37
N VAL A 81 -46.97 14.08 -26.50
CA VAL A 81 -48.39 13.80 -26.52
C VAL A 81 -48.63 12.30 -26.47
N PHE A 82 -47.85 11.53 -27.23
CA PHE A 82 -48.02 10.08 -27.29
C PHE A 82 -47.45 9.38 -26.05
N ALA A 83 -46.54 10.06 -25.36
CA ALA A 83 -45.96 9.55 -24.12
C ALA A 83 -47.06 9.32 -23.08
N LYS A 84 -48.08 10.18 -23.07
CA LYS A 84 -49.28 10.01 -22.27
C LYS A 84 -50.01 8.71 -22.65
N VAL A 85 -49.85 8.24 -23.87
CA VAL A 85 -50.47 6.98 -24.29
C VAL A 85 -49.63 5.77 -23.85
N ALA A 86 -48.32 5.89 -24.01
CA ALA A 86 -47.40 4.81 -23.68
C ALA A 86 -47.37 4.51 -22.18
N GLN A 87 -46.99 5.51 -21.40
CA GLN A 87 -46.88 5.38 -19.95
C GLN A 87 -48.21 4.96 -19.30
N ASN A 88 -49.33 5.26 -19.97
CA ASN A 88 -50.65 4.87 -19.48
C ASN A 88 -50.89 3.40 -19.76
N ALA A 89 -50.47 2.93 -20.92
CA ALA A 89 -50.71 1.54 -21.30
C ALA A 89 -49.91 0.62 -20.41
N ILE A 90 -48.74 1.08 -20.01
CA ILE A 90 -47.93 0.33 -19.06
C ILE A 90 -48.59 0.32 -17.67
N ARG A 91 -48.92 1.50 -17.14
CA ARG A 91 -49.54 1.58 -15.81
C ARG A 91 -50.79 0.70 -15.74
N THR A 92 -51.49 0.54 -16.86
CA THR A 92 -52.66 -0.33 -16.87
C THR A 92 -52.28 -1.81 -16.92
N VAL A 93 -51.23 -2.14 -17.65
CA VAL A 93 -50.81 -3.53 -17.77
C VAL A 93 -50.06 -3.99 -16.50
N SER A 94 -49.21 -3.13 -15.95
CA SER A 94 -48.47 -3.46 -14.73
C SER A 94 -49.38 -3.72 -13.50
N LEU A 95 -50.54 -3.07 -13.47
CA LEU A 95 -51.50 -3.28 -12.40
C LEU A 95 -52.24 -4.58 -12.62
N GLN A 96 -52.78 -4.73 -13.82
CA GLN A 96 -53.58 -5.90 -14.16
C GLN A 96 -52.78 -7.20 -14.04
N THR A 97 -51.49 -7.16 -14.33
CA THR A 97 -50.65 -8.34 -14.12
C THR A 97 -50.49 -8.56 -12.61
N PHE A 98 -50.21 -7.49 -11.87
CA PHE A 98 -50.08 -7.55 -10.40
C PHE A 98 -51.32 -8.16 -9.74
N GLN A 99 -52.49 -7.67 -10.10
CA GLN A 99 -53.72 -8.15 -9.49
C GLN A 99 -53.96 -9.64 -9.80
N HIS A 100 -53.60 -10.05 -11.00
CA HIS A 100 -53.82 -11.41 -11.43
C HIS A 100 -52.76 -12.33 -10.80
N LEU A 101 -51.58 -11.80 -10.54
CA LEU A 101 -50.57 -12.61 -9.87
C LEU A 101 -51.06 -13.02 -8.50
N MET A 102 -51.92 -12.20 -7.90
CA MET A 102 -52.38 -12.52 -6.55
C MET A 102 -53.71 -13.22 -6.50
N LYS A 103 -54.26 -13.46 -7.68
CA LYS A 103 -55.45 -14.27 -7.77
C LYS A 103 -55.02 -15.72 -8.02
N LEU A 104 -53.72 -15.92 -8.28
CA LEU A 104 -53.20 -17.26 -8.59
C LEU A 104 -53.09 -18.12 -7.34
N ASP A 105 -53.04 -19.44 -7.52
CA ASP A 105 -53.02 -20.36 -6.40
C ASP A 105 -51.60 -20.53 -5.84
N LEU A 106 -51.49 -20.88 -4.55
CA LEU A 106 -50.22 -20.87 -3.83
C LEU A 106 -49.19 -21.83 -4.42
N GLY A 107 -49.66 -22.94 -4.96
CA GLY A 107 -48.76 -23.93 -5.52
C GLY A 107 -48.00 -23.32 -6.68
N TRP A 108 -48.72 -22.51 -7.45
CA TRP A 108 -48.13 -21.82 -8.57
C TRP A 108 -47.00 -20.92 -8.06
N HIS A 109 -47.28 -20.11 -7.05
CA HIS A 109 -46.30 -19.17 -6.54
C HIS A 109 -45.05 -19.86 -6.02
N LEU A 110 -45.20 -21.12 -5.63
CA LEU A 110 -44.11 -21.87 -5.04
C LEU A 110 -43.33 -22.64 -6.09
N SER A 111 -43.93 -22.78 -7.27
CA SER A 111 -43.24 -23.40 -8.40
C SER A 111 -42.40 -22.35 -9.14
N ARG A 112 -42.99 -21.17 -9.30
CA ARG A 112 -42.37 -20.07 -10.01
C ARG A 112 -41.34 -19.35 -9.15
N GLN A 113 -40.14 -19.25 -9.68
CA GLN A 113 -39.07 -18.46 -9.08
C GLN A 113 -39.50 -17.01 -9.13
N THR A 114 -39.37 -16.30 -8.01
CA THR A 114 -39.94 -14.96 -7.92
C THR A 114 -39.20 -13.96 -8.79
N GLY A 115 -37.89 -14.13 -8.92
CA GLY A 115 -37.07 -13.23 -9.73
C GLY A 115 -37.48 -13.27 -11.19
N GLY A 116 -37.73 -14.48 -11.69
CA GLY A 116 -38.18 -14.70 -13.05
C GLY A 116 -39.55 -14.07 -13.30
N LEU A 117 -40.23 -13.67 -12.23
CA LEU A 117 -41.44 -12.90 -12.37
C LEU A 117 -41.14 -11.41 -12.22
N THR A 118 -40.21 -11.07 -11.33
CA THR A 118 -39.87 -9.68 -11.15
C THR A 118 -39.21 -9.17 -12.43
N ARG A 119 -38.41 -10.01 -13.07
CA ARG A 119 -37.82 -9.67 -14.36
C ARG A 119 -38.91 -9.65 -15.41
N ALA A 120 -39.81 -10.62 -15.38
CA ALA A 120 -40.86 -10.68 -16.40
C ALA A 120 -41.77 -9.46 -16.39
N MET A 121 -42.28 -9.08 -15.23
CA MET A 121 -43.23 -7.97 -15.20
C MET A 121 -42.55 -6.60 -15.01
N ASP A 122 -41.25 -6.54 -15.27
CA ASP A 122 -40.53 -5.26 -15.31
C ASP A 122 -39.97 -5.06 -16.72
N ARG A 123 -39.14 -6.02 -17.17
CA ARG A 123 -38.61 -6.04 -18.53
C ARG A 123 -39.71 -6.29 -19.55
N GLY A 124 -40.91 -6.59 -19.07
CA GLY A 124 -42.07 -6.76 -19.92
C GLY A 124 -42.70 -5.43 -20.28
N THR A 125 -42.62 -4.46 -19.36
CA THR A 125 -43.09 -3.10 -19.64
C THR A 125 -42.10 -2.37 -20.55
N LYS A 126 -40.81 -2.47 -20.21
CA LYS A 126 -39.74 -1.83 -20.97
C LYS A 126 -39.71 -2.37 -22.38
N GLY A 127 -40.28 -3.55 -22.59
CA GLY A 127 -40.37 -4.10 -23.92
C GLY A 127 -41.55 -3.53 -24.68
N ILE A 128 -42.31 -2.67 -24.03
CA ILE A 128 -43.45 -2.05 -24.70
C ILE A 128 -43.10 -0.63 -25.17
N SER A 129 -42.34 0.08 -24.35
CA SER A 129 -41.85 1.41 -24.70
C SER A 129 -40.69 1.28 -25.69
N GLN A 130 -40.55 0.10 -26.27
CA GLN A 130 -39.52 -0.14 -27.27
C GLN A 130 -40.17 -0.57 -28.58
N VAL A 131 -41.41 -1.05 -28.52
CA VAL A 131 -42.15 -1.45 -29.73
C VAL A 131 -43.04 -0.30 -30.20
N LEU A 132 -43.49 0.52 -29.27
CA LEU A 132 -44.21 1.70 -29.67
C LEU A 132 -43.23 2.82 -30.05
N THR A 133 -42.16 2.99 -29.27
CA THR A 133 -41.15 4.00 -29.61
C THR A 133 -40.49 3.68 -30.95
N ALA A 134 -40.32 2.40 -31.24
CA ALA A 134 -39.83 2.02 -32.57
C ALA A 134 -40.85 2.43 -33.63
N MET A 135 -42.10 2.04 -33.43
CA MET A 135 -43.17 2.26 -34.39
C MET A 135 -43.40 3.73 -34.66
N VAL A 136 -43.63 4.48 -33.59
CA VAL A 136 -44.08 5.86 -33.70
C VAL A 136 -42.97 6.94 -33.78
N PHE A 137 -41.84 6.71 -33.14
CA PHE A 137 -40.81 7.75 -33.15
C PHE A 137 -39.85 7.57 -34.32
N HIS A 138 -39.90 6.41 -34.94
CA HIS A 138 -38.90 6.06 -35.95
C HIS A 138 -39.48 5.45 -37.22
N ILE A 139 -40.12 4.27 -37.12
CA ILE A 139 -40.64 3.56 -38.29
C ILE A 139 -41.55 4.42 -39.19
N ILE A 140 -42.70 4.86 -38.67
CA ILE A 140 -43.65 5.68 -39.44
C ILE A 140 -43.09 6.99 -40.00
N PRO A 141 -42.50 7.86 -39.14
CA PRO A 141 -41.94 9.13 -39.63
C PRO A 141 -40.86 8.99 -40.73
N ILE A 142 -40.04 7.97 -40.65
CA ILE A 142 -39.00 7.76 -41.66
C ILE A 142 -39.60 7.03 -42.86
N SER A 143 -40.78 6.45 -42.67
CA SER A 143 -41.47 5.75 -43.76
C SER A 143 -42.30 6.71 -44.58
N PHE A 144 -42.86 7.70 -43.89
CA PHE A 144 -43.63 8.76 -44.51
C PHE A 144 -42.74 9.69 -45.28
N GLU A 145 -41.71 10.21 -44.60
CA GLU A 145 -40.76 11.14 -45.19
C GLU A 145 -40.16 10.55 -46.48
N ILE A 146 -39.83 9.26 -46.47
CA ILE A 146 -39.35 8.56 -47.68
C ILE A 146 -40.40 8.58 -48.79
N SER A 147 -41.66 8.41 -48.41
CA SER A 147 -42.73 8.46 -49.41
C SER A 147 -42.85 9.87 -49.99
N VAL A 148 -42.96 10.85 -49.10
CA VAL A 148 -43.11 12.24 -49.53
C VAL A 148 -41.85 12.76 -50.24
N VAL A 149 -40.65 12.53 -49.68
CA VAL A 149 -39.43 12.97 -50.37
C VAL A 149 -39.27 12.28 -51.73
N CYS A 150 -39.44 10.97 -51.78
CA CYS A 150 -39.36 10.30 -53.09
C CYS A 150 -40.53 10.66 -54.02
N GLY A 151 -41.68 11.02 -53.46
CA GLY A 151 -42.79 11.46 -54.29
C GLY A 151 -42.43 12.78 -54.95
N ILE A 152 -42.08 13.75 -54.10
CA ILE A 152 -41.66 15.08 -54.52
C ILE A 152 -40.53 15.04 -55.54
N LEU A 153 -39.50 14.27 -55.26
CA LEU A 153 -38.40 14.08 -56.20
C LEU A 153 -38.91 13.53 -57.54
N THR A 154 -39.80 12.54 -57.49
CA THR A 154 -40.33 11.94 -58.72
C THR A 154 -40.99 12.99 -59.60
N TYR A 155 -41.90 13.76 -59.02
CA TYR A 155 -42.62 14.75 -59.82
C TYR A 155 -41.67 15.88 -60.29
N GLN A 156 -40.88 16.41 -59.38
CA GLN A 156 -40.14 17.66 -59.64
C GLN A 156 -38.68 17.50 -60.13
N PHE A 157 -38.21 16.26 -60.23
CA PHE A 157 -36.85 16.02 -60.73
C PHE A 157 -36.75 14.74 -61.51
N GLY A 158 -37.81 13.94 -61.46
CA GLY A 158 -37.86 12.68 -62.19
C GLY A 158 -37.39 11.48 -61.40
N ALA A 159 -37.87 10.30 -61.81
CA ALA A 159 -37.57 9.04 -61.14
C ALA A 159 -36.09 8.72 -61.20
N SER A 160 -35.36 9.49 -62.01
CA SER A 160 -33.92 9.35 -62.13
C SER A 160 -33.36 9.44 -60.73
N PHE A 161 -33.77 10.52 -60.06
CA PHE A 161 -33.38 10.80 -58.68
C PHE A 161 -34.09 9.86 -57.67
N ALA A 162 -35.40 9.71 -57.84
CA ALA A 162 -36.21 8.94 -56.89
C ALA A 162 -35.73 7.50 -56.75
N ALA A 163 -35.46 6.86 -57.88
CA ALA A 163 -35.02 5.46 -57.88
C ALA A 163 -33.74 5.30 -57.08
N ILE A 164 -32.89 6.32 -57.07
CA ILE A 164 -31.65 6.20 -56.33
C ILE A 164 -31.77 6.61 -54.85
N THR A 165 -32.65 7.56 -54.53
CA THR A 165 -32.90 7.93 -53.13
C THR A 165 -33.46 6.72 -52.38
N PHE A 166 -34.57 6.20 -52.87
CA PHE A 166 -35.15 5.00 -52.28
C PHE A 166 -34.14 3.87 -52.25
N SER A 167 -33.30 3.76 -53.29
CA SER A 167 -32.30 2.71 -53.30
C SER A 167 -31.29 2.96 -52.20
N THR A 168 -30.93 4.23 -52.01
CA THR A 168 -29.96 4.59 -50.98
C THR A 168 -30.43 4.18 -49.59
N MET A 169 -31.70 4.42 -49.29
CA MET A 169 -32.26 3.95 -48.03
C MET A 169 -32.15 2.43 -47.91
N LEU A 170 -32.62 1.72 -48.93
CA LEU A 170 -32.61 0.27 -48.89
C LEU A 170 -31.20 -0.33 -48.67
N LEU A 171 -30.18 0.33 -49.21
CA LEU A 171 -28.79 -0.08 -49.03
C LEU A 171 -28.31 0.28 -47.64
N TYR A 172 -28.74 1.45 -47.17
CA TYR A 172 -28.42 1.92 -45.82
C TYR A 172 -29.05 1.03 -44.77
N SER A 173 -30.25 0.51 -45.08
CA SER A 173 -30.94 -0.43 -44.21
C SER A 173 -30.23 -1.76 -44.14
N ILE A 174 -30.14 -2.43 -45.26
CA ILE A 174 -29.54 -3.74 -45.26
C ILE A 174 -28.00 -3.72 -45.09
N PHE A 175 -27.41 -2.55 -44.79
CA PHE A 175 -25.99 -2.49 -44.39
C PHE A 175 -25.89 -2.23 -42.94
N THR A 176 -26.59 -1.19 -42.49
CA THR A 176 -26.62 -0.88 -41.07
C THR A 176 -27.01 -2.14 -40.27
N ILE A 177 -28.20 -2.68 -40.54
CA ILE A 177 -28.66 -3.90 -39.85
C ILE A 177 -27.66 -5.05 -39.97
N LYS A 178 -27.26 -5.41 -41.18
CA LYS A 178 -26.35 -6.54 -41.38
C LYS A 178 -24.95 -6.30 -40.80
N THR A 179 -24.56 -5.03 -40.63
CA THR A 179 -23.28 -4.73 -39.98
C THR A 179 -23.43 -4.69 -38.46
N THR A 180 -24.55 -4.15 -37.99
CA THR A 180 -24.78 -4.04 -36.55
C THR A 180 -25.06 -5.39 -35.90
N ALA A 181 -25.65 -6.31 -36.68
CA ALA A 181 -25.93 -7.65 -36.16
C ALA A 181 -24.63 -8.44 -36.15
N TRP A 182 -23.66 -7.94 -36.92
CA TRP A 182 -22.35 -8.56 -36.98
C TRP A 182 -21.48 -8.06 -35.82
N ARG A 183 -21.88 -6.94 -35.22
CA ARG A 183 -21.07 -6.34 -34.17
C ARG A 183 -21.64 -6.59 -32.78
N THR A 184 -22.87 -7.10 -32.69
CA THR A 184 -23.37 -7.49 -31.36
C THR A 184 -22.63 -8.77 -30.92
N HIS A 185 -22.14 -9.54 -31.90
CA HIS A 185 -21.30 -10.72 -31.62
C HIS A 185 -19.85 -10.29 -31.28
N PHE A 186 -19.72 -9.04 -30.78
CA PHE A 186 -18.44 -8.43 -30.40
C PHE A 186 -18.49 -7.80 -29.01
N ARG A 187 -19.64 -7.22 -28.67
CA ARG A 187 -19.86 -6.61 -27.37
C ARG A 187 -20.17 -7.71 -26.38
N ARG A 188 -20.75 -8.78 -26.92
CA ARG A 188 -21.10 -9.97 -26.16
C ARG A 188 -19.85 -10.77 -25.82
N ASP A 189 -18.75 -10.49 -26.51
CA ASP A 189 -17.46 -11.09 -26.19
C ASP A 189 -16.61 -10.12 -25.41
N ALA A 190 -16.96 -8.84 -25.49
CA ALA A 190 -16.16 -7.80 -24.85
C ALA A 190 -16.40 -7.73 -23.35
N ASN A 191 -17.67 -7.66 -22.95
CA ASN A 191 -17.97 -7.60 -21.53
C ASN A 191 -17.77 -8.97 -20.90
N LYS A 192 -17.68 -9.98 -21.75
CA LYS A 192 -17.39 -11.31 -21.26
C LYS A 192 -16.04 -11.29 -20.54
N ALA A 193 -15.03 -10.73 -21.18
CA ALA A 193 -13.72 -10.59 -20.54
C ALA A 193 -13.77 -9.64 -19.35
N ASP A 194 -14.63 -8.63 -19.42
CA ASP A 194 -14.77 -7.66 -18.33
C ASP A 194 -15.17 -8.42 -17.08
N ASN A 195 -16.12 -9.33 -17.24
CA ASN A 195 -16.59 -10.17 -16.16
C ASN A 195 -15.51 -11.09 -15.65
N LYS A 196 -14.76 -11.68 -16.56
CA LYS A 196 -13.66 -12.55 -16.19
C LYS A 196 -12.72 -11.78 -15.32
N ALA A 197 -12.35 -10.60 -15.77
CA ALA A 197 -11.47 -9.74 -15.00
C ALA A 197 -12.11 -9.28 -13.69
N ALA A 198 -13.43 -9.12 -13.71
CA ALA A 198 -14.12 -8.66 -12.53
C ALA A 198 -14.01 -9.66 -11.38
N SER A 199 -14.13 -10.96 -11.68
CA SER A 199 -14.10 -11.99 -10.64
C SER A 199 -12.70 -12.16 -10.08
N VAL A 200 -11.70 -12.14 -10.94
CA VAL A 200 -10.32 -12.25 -10.51
C VAL A 200 -9.99 -11.09 -9.57
N ALA A 201 -10.56 -9.92 -9.84
CA ALA A 201 -10.35 -8.81 -8.93
C ALA A 201 -11.06 -9.10 -7.60
N LEU A 202 -12.29 -9.59 -7.70
CA LEU A 202 -13.10 -9.89 -6.51
C LEU A 202 -12.53 -11.08 -5.75
N ASP A 203 -12.14 -12.15 -6.45
CA ASP A 203 -11.52 -13.28 -5.75
C ASP A 203 -10.28 -12.81 -4.99
N SER A 204 -9.50 -11.94 -5.60
CA SER A 204 -8.31 -11.44 -4.93
C SER A 204 -8.62 -10.46 -3.81
N LEU A 205 -9.86 -10.08 -3.65
CA LEU A 205 -10.17 -9.12 -2.60
C LEU A 205 -10.86 -9.80 -1.43
N ILE A 206 -11.63 -10.83 -1.77
CA ILE A 206 -12.30 -11.66 -0.78
C ILE A 206 -11.31 -12.66 -0.20
N ASN A 207 -10.52 -13.30 -1.06
CA ASN A 207 -9.54 -14.25 -0.59
C ASN A 207 -8.19 -13.62 -0.40
N PHE A 208 -8.18 -12.45 0.21
CA PHE A 208 -6.95 -11.67 0.34
C PHE A 208 -5.94 -12.39 1.22
N GLU A 209 -6.44 -13.14 2.19
CA GLU A 209 -5.55 -13.86 3.09
C GLU A 209 -4.99 -15.03 2.39
N ALA A 210 -5.87 -15.75 1.70
CA ALA A 210 -5.46 -16.93 0.95
C ALA A 210 -4.35 -16.63 -0.06
N VAL A 211 -4.42 -15.48 -0.73
CA VAL A 211 -3.37 -15.16 -1.71
C VAL A 211 -2.11 -14.71 -1.01
N LYS A 212 -2.29 -14.20 0.20
CA LYS A 212 -1.18 -13.80 1.02
C LYS A 212 -0.53 -15.03 1.62
N TYR A 213 -1.34 -16.02 2.02
CA TYR A 213 -0.82 -17.25 2.63
C TYR A 213 0.03 -18.05 1.68
N PHE A 214 -0.17 -17.82 0.39
CA PHE A 214 0.67 -18.46 -0.59
C PHE A 214 1.46 -17.40 -1.28
N ASN A 215 2.25 -17.82 -2.25
CA ASN A 215 3.08 -16.88 -3.02
C ASN A 215 2.17 -15.89 -3.73
N ASN A 216 1.99 -16.12 -5.03
CA ASN A 216 0.96 -15.44 -5.81
C ASN A 216 1.09 -13.91 -5.70
N GLU A 217 0.00 -13.15 -5.58
CA GLU A 217 0.07 -11.67 -5.75
C GLU A 217 0.51 -11.35 -7.18
N LYS A 218 1.77 -11.63 -7.53
CA LYS A 218 2.20 -11.57 -8.92
C LYS A 218 1.38 -12.49 -9.78
N TYR A 219 1.11 -13.71 -9.27
CA TYR A 219 0.36 -14.70 -10.04
C TYR A 219 -1.02 -14.18 -10.36
N LEU A 220 -1.72 -13.66 -9.36
CA LEU A 220 -3.05 -13.14 -9.63
C LEU A 220 -3.01 -11.76 -10.32
N ALA A 221 -1.91 -11.03 -10.18
CA ALA A 221 -1.80 -9.73 -10.83
C ALA A 221 -1.79 -9.87 -12.34
N ASP A 222 -0.98 -10.77 -12.88
CA ASP A 222 -1.01 -10.90 -14.32
C ASP A 222 -2.04 -11.94 -14.72
N LYS A 223 -2.69 -12.55 -13.74
CA LYS A 223 -3.84 -13.36 -14.07
C LYS A 223 -4.93 -12.37 -14.47
N TYR A 224 -4.89 -11.20 -13.83
CA TYR A 224 -5.78 -10.08 -14.07
C TYR A 224 -5.39 -9.43 -15.38
N ASN A 225 -4.12 -9.05 -15.49
CA ASN A 225 -3.59 -8.38 -16.67
C ASN A 225 -4.00 -9.08 -17.96
N GLY A 226 -4.05 -10.41 -17.91
CA GLY A 226 -4.56 -11.21 -19.01
C GLY A 226 -6.01 -10.91 -19.32
N SER A 227 -6.85 -10.99 -18.28
CA SER A 227 -8.26 -10.71 -18.46
C SER A 227 -8.45 -9.25 -18.80
N LEU A 228 -7.54 -8.42 -18.33
CA LEU A 228 -7.58 -7.00 -18.64
C LEU A 228 -7.20 -6.75 -20.11
N MET A 229 -6.19 -7.50 -20.60
CA MET A 229 -5.73 -7.42 -21.98
C MET A 229 -6.73 -8.03 -22.95
N ASN A 230 -7.39 -9.09 -22.53
CA ASN A 230 -8.38 -9.69 -23.41
C ASN A 230 -9.59 -8.78 -23.55
N TYR A 231 -9.75 -7.88 -22.59
CA TYR A 231 -10.84 -6.94 -22.64
C TYR A 231 -10.51 -5.79 -23.56
N ARG A 232 -9.31 -5.24 -23.43
CA ARG A 232 -8.79 -4.19 -24.32
C ARG A 232 -8.90 -4.68 -25.77
N ASP A 233 -8.33 -5.86 -26.05
CA ASP A 233 -8.39 -6.44 -27.39
C ASP A 233 -9.81 -6.65 -27.88
N SER A 234 -10.77 -6.65 -26.97
CA SER A 234 -12.16 -6.79 -27.36
C SER A 234 -12.82 -5.42 -27.43
N GLN A 235 -12.43 -4.53 -26.55
CA GLN A 235 -13.01 -3.20 -26.55
C GLN A 235 -12.49 -2.42 -27.75
N ILE A 236 -11.34 -2.81 -28.27
CA ILE A 236 -10.83 -2.16 -29.46
C ILE A 236 -11.63 -2.60 -30.68
N LYS A 237 -12.02 -3.86 -30.74
CA LYS A 237 -12.84 -4.36 -31.84
C LYS A 237 -14.29 -3.88 -31.74
N VAL A 238 -14.56 -3.03 -30.77
CA VAL A 238 -15.83 -2.31 -30.73
C VAL A 238 -15.66 -0.94 -31.37
N SER A 239 -14.74 -0.15 -30.83
CA SER A 239 -14.43 1.20 -31.31
C SER A 239 -14.05 1.20 -32.79
N GLN A 240 -13.31 0.18 -33.20
CA GLN A 240 -12.98 -0.01 -34.59
C GLN A 240 -14.20 -0.42 -35.40
N SER A 241 -14.96 -1.39 -34.91
CA SER A 241 -16.13 -1.82 -35.66
C SER A 241 -17.13 -0.67 -35.76
N LEU A 242 -17.04 0.29 -34.84
CA LEU A 242 -17.96 1.42 -34.86
C LEU A 242 -17.58 2.32 -36.02
N ALA A 243 -16.29 2.56 -36.21
CA ALA A 243 -15.84 3.41 -37.29
C ALA A 243 -16.38 2.86 -38.59
N PHE A 244 -16.15 1.58 -38.82
CA PHE A 244 -16.59 0.95 -40.06
C PHE A 244 -18.11 1.02 -40.26
N LEU A 245 -18.88 1.16 -39.19
CA LEU A 245 -20.30 1.38 -39.36
C LEU A 245 -20.51 2.88 -39.60
N ASN A 246 -19.93 3.70 -38.75
CA ASN A 246 -20.08 5.13 -38.90
C ASN A 246 -19.51 5.66 -40.21
N SER A 247 -18.45 5.02 -40.70
CA SER A 247 -17.85 5.46 -41.95
C SER A 247 -18.53 4.83 -43.15
N GLY A 248 -18.92 3.58 -43.04
CA GLY A 248 -19.62 2.97 -44.14
C GLY A 248 -20.96 3.65 -44.38
N GLN A 249 -21.56 4.13 -43.30
CA GLN A 249 -22.88 4.76 -43.39
C GLN A 249 -22.82 6.09 -44.12
N ASN A 250 -21.76 6.84 -43.86
CA ASN A 250 -21.55 8.14 -44.48
C ASN A 250 -21.21 7.99 -45.97
N LEU A 251 -20.49 6.92 -46.31
CA LEU A 251 -20.15 6.64 -47.70
C LEU A 251 -21.43 6.39 -48.51
N ILE A 252 -22.35 5.59 -47.99
CA ILE A 252 -23.60 5.36 -48.69
C ILE A 252 -24.34 6.66 -48.99
N PHE A 253 -24.33 7.58 -48.05
CA PHE A 253 -25.03 8.83 -48.30
C PHE A 253 -24.18 9.77 -49.14
N THR A 254 -22.91 9.93 -48.77
CA THR A 254 -22.05 10.87 -49.46
C THR A 254 -21.98 10.60 -50.96
N THR A 255 -21.99 9.35 -51.38
CA THR A 255 -22.04 9.14 -52.83
C THR A 255 -23.44 9.43 -53.36
N ALA A 256 -24.49 9.04 -52.63
CA ALA A 256 -25.84 9.36 -53.08
C ALA A 256 -26.01 10.87 -53.33
N LEU A 257 -25.42 11.67 -52.45
CA LEU A 257 -25.49 13.13 -52.49
C LEU A 257 -24.52 13.71 -53.51
N THR A 258 -23.42 13.02 -53.76
CA THR A 258 -22.45 13.45 -54.76
C THR A 258 -22.93 13.10 -56.17
N ALA A 259 -23.48 11.90 -56.34
CA ALA A 259 -24.00 11.49 -57.64
C ALA A 259 -25.23 12.30 -58.07
N MET A 260 -26.01 12.76 -57.10
CA MET A 260 -27.20 13.54 -57.39
C MET A 260 -26.93 15.01 -57.67
N MET A 261 -25.88 15.54 -57.06
CA MET A 261 -25.46 16.92 -57.30
C MET A 261 -25.00 16.98 -58.73
N TYR A 262 -24.26 15.96 -59.14
CA TYR A 262 -23.90 15.80 -60.54
C TYR A 262 -25.14 15.80 -61.41
N MET A 263 -25.99 14.79 -61.25
CA MET A 263 -27.25 14.68 -62.01
C MET A 263 -28.02 15.99 -62.03
N GLY A 264 -27.97 16.70 -60.92
CA GLY A 264 -28.62 17.98 -60.82
C GLY A 264 -27.94 19.00 -61.70
N CYS A 265 -26.62 18.97 -61.71
CA CYS A 265 -25.85 19.95 -62.46
C CYS A 265 -25.91 19.70 -63.96
N THR A 266 -26.44 18.56 -64.39
CA THR A 266 -26.63 18.35 -65.82
C THR A 266 -27.96 18.98 -66.28
N GLY A 267 -28.93 19.02 -65.38
CA GLY A 267 -30.23 19.60 -65.66
C GLY A 267 -30.20 21.11 -65.52
N VAL A 268 -29.04 21.65 -65.16
CA VAL A 268 -28.80 23.09 -65.14
C VAL A 268 -28.27 23.53 -66.52
N ILE A 269 -27.52 22.63 -67.15
CA ILE A 269 -27.08 22.82 -68.53
C ILE A 269 -28.29 22.76 -69.46
N GLY A 270 -29.07 21.68 -69.34
CA GLY A 270 -30.27 21.50 -70.15
C GLY A 270 -31.44 22.40 -69.77
N GLY A 271 -31.19 23.35 -68.86
CA GLY A 271 -32.18 24.35 -68.46
C GLY A 271 -33.40 23.79 -67.76
N ASN A 272 -33.36 22.51 -67.36
CA ASN A 272 -34.49 21.87 -66.68
C ASN A 272 -34.55 22.19 -65.19
N LEU A 273 -33.38 22.47 -64.61
CA LEU A 273 -33.25 22.74 -63.16
C LEU A 273 -32.56 24.06 -62.88
N THR A 274 -33.10 24.83 -61.95
CA THR A 274 -32.44 26.06 -61.51
C THR A 274 -31.22 25.69 -60.64
N VAL A 275 -30.52 26.70 -60.13
CA VAL A 275 -29.36 26.45 -59.27
C VAL A 275 -29.79 26.17 -57.83
N GLY A 276 -31.03 26.51 -57.51
CA GLY A 276 -31.61 26.23 -56.20
C GLY A 276 -32.09 24.79 -56.17
N ASP A 277 -32.25 24.20 -57.36
CA ASP A 277 -32.60 22.80 -57.51
C ASP A 277 -31.44 21.89 -57.09
N LEU A 278 -30.28 22.50 -56.91
CA LEU A 278 -29.10 21.81 -56.40
C LEU A 278 -29.14 21.75 -54.87
N VAL A 279 -29.45 22.89 -54.26
CA VAL A 279 -29.63 22.95 -52.82
C VAL A 279 -30.85 22.14 -52.48
N LEU A 280 -31.85 22.17 -53.35
CA LEU A 280 -33.07 21.44 -53.09
C LEU A 280 -32.80 19.94 -52.97
N ILE A 281 -32.40 19.29 -54.06
CA ILE A 281 -32.21 17.82 -54.01
C ILE A 281 -31.17 17.31 -53.00
N ASN A 282 -30.22 18.15 -52.62
CA ASN A 282 -29.21 17.79 -51.64
C ASN A 282 -29.81 17.81 -50.24
N GLN A 283 -30.22 19.00 -49.82
CA GLN A 283 -30.82 19.25 -48.51
C GLN A 283 -32.11 18.48 -48.29
N LEU A 284 -32.77 18.06 -49.38
CA LEU A 284 -33.99 17.27 -49.28
C LEU A 284 -33.69 15.82 -48.91
N VAL A 285 -32.73 15.20 -49.61
CA VAL A 285 -32.33 13.82 -49.31
C VAL A 285 -31.59 13.72 -47.97
N PHE A 286 -30.72 14.69 -47.68
CA PHE A 286 -30.00 14.75 -46.42
C PHE A 286 -30.88 14.73 -45.16
N GLN A 287 -32.10 15.25 -45.27
CA GLN A 287 -33.06 15.21 -44.19
C GLN A 287 -33.51 13.78 -43.83
N LEU A 288 -33.15 12.81 -44.67
CA LEU A 288 -33.51 11.42 -44.43
C LEU A 288 -32.42 10.60 -43.74
N SER A 289 -31.26 11.20 -43.50
CA SER A 289 -30.17 10.46 -42.84
C SER A 289 -30.23 10.61 -41.34
N VAL A 290 -30.67 11.76 -40.86
CA VAL A 290 -30.72 12.05 -39.43
C VAL A 290 -31.49 11.01 -38.61
N PRO A 291 -32.76 10.72 -38.99
CA PRO A 291 -33.49 9.77 -38.15
C PRO A 291 -33.21 8.32 -38.55
N LEU A 292 -32.35 8.12 -39.54
CA LEU A 292 -31.96 6.80 -39.98
C LEU A 292 -30.87 6.22 -39.06
N ASN A 293 -30.19 7.10 -38.34
CA ASN A 293 -29.17 6.70 -37.38
C ASN A 293 -29.71 5.91 -36.19
N PHE A 294 -30.84 6.36 -35.67
CA PHE A 294 -31.41 5.71 -34.51
C PHE A 294 -31.85 4.30 -34.95
N LEU A 295 -32.84 4.27 -35.83
CA LEU A 295 -33.35 3.03 -36.41
C LEU A 295 -32.21 2.24 -37.10
N GLY A 296 -31.29 1.74 -36.28
CA GLY A 296 -30.18 0.92 -36.73
C GLY A 296 -29.77 -0.02 -35.63
N SER A 297 -29.68 0.54 -34.42
CA SER A 297 -29.45 -0.25 -33.21
C SER A 297 -30.68 -1.06 -32.80
N VAL A 298 -31.86 -0.67 -33.29
CA VAL A 298 -33.10 -1.42 -33.03
C VAL A 298 -33.07 -2.77 -33.77
N TYR A 299 -34.05 -3.04 -34.64
CA TYR A 299 -34.22 -4.39 -35.21
C TYR A 299 -34.16 -5.54 -34.19
N ARG A 300 -32.99 -5.79 -33.60
CA ARG A 300 -32.82 -6.85 -32.58
C ARG A 300 -33.63 -6.53 -31.32
N ASP A 301 -33.60 -5.27 -30.91
CA ASP A 301 -34.37 -4.81 -29.77
C ASP A 301 -35.83 -5.06 -29.99
N LEU A 302 -36.27 -4.83 -31.21
CA LEU A 302 -37.63 -5.18 -31.60
C LEU A 302 -37.89 -6.69 -31.41
N LYS A 303 -36.90 -7.53 -31.76
CA LYS A 303 -37.03 -8.99 -31.63
C LYS A 303 -37.12 -9.37 -30.16
N GLN A 304 -36.24 -8.77 -29.38
CA GLN A 304 -36.15 -8.97 -27.93
C GLN A 304 -37.44 -8.48 -27.27
N SER A 305 -37.78 -7.22 -27.51
CA SER A 305 -38.97 -6.64 -26.93
C SER A 305 -40.26 -7.30 -27.43
N LEU A 306 -40.16 -8.09 -28.49
CA LEU A 306 -41.37 -8.72 -29.01
C LEU A 306 -41.77 -9.89 -28.12
N ILE A 307 -40.79 -10.66 -27.68
CA ILE A 307 -41.04 -11.85 -26.84
C ILE A 307 -41.18 -11.52 -25.35
N ASP A 308 -40.37 -10.57 -24.87
CA ASP A 308 -40.44 -10.13 -23.47
C ASP A 308 -41.80 -9.51 -23.16
N MET A 309 -42.47 -9.04 -24.21
CA MET A 309 -43.82 -8.50 -24.13
C MET A 309 -44.81 -9.67 -24.17
N GLU A 310 -44.42 -10.74 -24.86
CA GLU A 310 -45.23 -11.96 -24.97
C GLU A 310 -45.22 -12.76 -23.68
N THR A 311 -44.04 -12.83 -23.06
CA THR A 311 -43.87 -13.52 -21.80
C THR A 311 -44.76 -12.84 -20.77
N LEU A 312 -44.74 -11.51 -20.75
CA LEU A 312 -45.53 -10.73 -19.79
C LEU A 312 -47.04 -10.93 -20.03
N PHE A 313 -47.41 -11.29 -21.25
CA PHE A 313 -48.81 -11.53 -21.53
C PHE A 313 -49.24 -12.90 -21.03
N LYS A 314 -48.32 -13.85 -21.12
CA LYS A 314 -48.55 -15.22 -20.67
C LYS A 314 -48.87 -15.29 -19.17
N LEU A 315 -48.35 -14.32 -18.41
CA LEU A 315 -48.57 -14.31 -16.97
C LEU A 315 -50.05 -14.26 -16.65
N ARG A 316 -50.80 -13.52 -17.45
CA ARG A 316 -52.25 -13.46 -17.25
C ARG A 316 -52.98 -14.61 -17.93
N LYS A 317 -52.25 -15.40 -18.72
CA LYS A 317 -52.80 -16.61 -19.31
C LYS A 317 -53.14 -17.62 -18.21
N ASN A 318 -52.25 -17.71 -17.21
CA ASN A 318 -52.37 -18.69 -16.13
C ASN A 318 -53.67 -18.59 -15.34
N GLU A 319 -54.43 -19.71 -15.35
CA GLU A 319 -55.78 -19.80 -14.78
C GLU A 319 -55.83 -20.04 -13.28
N VAL A 320 -56.98 -19.75 -12.69
CA VAL A 320 -57.17 -19.91 -11.25
C VAL A 320 -57.77 -21.26 -10.81
N LYS A 321 -56.93 -22.06 -10.14
CA LYS A 321 -57.30 -23.42 -9.72
C LYS A 321 -58.28 -23.50 -8.53
N ILE A 322 -58.14 -22.61 -7.55
CA ILE A 322 -59.05 -22.59 -6.40
C ILE A 322 -60.21 -21.58 -6.59
N LYS A 323 -61.33 -22.02 -7.16
CA LYS A 323 -62.47 -21.13 -7.35
C LYS A 323 -63.62 -21.56 -6.45
N ASN A 324 -64.42 -20.60 -5.98
CA ASN A 324 -65.65 -20.94 -5.26
C ASN A 324 -66.76 -21.18 -6.25
N ALA A 325 -67.71 -22.05 -5.91
CA ALA A 325 -68.69 -22.50 -6.91
C ALA A 325 -69.83 -21.51 -7.14
N GLU A 326 -70.74 -21.89 -8.01
CA GLU A 326 -71.93 -21.10 -8.29
C GLU A 326 -72.79 -21.06 -7.03
N ARG A 327 -73.30 -19.86 -6.73
CA ARG A 327 -74.08 -19.60 -5.51
C ARG A 327 -73.25 -19.92 -4.25
N PRO A 328 -72.21 -19.09 -3.98
CA PRO A 328 -71.32 -19.34 -2.84
C PRO A 328 -71.89 -18.73 -1.56
N LEU A 329 -71.63 -19.38 -0.42
CA LEU A 329 -72.17 -18.92 0.87
C LEU A 329 -71.19 -18.06 1.66
N MET A 330 -71.77 -17.25 2.55
CA MET A 330 -71.02 -16.39 3.47
C MET A 330 -71.05 -17.06 4.83
N LEU A 331 -72.23 -16.97 5.40
CA LEU A 331 -72.60 -17.85 6.47
C LEU A 331 -71.76 -17.72 7.76
N PRO A 332 -72.07 -18.58 8.73
CA PRO A 332 -72.70 -18.07 9.95
C PRO A 332 -72.12 -16.78 10.53
N GLU A 333 -73.02 -15.87 10.85
CA GLU A 333 -72.69 -14.52 11.28
C GLU A 333 -72.16 -14.51 12.70
N ASN A 334 -73.04 -14.78 13.65
CA ASN A 334 -72.70 -14.64 15.06
C ASN A 334 -72.68 -15.97 15.86
N VAL A 335 -71.92 -16.94 15.38
CA VAL A 335 -71.75 -18.18 16.09
C VAL A 335 -70.24 -18.41 16.19
N PRO A 336 -69.81 -19.20 17.17
CA PRO A 336 -68.38 -19.59 17.12
C PRO A 336 -68.20 -20.64 16.02
N TYR A 337 -67.03 -20.73 15.40
CA TYR A 337 -66.88 -21.72 14.33
C TYR A 337 -66.22 -23.00 14.82
N ASP A 338 -66.66 -24.14 14.28
CA ASP A 338 -65.92 -25.38 14.50
C ASP A 338 -65.37 -25.87 13.16
N ILE A 339 -64.24 -26.57 13.21
CA ILE A 339 -63.62 -27.11 12.01
C ILE A 339 -63.69 -28.63 12.13
N THR A 340 -63.95 -29.35 11.03
CA THR A 340 -63.97 -30.81 11.09
C THR A 340 -63.39 -31.43 9.81
N PHE A 341 -62.59 -32.47 9.94
CA PHE A 341 -62.00 -33.15 8.79
C PHE A 341 -62.69 -34.48 8.61
N GLU A 342 -63.20 -34.73 7.41
CA GLU A 342 -63.83 -36.01 7.09
C GLU A 342 -62.95 -36.73 6.11
N ASN A 343 -62.26 -37.77 6.57
CA ASN A 343 -61.45 -38.66 5.70
C ASN A 343 -60.55 -37.91 4.73
N VAL A 344 -60.03 -36.77 5.17
CA VAL A 344 -59.23 -35.92 4.33
C VAL A 344 -57.91 -36.56 3.97
N THR A 345 -57.75 -36.86 2.69
CA THR A 345 -56.47 -37.30 2.16
C THR A 345 -55.95 -36.20 1.31
N PHE A 346 -54.71 -35.85 1.54
CA PHE A 346 -54.10 -34.77 0.79
C PHE A 346 -52.59 -34.88 0.80
N GLY A 347 -51.98 -34.35 -0.25
CA GLY A 347 -50.55 -34.17 -0.33
C GLY A 347 -50.26 -33.17 -1.43
N TYR A 348 -49.03 -32.69 -1.43
CA TYR A 348 -48.50 -31.97 -2.57
C TYR A 348 -47.80 -33.09 -3.31
N HIS A 349 -47.90 -33.16 -4.65
CA HIS A 349 -47.27 -34.26 -5.40
C HIS A 349 -47.95 -35.63 -5.13
N PRO A 350 -48.63 -36.20 -6.13
CA PRO A 350 -49.49 -37.38 -5.97
C PRO A 350 -48.83 -38.67 -5.45
N ASP A 351 -47.50 -38.79 -5.51
CA ASP A 351 -46.82 -40.01 -5.03
C ASP A 351 -46.73 -40.04 -3.51
N ARG A 352 -46.62 -38.84 -2.93
CA ARG A 352 -46.48 -38.64 -1.50
C ARG A 352 -47.78 -38.13 -0.89
N LYS A 353 -48.58 -39.02 -0.33
CA LYS A 353 -49.73 -38.55 0.42
C LYS A 353 -49.18 -38.06 1.75
N ILE A 354 -49.71 -36.93 2.22
CA ILE A 354 -49.27 -36.37 3.50
C ILE A 354 -50.30 -36.59 4.59
N LEU A 355 -51.51 -36.08 4.36
CA LEU A 355 -52.61 -36.34 5.26
C LEU A 355 -53.30 -37.55 4.67
N LYS A 356 -53.44 -38.59 5.46
CA LYS A 356 -53.97 -39.82 4.93
C LYS A 356 -55.28 -40.17 5.61
N ASN A 357 -56.37 -39.82 4.94
CA ASN A 357 -57.70 -40.20 5.36
C ASN A 357 -58.04 -39.69 6.75
N ALA A 358 -57.44 -38.56 7.13
CA ALA A 358 -57.58 -38.02 8.48
C ALA A 358 -59.00 -37.55 8.83
N SER A 359 -59.45 -37.92 10.02
CA SER A 359 -60.71 -37.37 10.50
C SER A 359 -60.57 -36.90 11.95
N PHE A 360 -60.94 -35.65 12.21
CA PHE A 360 -60.97 -35.16 13.57
C PHE A 360 -61.80 -33.91 13.63
N THR A 361 -61.95 -33.33 14.82
CA THR A 361 -62.72 -32.09 14.96
C THR A 361 -61.93 -31.06 15.73
N ILE A 362 -62.04 -29.81 15.32
CA ILE A 362 -61.49 -28.72 16.12
C ILE A 362 -62.70 -28.01 16.67
N PRO A 363 -63.07 -28.34 17.90
CA PRO A 363 -64.29 -27.79 18.48
C PRO A 363 -64.27 -26.29 18.70
N ALA A 364 -65.46 -25.71 18.77
CA ALA A 364 -65.61 -24.26 18.83
C ALA A 364 -65.24 -23.76 20.21
N GLY A 365 -64.57 -22.60 20.26
CA GLY A 365 -64.23 -21.98 21.52
C GLY A 365 -63.05 -22.63 22.21
N TRP A 366 -62.65 -23.81 21.75
CA TRP A 366 -61.54 -24.49 22.40
C TRP A 366 -60.20 -24.09 21.80
N LYS A 367 -59.17 -24.28 22.60
CA LYS A 367 -57.81 -24.27 22.13
C LYS A 367 -57.48 -25.73 21.89
N THR A 368 -57.36 -26.06 20.60
CA THR A 368 -57.05 -27.40 20.16
C THR A 368 -55.63 -27.36 19.68
N ALA A 369 -54.80 -28.31 20.10
CA ALA A 369 -53.42 -28.39 19.64
C ALA A 369 -53.34 -29.54 18.66
N ILE A 370 -52.55 -29.41 17.61
CA ILE A 370 -52.32 -30.55 16.71
C ILE A 370 -50.85 -30.84 16.69
N VAL A 371 -50.43 -31.96 17.28
CA VAL A 371 -49.00 -32.20 17.37
C VAL A 371 -48.58 -33.49 16.71
N GLY A 372 -47.28 -33.69 16.62
CA GLY A 372 -46.71 -34.93 16.12
C GLY A 372 -45.26 -34.73 15.75
N SER A 373 -44.47 -35.80 15.69
CA SER A 373 -43.09 -35.62 15.25
C SER A 373 -43.09 -35.39 13.73
N SER A 374 -41.93 -35.50 13.10
CA SER A 374 -41.82 -35.17 11.68
C SER A 374 -42.60 -36.13 10.78
N GLY A 375 -43.19 -35.59 9.73
CA GLY A 375 -43.89 -36.40 8.76
C GLY A 375 -45.35 -36.57 9.13
N SER A 376 -45.72 -36.02 10.27
CA SER A 376 -47.09 -36.14 10.78
C SER A 376 -48.11 -35.44 9.89
N GLY A 377 -47.73 -34.33 9.25
CA GLY A 377 -48.67 -33.67 8.38
C GLY A 377 -49.55 -32.69 9.10
N LYS A 378 -49.17 -32.36 10.34
CA LYS A 378 -49.83 -31.28 11.11
C LYS A 378 -49.50 -30.01 10.39
N SER A 379 -48.41 -30.18 9.67
CA SER A 379 -47.70 -29.24 8.87
C SER A 379 -48.61 -28.67 7.74
N THR A 380 -49.75 -29.32 7.47
CA THR A 380 -50.60 -29.01 6.31
C THR A 380 -52.04 -28.58 6.70
N ILE A 381 -52.32 -28.59 8.00
CA ILE A 381 -53.67 -28.36 8.50
C ILE A 381 -54.18 -26.98 8.08
N LEU A 382 -53.38 -25.94 8.31
CA LEU A 382 -53.78 -24.56 8.01
C LEU A 382 -54.04 -24.37 6.52
N LYS A 383 -53.12 -24.84 5.69
CA LYS A 383 -53.23 -24.68 4.26
C LYS A 383 -54.56 -25.20 3.76
N LEU A 384 -55.03 -26.28 4.37
CA LEU A 384 -56.30 -26.86 3.96
C LEU A 384 -57.48 -26.08 4.52
N VAL A 385 -57.38 -25.60 5.75
CA VAL A 385 -58.48 -24.88 6.37
C VAL A 385 -58.60 -23.56 5.68
N PHE A 386 -57.46 -23.05 5.24
CA PHE A 386 -57.42 -21.75 4.59
C PHE A 386 -57.64 -21.89 3.09
N ARG A 387 -57.80 -23.11 2.63
CA ARG A 387 -58.13 -23.40 1.25
C ARG A 387 -57.07 -22.84 0.31
N PHE A 388 -55.82 -22.86 0.76
CA PHE A 388 -54.71 -22.65 -0.15
C PHE A 388 -54.66 -23.82 -1.12
N TYR A 389 -55.05 -25.00 -0.64
CA TYR A 389 -55.14 -26.19 -1.44
C TYR A 389 -56.51 -26.85 -1.25
N ASP A 390 -56.87 -27.79 -2.12
CA ASP A 390 -58.04 -28.63 -1.86
C ASP A 390 -57.66 -30.11 -1.72
N PRO A 391 -58.34 -30.82 -0.83
CA PRO A 391 -57.92 -32.19 -0.49
C PRO A 391 -58.25 -33.17 -1.59
N GLU A 392 -57.33 -34.10 -1.85
CA GLU A 392 -57.53 -35.08 -2.91
C GLU A 392 -58.77 -35.94 -2.65
N SER A 393 -58.92 -36.45 -1.43
CA SER A 393 -60.09 -37.23 -1.01
C SER A 393 -60.61 -36.64 0.26
N GLY A 394 -61.86 -36.93 0.58
CA GLY A 394 -62.47 -36.43 1.81
C GLY A 394 -62.69 -34.93 1.75
N ARG A 395 -63.39 -34.39 2.72
CA ARG A 395 -63.69 -32.98 2.69
C ARG A 395 -63.52 -32.28 4.06
N ILE A 396 -63.62 -30.96 4.08
CA ILE A 396 -63.38 -30.18 5.29
C ILE A 396 -64.51 -29.21 5.52
N LEU A 397 -65.10 -29.29 6.70
CA LEU A 397 -66.32 -28.54 6.98
C LEU A 397 -66.11 -27.50 8.06
N ILE A 398 -66.75 -26.35 7.90
CA ILE A 398 -66.88 -25.41 8.99
C ILE A 398 -68.35 -25.22 9.27
N ASN A 399 -68.75 -25.54 10.49
CA ASN A 399 -70.16 -25.52 10.90
C ASN A 399 -71.04 -26.37 9.98
N GLY A 400 -70.61 -27.61 9.73
CA GLY A 400 -71.39 -28.59 8.98
C GLY A 400 -71.31 -28.43 7.46
N ARG A 401 -70.88 -27.26 7.01
CA ARG A 401 -70.75 -26.96 5.59
C ARG A 401 -69.31 -27.10 5.10
N ASP A 402 -69.17 -27.78 3.95
CA ASP A 402 -67.89 -27.92 3.27
C ASP A 402 -67.40 -26.52 2.90
N ILE A 403 -66.15 -26.22 3.22
CA ILE A 403 -65.66 -24.87 3.00
C ILE A 403 -65.65 -24.54 1.53
N LYS A 404 -65.68 -25.58 0.70
CA LYS A 404 -65.75 -25.39 -0.74
C LYS A 404 -66.97 -24.58 -1.16
N GLU A 405 -68.10 -24.76 -0.47
CA GLU A 405 -69.32 -24.05 -0.84
C GLU A 405 -69.32 -22.63 -0.30
N TYR A 406 -68.27 -22.29 0.44
CA TYR A 406 -68.15 -20.95 1.04
C TYR A 406 -67.45 -19.98 0.10
N ASP A 407 -67.75 -18.70 0.29
CA ASP A 407 -67.05 -17.66 -0.45
C ASP A 407 -65.60 -17.62 0.00
N ILE A 408 -64.72 -18.10 -0.86
CA ILE A 408 -63.31 -18.27 -0.53
C ILE A 408 -62.67 -17.03 0.11
N ASP A 409 -63.30 -15.87 -0.09
CA ASP A 409 -62.84 -14.64 0.55
C ASP A 409 -63.50 -14.42 1.89
N ALA A 410 -64.73 -14.89 2.03
CA ALA A 410 -65.43 -14.78 3.31
C ALA A 410 -64.76 -15.68 4.32
N LEU A 411 -64.47 -16.91 3.88
CA LEU A 411 -63.81 -17.91 4.68
C LEU A 411 -62.52 -17.39 5.23
N ARG A 412 -61.71 -16.84 4.34
CA ARG A 412 -60.38 -16.44 4.73
C ARG A 412 -60.41 -15.24 5.64
N LYS A 413 -61.57 -14.61 5.71
CA LYS A 413 -61.66 -13.36 6.44
C LYS A 413 -61.74 -13.59 7.93
N VAL A 414 -62.20 -14.78 8.32
CA VAL A 414 -62.37 -15.15 9.74
C VAL A 414 -61.23 -16.01 10.31
N ILE A 415 -60.08 -16.04 9.64
CA ILE A 415 -58.96 -16.84 10.10
C ILE A 415 -57.73 -15.94 10.26
N GLY A 416 -57.15 -15.92 11.45
CA GLY A 416 -56.00 -15.08 11.71
C GLY A 416 -54.81 -15.98 11.94
N VAL A 417 -53.66 -15.62 11.41
CA VAL A 417 -52.53 -16.54 11.46
C VAL A 417 -51.28 -15.92 12.07
N VAL A 418 -50.72 -16.56 13.07
CA VAL A 418 -49.40 -16.19 13.55
C VAL A 418 -48.47 -17.26 13.02
N PRO A 419 -47.64 -16.93 12.00
CA PRO A 419 -46.82 -17.90 11.27
C PRO A 419 -45.52 -18.23 11.99
N GLN A 420 -44.80 -19.27 11.57
CA GLN A 420 -43.59 -19.68 12.29
C GLN A 420 -42.55 -18.59 12.17
N ASP A 421 -42.32 -18.12 10.94
CA ASP A 421 -41.45 -16.97 10.77
C ASP A 421 -42.24 -15.90 10.04
N THR A 422 -42.42 -14.78 10.74
CA THR A 422 -43.22 -13.66 10.27
C THR A 422 -42.47 -12.79 9.27
N PRO A 423 -43.15 -12.39 8.17
CA PRO A 423 -42.48 -11.58 7.14
C PRO A 423 -42.61 -10.08 7.40
N LEU A 424 -41.55 -9.35 7.08
CA LEU A 424 -41.55 -7.92 7.25
C LEU A 424 -41.60 -7.24 5.89
N PHE A 425 -42.59 -6.39 5.70
CA PHE A 425 -42.62 -5.61 4.49
C PHE A 425 -41.62 -4.45 4.63
N ASN A 426 -40.98 -4.08 3.51
CA ASN A 426 -40.08 -2.92 3.45
C ASN A 426 -40.86 -1.64 3.59
N ASP A 427 -41.04 -1.22 4.84
CA ASP A 427 -41.88 -0.09 5.13
C ASP A 427 -41.53 0.33 6.55
N THR A 428 -42.41 1.08 7.19
CA THR A 428 -42.21 1.42 8.59
C THR A 428 -42.70 0.25 9.47
N ILE A 429 -42.21 0.20 10.71
CA ILE A 429 -42.74 -0.78 11.65
C ILE A 429 -44.20 -0.52 11.88
N TRP A 430 -44.54 0.74 12.06
CA TRP A 430 -45.92 1.14 12.26
C TRP A 430 -46.79 0.61 11.11
N GLU A 431 -46.33 0.76 9.87
CA GLU A 431 -47.14 0.28 8.75
C GLU A 431 -47.17 -1.25 8.66
N ASN A 432 -46.22 -1.92 9.31
CA ASN A 432 -46.24 -3.39 9.42
C ASN A 432 -47.29 -3.87 10.44
N VAL A 433 -47.32 -3.23 11.60
CA VAL A 433 -48.32 -3.57 12.60
C VAL A 433 -49.69 -3.20 12.04
N LYS A 434 -49.74 -2.13 11.27
CA LYS A 434 -51.02 -1.69 10.74
C LYS A 434 -51.48 -2.67 9.65
N PHE A 435 -50.57 -3.52 9.19
CA PHE A 435 -50.85 -4.41 8.05
C PHE A 435 -51.98 -5.38 8.35
N GLY A 436 -52.27 -5.59 9.63
CA GLY A 436 -53.31 -6.50 10.08
C GLY A 436 -54.72 -6.03 9.74
N ARG A 437 -54.98 -4.75 9.99
CA ARG A 437 -56.23 -4.13 9.57
C ARG A 437 -55.98 -2.70 9.09
N ILE A 438 -56.35 -2.45 7.84
CA ILE A 438 -56.05 -1.20 7.14
C ILE A 438 -56.82 -0.03 7.75
N ASP A 439 -58.10 -0.28 8.03
CA ASP A 439 -59.04 0.74 8.46
C ASP A 439 -58.92 1.02 9.94
N ALA A 440 -57.75 0.74 10.51
CA ALA A 440 -57.56 0.88 11.95
C ALA A 440 -57.31 2.32 12.41
N THR A 441 -57.89 2.69 13.56
CA THR A 441 -57.60 4.00 14.16
C THR A 441 -56.12 4.02 14.57
N ASP A 442 -55.56 5.20 14.78
CA ASP A 442 -54.14 5.30 15.13
C ASP A 442 -53.86 4.64 16.50
N GLU A 443 -54.84 4.73 17.41
CA GLU A 443 -54.67 4.25 18.77
C GLU A 443 -54.77 2.74 18.83
N GLU A 444 -55.69 2.20 18.03
CA GLU A 444 -55.84 0.74 17.93
C GLU A 444 -54.46 0.15 17.65
N VAL A 445 -53.73 0.79 16.74
CA VAL A 445 -52.39 0.33 16.39
C VAL A 445 -51.42 0.51 17.56
N ILE A 446 -51.71 1.45 18.45
CA ILE A 446 -50.84 1.63 19.63
C ILE A 446 -51.09 0.56 20.68
N THR A 447 -52.36 0.39 21.05
CA THR A 447 -52.77 -0.57 22.09
C THR A 447 -52.25 -1.94 21.75
N VAL A 448 -52.52 -2.33 20.50
CA VAL A 448 -52.16 -3.63 19.98
C VAL A 448 -50.65 -3.87 20.04
N VAL A 449 -49.83 -2.81 19.93
CA VAL A 449 -48.38 -2.91 20.13
C VAL A 449 -48.02 -3.07 21.62
N GLU A 450 -48.82 -2.44 22.49
CA GLU A 450 -48.67 -2.53 23.94
C GLU A 450 -49.02 -3.95 24.37
N LYS A 451 -50.19 -4.43 23.92
CA LYS A 451 -50.66 -5.78 24.25
C LYS A 451 -49.64 -6.84 23.83
N ALA A 452 -48.99 -6.63 22.69
CA ALA A 452 -48.01 -7.59 22.20
C ALA A 452 -46.69 -7.51 22.98
N GLN A 453 -46.55 -6.50 23.83
CA GLN A 453 -45.27 -6.17 24.51
C GLN A 453 -44.20 -5.75 23.50
N LEU A 454 -44.62 -4.98 22.50
CA LEU A 454 -43.76 -4.47 21.45
C LEU A 454 -43.18 -3.07 21.79
N ALA A 455 -43.73 -2.41 22.82
CA ALA A 455 -43.22 -1.09 23.25
C ALA A 455 -41.68 -1.00 23.35
N PRO A 456 -41.04 -1.91 24.11
CA PRO A 456 -39.57 -1.87 24.26
C PRO A 456 -38.77 -1.99 22.97
N LEU A 457 -39.41 -2.25 21.83
CA LEU A 457 -38.68 -2.22 20.57
C LEU A 457 -38.62 -0.78 20.09
N ILE A 458 -39.75 -0.08 20.17
CA ILE A 458 -39.81 1.27 19.63
C ILE A 458 -38.97 2.23 20.50
N LYS A 459 -38.74 1.86 21.75
CA LYS A 459 -37.94 2.64 22.69
C LYS A 459 -36.47 2.39 22.48
N LYS A 460 -36.13 1.14 22.17
CA LYS A 460 -34.77 0.75 21.85
C LYS A 460 -34.42 1.35 20.50
N LEU A 461 -35.45 1.54 19.69
CA LEU A 461 -35.26 2.07 18.34
C LEU A 461 -35.21 3.58 18.28
N PRO A 462 -34.12 4.11 17.72
CA PRO A 462 -33.82 5.52 17.49
C PRO A 462 -34.92 6.18 16.66
N GLN A 463 -35.18 5.64 15.48
CA GLN A 463 -36.14 6.25 14.57
C GLN A 463 -37.61 5.81 14.81
N GLY A 464 -37.86 5.15 15.95
CA GLY A 464 -39.21 4.78 16.38
C GLY A 464 -40.13 4.06 15.39
N PHE A 465 -41.42 4.35 15.50
CA PHE A 465 -42.47 3.73 14.68
C PHE A 465 -42.24 3.95 13.19
N ASP A 466 -41.41 4.92 12.86
CA ASP A 466 -41.21 5.23 11.47
C ASP A 466 -39.98 4.52 10.90
N THR A 467 -39.35 3.67 11.71
CA THR A 467 -38.12 2.99 11.28
C THR A 467 -38.39 2.01 10.14
N ILE A 468 -37.40 1.83 9.29
CA ILE A 468 -37.54 0.90 8.18
C ILE A 468 -36.93 -0.44 8.53
N VAL A 469 -37.82 -1.43 8.55
CA VAL A 469 -37.48 -2.83 8.76
C VAL A 469 -37.70 -3.57 7.43
N GLY A 470 -37.15 -4.78 7.31
CA GLY A 470 -37.33 -5.55 6.11
C GLY A 470 -36.03 -6.02 5.50
N GLU A 471 -36.15 -6.83 4.44
CA GLU A 471 -35.03 -7.41 3.68
C GLU A 471 -33.95 -6.38 3.37
N ARG A 472 -34.39 -5.14 3.13
CA ARG A 472 -33.50 -4.00 2.91
C ARG A 472 -33.65 -2.97 4.01
N GLY A 473 -33.49 -3.36 5.27
CA GLY A 473 -33.62 -2.40 6.34
C GLY A 473 -32.89 -2.73 7.64
N LEU A 474 -33.61 -2.55 8.74
CA LEU A 474 -33.10 -2.92 10.04
C LEU A 474 -33.72 -4.25 10.47
N MET A 475 -32.89 -5.30 10.50
CA MET A 475 -33.32 -6.60 11.01
C MET A 475 -33.60 -6.52 12.52
N ILE A 476 -34.75 -7.05 12.93
CA ILE A 476 -35.11 -7.15 14.34
C ILE A 476 -35.08 -8.62 14.77
N SER A 477 -35.17 -8.87 16.06
CA SER A 477 -35.11 -10.25 16.58
C SER A 477 -36.30 -11.12 16.14
N GLY A 478 -36.14 -12.44 16.27
CA GLY A 478 -37.25 -13.35 16.00
C GLY A 478 -38.36 -13.03 16.97
N GLY A 479 -37.97 -12.74 18.22
CA GLY A 479 -38.90 -12.41 19.28
C GLY A 479 -39.78 -11.23 18.95
N GLU A 480 -39.16 -10.16 18.45
CA GLU A 480 -39.86 -8.96 18.08
C GLU A 480 -40.70 -9.17 16.81
N LYS A 481 -40.24 -10.08 15.96
CA LYS A 481 -41.00 -10.46 14.78
C LYS A 481 -42.30 -11.18 15.15
N GLN A 482 -42.17 -12.25 15.92
CA GLN A 482 -43.33 -13.04 16.35
C GLN A 482 -44.28 -12.16 17.14
N ARG A 483 -43.69 -11.24 17.88
CA ARG A 483 -44.45 -10.28 18.66
C ARG A 483 -45.29 -9.37 17.75
N LEU A 484 -44.70 -8.95 16.64
CA LEU A 484 -45.41 -8.11 15.68
C LEU A 484 -46.59 -8.88 15.13
N ALA A 485 -46.38 -10.16 14.86
CA ALA A 485 -47.42 -11.03 14.31
C ALA A 485 -48.63 -11.14 15.23
N ILE A 486 -48.36 -11.15 16.53
CA ILE A 486 -49.40 -11.22 17.54
C ILE A 486 -50.19 -9.95 17.46
N ALA A 487 -49.46 -8.85 17.24
CA ALA A 487 -50.09 -7.55 17.10
C ALA A 487 -51.03 -7.55 15.89
N ARG A 488 -50.49 -7.96 14.75
CA ARG A 488 -51.26 -7.98 13.52
C ARG A 488 -52.56 -8.75 13.65
N VAL A 489 -52.51 -9.99 14.13
CA VAL A 489 -53.73 -10.79 14.20
C VAL A 489 -54.66 -10.24 15.27
N LEU A 490 -54.09 -9.46 16.21
CA LEU A 490 -54.94 -8.85 17.21
C LEU A 490 -55.86 -7.81 16.55
N LEU A 491 -55.30 -7.05 15.61
CA LEU A 491 -56.05 -6.06 14.85
C LEU A 491 -57.09 -6.71 13.94
N LYS A 492 -56.65 -7.76 13.25
CA LYS A 492 -57.54 -8.46 12.32
C LYS A 492 -58.71 -9.03 13.09
N ASN A 493 -58.48 -9.41 14.35
CA ASN A 493 -59.56 -9.83 15.21
C ASN A 493 -60.38 -10.95 14.57
N ALA A 494 -59.69 -11.99 14.15
CA ALA A 494 -60.33 -13.10 13.47
C ALA A 494 -61.03 -14.04 14.46
N ARG A 495 -62.01 -14.80 13.96
CA ARG A 495 -62.76 -15.70 14.84
C ARG A 495 -62.06 -17.04 15.08
N ILE A 496 -61.42 -17.56 14.02
CA ILE A 496 -60.60 -18.76 14.08
C ILE A 496 -59.17 -18.27 14.13
N MET A 497 -58.35 -18.88 14.97
CA MET A 497 -57.01 -18.37 15.16
C MET A 497 -55.99 -19.51 15.05
N PHE A 498 -55.00 -19.37 14.19
CA PHE A 498 -53.98 -20.38 14.07
C PHE A 498 -52.65 -19.88 14.64
N PHE A 499 -51.98 -20.72 15.41
CA PHE A 499 -50.62 -20.42 15.84
C PHE A 499 -49.77 -21.54 15.27
N ASP A 500 -49.30 -21.32 14.06
CA ASP A 500 -48.57 -22.32 13.32
C ASP A 500 -47.11 -22.28 13.73
N GLU A 501 -46.77 -23.01 14.77
CA GLU A 501 -45.41 -23.06 15.27
C GLU A 501 -44.87 -21.68 15.58
N ALA A 502 -45.71 -20.87 16.24
CA ALA A 502 -45.40 -19.47 16.54
C ALA A 502 -44.11 -19.27 17.32
N THR A 503 -43.69 -20.25 18.12
CA THR A 503 -42.53 -20.01 18.95
C THR A 503 -41.32 -20.92 18.67
N SER A 504 -40.94 -21.15 17.42
CA SER A 504 -39.64 -21.79 17.15
C SER A 504 -38.55 -20.72 17.02
N ALA A 505 -38.66 -19.77 17.95
CA ALA A 505 -37.66 -18.74 18.23
C ALA A 505 -36.49 -19.46 18.89
N LEU A 506 -35.47 -19.77 18.08
CA LEU A 506 -34.28 -20.58 18.49
C LEU A 506 -33.49 -19.98 19.69
N ASP A 507 -34.20 -19.81 20.81
CA ASP A 507 -33.63 -19.57 22.14
C ASP A 507 -34.75 -19.80 23.15
N THR A 508 -34.38 -20.38 24.28
CA THR A 508 -35.35 -20.81 25.28
C THR A 508 -36.02 -19.63 25.97
N HIS A 509 -35.22 -18.63 26.33
CA HIS A 509 -35.76 -17.53 27.11
C HIS A 509 -36.84 -16.74 26.38
N THR A 510 -36.77 -16.69 25.05
CA THR A 510 -37.71 -15.90 24.26
C THR A 510 -39.04 -16.60 24.05
N GLU A 511 -38.99 -17.89 23.75
CA GLU A 511 -40.21 -18.70 23.67
C GLU A 511 -40.98 -18.58 24.99
N GLN A 512 -40.24 -18.71 26.09
CA GLN A 512 -40.82 -18.56 27.42
C GLN A 512 -41.60 -17.27 27.51
N ALA A 513 -40.95 -16.16 27.21
CA ALA A 513 -41.62 -14.88 27.33
C ALA A 513 -42.75 -14.74 26.32
N LEU A 514 -42.59 -15.41 25.19
CA LEU A 514 -43.56 -15.25 24.12
C LEU A 514 -44.87 -15.96 24.44
N LEU A 515 -44.77 -17.18 24.95
CA LEU A 515 -45.95 -17.98 25.27
C LEU A 515 -46.84 -17.25 26.27
N ARG A 516 -46.23 -16.46 27.13
CA ARG A 516 -46.96 -15.73 28.16
C ARG A 516 -47.80 -14.65 27.52
N THR A 517 -47.25 -13.88 26.59
CA THR A 517 -48.08 -12.82 25.99
C THR A 517 -49.19 -13.43 25.10
N ILE A 518 -48.93 -14.63 24.55
CA ILE A 518 -49.94 -15.36 23.77
C ILE A 518 -51.08 -15.81 24.70
N ARG A 519 -50.74 -16.26 25.90
CA ARG A 519 -51.79 -16.73 26.78
C ARG A 519 -52.55 -15.56 27.43
N ASP A 520 -51.96 -14.37 27.42
CA ASP A 520 -52.66 -13.21 27.97
C ASP A 520 -53.69 -12.71 26.97
N ASN A 521 -53.31 -12.68 25.70
CA ASN A 521 -54.16 -12.09 24.68
C ASN A 521 -55.19 -13.02 24.05
N PHE A 522 -54.96 -14.32 24.12
CA PHE A 522 -55.80 -15.23 23.35
C PHE A 522 -56.50 -16.32 24.16
N THR A 523 -56.95 -15.96 25.35
CA THR A 523 -57.52 -16.91 26.30
C THR A 523 -59.03 -17.08 26.16
N SER A 524 -59.37 -18.22 25.54
CA SER A 524 -60.74 -18.79 25.38
C SER A 524 -61.94 -17.86 25.14
N GLY A 525 -61.69 -16.57 24.88
CA GLY A 525 -62.73 -15.56 24.67
C GLY A 525 -63.59 -15.83 23.44
N SER A 526 -64.24 -17.00 23.40
CA SER A 526 -65.12 -17.44 22.30
C SER A 526 -64.46 -17.34 20.91
N ARG A 527 -63.15 -17.50 20.89
CA ARG A 527 -62.40 -17.62 19.66
C ARG A 527 -61.92 -19.08 19.61
N THR A 528 -61.89 -19.66 18.43
CA THR A 528 -61.47 -21.05 18.38
C THR A 528 -59.99 -21.13 17.96
N SER A 529 -59.13 -21.56 18.87
CA SER A 529 -57.67 -21.51 18.64
C SER A 529 -57.10 -22.87 18.24
N VAL A 530 -56.34 -22.90 17.15
CA VAL A 530 -55.63 -24.09 16.76
C VAL A 530 -54.13 -23.88 16.91
N TYR A 531 -53.46 -24.68 17.73
CA TYR A 531 -52.02 -24.50 17.91
C TYR A 531 -51.30 -25.62 17.19
N ILE A 532 -50.54 -25.32 16.16
CA ILE A 532 -49.80 -26.39 15.52
C ILE A 532 -48.38 -26.37 16.06
N ALA A 533 -47.99 -27.40 16.77
CA ALA A 533 -46.66 -27.40 17.33
C ALA A 533 -46.03 -28.75 17.35
N HIS A 534 -44.73 -28.76 17.54
CA HIS A 534 -43.99 -29.98 17.57
C HIS A 534 -43.33 -30.15 18.95
N ARG A 535 -43.12 -29.03 19.65
CA ARG A 535 -42.71 -29.03 21.05
C ARG A 535 -43.93 -29.07 21.91
N LEU A 536 -44.23 -30.25 22.46
CA LEU A 536 -45.50 -30.46 23.14
C LEU A 536 -45.66 -29.63 24.40
N ARG A 537 -44.54 -29.36 25.07
CA ARG A 537 -44.52 -28.66 26.35
C ARG A 537 -45.21 -27.31 26.23
N THR A 538 -45.28 -26.76 25.01
CA THR A 538 -45.78 -25.40 24.82
C THR A 538 -47.28 -25.35 24.56
N ILE A 539 -47.94 -26.51 24.59
CA ILE A 539 -49.39 -26.57 24.36
C ILE A 539 -50.11 -27.47 25.34
N ALA A 540 -49.49 -27.73 26.49
CA ALA A 540 -50.02 -28.70 27.43
C ALA A 540 -51.27 -28.24 28.14
N ASP A 541 -51.62 -26.98 27.98
CA ASP A 541 -52.79 -26.43 28.64
C ASP A 541 -53.96 -26.42 27.68
N ALA A 542 -53.80 -27.16 26.58
CA ALA A 542 -54.79 -27.17 25.51
C ALA A 542 -56.01 -27.94 25.94
N ASP A 543 -57.15 -27.52 25.42
CA ASP A 543 -58.40 -28.17 25.73
C ASP A 543 -58.51 -29.51 25.04
N LYS A 544 -57.87 -29.63 23.88
CA LYS A 544 -57.85 -30.85 23.09
C LYS A 544 -56.51 -30.92 22.37
N ILE A 545 -55.90 -32.10 22.35
CA ILE A 545 -54.65 -32.34 21.65
C ILE A 545 -54.85 -33.47 20.66
N ILE A 546 -54.55 -33.26 19.39
CA ILE A 546 -54.74 -34.29 18.38
C ILE A 546 -53.39 -34.72 17.86
N VAL A 547 -52.96 -35.93 18.19
CA VAL A 547 -51.62 -36.30 17.75
C VAL A 547 -51.70 -37.09 16.49
N LEU A 548 -50.90 -36.65 15.52
CA LEU A 548 -50.81 -37.25 14.20
C LEU A 548 -49.51 -38.01 14.12
N ASP A 549 -49.56 -39.10 13.37
CA ASP A 549 -48.37 -39.86 13.07
C ASP A 549 -48.51 -40.35 11.64
N ASN A 550 -47.44 -40.12 10.90
CA ASN A 550 -47.30 -40.42 9.48
C ASN A 550 -48.58 -40.10 8.71
N GLY A 551 -49.21 -38.99 9.07
CA GLY A 551 -50.33 -38.48 8.33
C GLY A 551 -51.67 -38.98 8.85
N ARG A 552 -51.65 -39.81 9.89
CA ARG A 552 -52.92 -40.32 10.42
C ARG A 552 -53.11 -39.92 11.87
N VAL A 553 -54.37 -39.84 12.28
CA VAL A 553 -54.72 -39.44 13.64
C VAL A 553 -54.55 -40.62 14.60
N ARG A 554 -53.63 -40.51 15.54
CA ARG A 554 -53.33 -41.63 16.42
C ARG A 554 -53.97 -41.58 17.82
N GLU A 555 -54.02 -40.39 18.43
CA GLU A 555 -54.63 -40.18 19.75
C GLU A 555 -55.33 -38.83 19.81
N GLU A 556 -56.22 -38.69 20.77
CA GLU A 556 -56.89 -37.43 21.00
C GLU A 556 -57.19 -37.36 22.46
N GLY A 557 -56.71 -36.35 23.16
CA GLY A 557 -57.11 -36.24 24.54
C GLY A 557 -56.53 -35.00 25.16
N LYS A 558 -56.66 -34.88 26.48
CA LYS A 558 -56.04 -33.75 27.13
C LYS A 558 -54.68 -34.21 27.53
N HIS A 559 -53.87 -33.26 27.99
CA HIS A 559 -52.48 -33.52 28.33
C HIS A 559 -52.33 -34.61 29.40
N LEU A 560 -52.87 -34.39 30.59
CA LEU A 560 -52.73 -35.35 31.67
C LEU A 560 -53.32 -36.71 31.35
N GLU A 561 -54.39 -36.71 30.58
CA GLU A 561 -55.08 -37.92 30.16
C GLU A 561 -54.25 -38.69 29.15
N LEU A 562 -53.66 -37.97 28.22
CA LEU A 562 -52.86 -38.57 27.16
C LEU A 562 -51.58 -39.18 27.70
N LEU A 563 -50.96 -38.49 28.64
CA LEU A 563 -49.74 -39.01 29.26
C LEU A 563 -50.00 -40.27 30.07
N ALA A 564 -51.19 -40.33 30.64
CA ALA A 564 -51.49 -41.40 31.55
C ALA A 564 -51.95 -42.64 30.79
N MET A 565 -52.57 -42.42 29.63
CA MET A 565 -52.97 -43.50 28.74
C MET A 565 -51.77 -44.40 28.53
N PRO A 566 -51.95 -45.71 28.77
CA PRO A 566 -50.83 -46.65 28.67
C PRO A 566 -50.40 -46.83 27.25
N GLY A 567 -49.09 -46.88 27.06
CA GLY A 567 -48.53 -47.12 25.74
C GLY A 567 -48.85 -46.08 24.68
N SER A 568 -49.16 -44.86 25.10
CA SER A 568 -49.49 -43.81 24.15
C SER A 568 -48.22 -43.29 23.48
N LEU A 569 -48.40 -42.66 22.33
CA LEU A 569 -47.31 -42.04 21.59
C LEU A 569 -47.06 -40.70 22.20
N TYR A 570 -48.12 -40.07 22.68
CA TYR A 570 -47.97 -38.79 23.30
C TYR A 570 -46.93 -38.85 24.41
N ARG A 571 -46.99 -39.85 25.28
CA ARG A 571 -46.02 -39.95 26.37
C ARG A 571 -44.65 -40.22 25.80
N GLU A 572 -44.58 -40.95 24.69
CA GLU A 572 -43.29 -41.23 24.05
C GLU A 572 -42.66 -39.96 23.52
N LEU A 573 -43.47 -39.08 22.92
CA LEU A 573 -42.96 -37.82 22.42
C LEU A 573 -42.56 -36.95 23.57
N TRP A 574 -43.45 -36.85 24.55
CA TRP A 574 -43.21 -36.02 25.70
C TRP A 574 -41.88 -36.39 26.31
N THR A 575 -41.61 -37.69 26.39
CA THR A 575 -40.41 -38.14 27.05
C THR A 575 -39.16 -37.78 26.27
N ILE A 576 -39.17 -38.01 24.97
CA ILE A 576 -37.99 -37.72 24.14
C ILE A 576 -37.72 -36.26 24.16
N GLN A 577 -38.80 -35.52 23.93
CA GLN A 577 -38.79 -34.06 23.79
C GLN A 577 -38.23 -33.45 25.06
N GLU A 578 -38.63 -34.03 26.19
CA GLU A 578 -38.17 -33.60 27.50
C GLU A 578 -36.67 -33.83 27.63
N ASP A 579 -36.24 -35.07 27.41
CA ASP A 579 -34.82 -35.42 27.45
C ASP A 579 -34.02 -34.48 26.56
N LEU A 580 -34.59 -34.13 25.42
CA LEU A 580 -33.94 -33.23 24.47
C LEU A 580 -33.71 -31.87 25.11
N ASP A 581 -34.75 -31.29 25.71
CA ASP A 581 -34.63 -29.98 26.35
C ASP A 581 -33.63 -29.98 27.49
N HIS A 582 -33.58 -31.08 28.21
CA HIS A 582 -32.62 -31.17 29.28
C HIS A 582 -31.25 -31.13 28.63
N LEU A 583 -31.06 -32.00 27.63
CA LEU A 583 -29.77 -32.13 26.99
C LEU A 583 -29.28 -30.83 26.43
N GLU A 584 -30.09 -30.17 25.61
CA GLU A 584 -29.59 -28.99 24.93
C GLU A 584 -29.35 -27.87 25.91
N ASN A 585 -29.96 -27.94 27.09
CA ASN A 585 -29.69 -26.93 28.10
C ASN A 585 -28.51 -27.28 28.95
N GLU A 586 -28.27 -28.58 29.10
CA GLU A 586 -27.06 -29.02 29.78
C GLU A 586 -25.90 -28.61 28.90
N LEU A 587 -26.10 -28.75 27.58
CA LEU A 587 -25.06 -28.42 26.62
C LEU A 587 -24.75 -26.93 26.59
N LYS A 588 -25.77 -26.10 26.71
CA LYS A 588 -25.57 -24.66 26.63
C LYS A 588 -24.78 -24.15 27.83
N ASP A 589 -25.04 -24.74 29.00
CA ASP A 589 -24.34 -24.38 30.23
C ASP A 589 -22.83 -24.61 30.13
N GLN A 590 -22.45 -25.72 29.51
CA GLN A 590 -21.04 -26.11 29.32
C GLN A 590 -20.31 -25.28 28.25
N GLN A 591 -21.06 -24.81 27.25
CA GLN A 591 -20.50 -23.93 26.24
C GLN A 591 -20.12 -22.61 26.91
N GLU A 592 -20.89 -22.22 27.93
CA GLU A 592 -20.60 -21.04 28.71
C GLU A 592 -19.26 -21.11 29.44
N LEU A 593 -18.96 -22.26 30.03
CA LEU A 593 -17.74 -22.41 30.82
C LEU A 593 -16.55 -22.19 29.93
N TRP A 594 -16.75 -22.56 28.67
CA TRP A 594 -15.69 -22.53 27.70
C TRP A 594 -15.84 -21.30 26.83
N SER A 595 -16.71 -20.38 27.25
CA SER A 595 -16.98 -19.14 26.52
C SER A 595 -16.09 -18.01 26.96
N HIS A 596 -15.58 -18.11 28.16
CA HIS A 596 -14.82 -17.03 28.76
C HIS A 596 -13.48 -17.54 29.30
N PRO A 597 -12.55 -16.61 29.53
CA PRO A 597 -11.33 -17.00 30.24
C PRO A 597 -11.65 -17.46 31.65
N GLN A 598 -10.58 -17.84 32.34
CA GLN A 598 -10.67 -18.39 33.68
C GLN A 598 -9.55 -17.89 34.62
N TYR B 1 49.64 26.89 9.29
CA TYR B 1 48.26 26.60 9.66
C TYR B 1 48.06 26.29 11.16
N ILE B 2 48.45 27.23 12.02
CA ILE B 2 48.23 27.15 13.47
C ILE B 2 47.00 27.98 13.89
N TRP B 3 46.28 27.46 14.88
CA TRP B 3 45.10 28.11 15.45
C TRP B 3 45.33 28.50 16.92
N PRO B 4 46.13 29.55 17.14
CA PRO B 4 46.15 30.05 18.51
C PRO B 4 44.89 30.89 18.75
N LYS B 5 44.19 31.25 17.66
CA LYS B 5 42.88 31.91 17.70
C LYS B 5 41.84 31.03 16.95
N GLY B 6 40.68 30.82 17.58
CA GLY B 6 39.59 30.02 17.02
C GLY B 6 38.23 30.44 17.55
N ASN B 7 37.83 29.87 18.68
CA ASN B 7 36.72 30.40 19.49
C ASN B 7 37.19 30.48 20.97
N ASN B 8 36.28 30.73 21.91
CA ASN B 8 36.63 30.88 23.33
C ASN B 8 37.45 32.15 23.66
N LYS B 9 37.56 32.45 24.95
CA LYS B 9 38.39 33.54 25.45
C LYS B 9 39.85 33.10 25.56
N VAL B 10 40.27 32.24 24.65
CA VAL B 10 41.68 31.94 24.46
C VAL B 10 42.28 33.12 23.68
N ARG B 11 41.41 33.96 23.13
CA ARG B 11 41.87 35.13 22.40
C ARG B 11 42.10 36.33 23.34
N ILE B 12 41.43 36.36 24.48
CA ILE B 12 41.67 37.41 25.46
C ILE B 12 43.12 37.29 25.93
N ARG B 13 43.59 36.05 26.09
CA ARG B 13 44.99 35.81 26.43
C ARG B 13 45.96 36.26 25.33
N VAL B 14 45.57 36.12 24.07
CA VAL B 14 46.47 36.57 23.01
C VAL B 14 46.50 38.10 22.90
N LEU B 15 45.39 38.77 23.19
CA LEU B 15 45.42 40.23 23.19
C LEU B 15 46.34 40.71 24.29
N ILE B 16 46.07 40.26 25.53
CA ILE B 16 46.85 40.63 26.71
C ILE B 16 48.35 40.40 26.55
N ALA B 17 48.73 39.27 25.97
CA ALA B 17 50.14 39.01 25.74
C ALA B 17 50.66 39.99 24.68
N LEU B 18 49.88 40.15 23.61
CA LEU B 18 50.21 41.08 22.54
C LEU B 18 50.31 42.48 23.12
N GLY B 19 49.38 42.83 24.00
CA GLY B 19 49.40 44.13 24.64
C GLY B 19 50.59 44.33 25.55
N LEU B 20 50.84 43.35 26.40
CA LEU B 20 51.95 43.35 27.35
C LEU B 20 53.28 43.47 26.62
N LEU B 21 53.31 42.96 25.40
CA LEU B 21 54.48 43.04 24.53
C LEU B 21 54.74 44.48 24.09
N ILE B 22 53.69 45.15 23.60
CA ILE B 22 53.73 46.56 23.22
C ILE B 22 54.26 47.41 24.36
N SER B 23 53.55 47.39 25.48
CA SER B 23 53.86 48.25 26.61
C SER B 23 55.15 47.88 27.31
N ALA B 24 55.89 46.94 26.74
CA ALA B 24 57.15 46.53 27.33
C ALA B 24 58.28 47.10 26.49
N LYS B 25 57.99 47.33 25.21
CA LYS B 25 58.97 47.95 24.32
C LYS B 25 58.95 49.46 24.47
N ILE B 26 57.73 49.97 24.66
CA ILE B 26 57.51 51.38 24.92
C ILE B 26 58.20 51.70 26.23
N LEU B 27 58.01 50.86 27.24
CA LEU B 27 58.73 51.05 28.49
C LEU B 27 60.25 50.95 28.32
N ASN B 28 60.70 50.27 27.26
CA ASN B 28 62.14 50.09 27.01
C ASN B 28 62.74 51.33 26.36
N VAL B 29 62.06 51.83 25.32
CA VAL B 29 62.54 53.02 24.60
C VAL B 29 62.54 54.24 25.53
N GLN B 30 61.80 54.15 26.63
CA GLN B 30 61.75 55.25 27.58
C GLN B 30 62.91 55.26 28.58
N VAL B 31 63.63 54.14 28.67
CA VAL B 31 64.75 54.07 29.58
C VAL B 31 65.87 55.03 29.24
N PRO B 32 66.22 55.13 27.94
CA PRO B 32 67.30 56.09 27.69
C PRO B 32 66.88 57.58 27.81
N PHE B 33 65.61 57.93 27.58
CA PHE B 33 65.17 59.32 27.78
C PHE B 33 65.45 59.76 29.21
N PHE B 34 65.01 58.97 30.20
CA PHE B 34 65.20 59.30 31.61
C PHE B 34 66.68 59.30 32.01
N PHE B 35 67.48 58.55 31.27
CA PHE B 35 68.92 58.56 31.48
C PHE B 35 69.47 59.86 30.91
N LYS B 36 68.92 60.29 29.77
CA LYS B 36 69.30 61.57 29.19
C LYS B 36 68.90 62.70 30.14
N GLN B 37 67.65 62.71 30.57
CA GLN B 37 67.18 63.78 31.43
C GLN B 37 67.94 63.79 32.74
N THR B 38 68.26 62.63 33.26
CA THR B 38 68.98 62.67 34.51
C THR B 38 70.34 63.30 34.28
N ILE B 39 70.87 63.20 33.06
CA ILE B 39 72.16 63.83 32.79
C ILE B 39 72.03 65.34 32.55
N ASP B 40 71.10 65.73 31.67
CA ASP B 40 70.90 67.13 31.34
C ASP B 40 70.42 67.94 32.56
N SER B 41 69.58 67.34 33.39
CA SER B 41 69.05 68.06 34.53
C SER B 41 70.08 68.12 35.67
N MET B 42 71.34 67.83 35.36
CA MET B 42 72.40 67.88 36.35
C MET B 42 73.54 68.64 35.75
N ASN B 43 73.39 69.00 34.48
CA ASN B 43 74.40 69.80 33.81
C ASN B 43 74.09 71.26 34.03
N ILE B 44 74.05 71.67 35.30
CA ILE B 44 73.72 73.05 35.67
C ILE B 44 74.66 73.57 36.76
N ALA B 45 74.33 74.74 37.31
CA ALA B 45 75.17 75.50 38.25
C ALA B 45 75.73 74.74 39.48
N TRP B 46 74.87 74.48 40.47
CA TRP B 46 75.27 73.82 41.73
C TRP B 46 76.30 74.59 42.57
N ASP B 47 76.15 75.91 42.61
CA ASP B 47 77.10 76.76 43.33
C ASP B 47 77.06 76.48 44.82
N ASP B 48 75.94 75.90 45.27
CA ASP B 48 75.80 75.43 46.63
C ASP B 48 75.85 73.91 46.66
N PRO B 49 76.96 73.34 47.13
CA PRO B 49 77.13 71.88 47.07
C PRO B 49 76.56 71.15 48.29
N THR B 50 75.76 71.82 49.10
CA THR B 50 75.17 71.16 50.24
C THR B 50 73.65 71.06 50.03
N VAL B 51 73.21 71.51 48.87
CA VAL B 51 71.81 71.44 48.52
C VAL B 51 71.39 69.97 48.41
N ALA B 52 70.11 69.70 48.67
CA ALA B 52 69.54 68.37 48.46
C ALA B 52 69.23 68.18 46.99
N LEU B 53 68.95 66.96 46.55
CA LEU B 53 68.60 66.76 45.14
C LEU B 53 67.16 67.22 44.85
N PRO B 54 67.00 68.13 43.85
CA PRO B 54 65.69 68.55 43.36
C PRO B 54 64.78 67.34 43.11
N ALA B 55 63.63 67.28 43.80
CA ALA B 55 62.75 66.14 43.66
C ALA B 55 62.24 66.00 42.23
N ALA B 56 62.28 67.09 41.49
CA ALA B 56 61.85 67.04 40.10
C ALA B 56 62.82 66.17 39.33
N ILE B 57 64.03 66.00 39.87
CA ILE B 57 64.98 65.15 39.18
C ILE B 57 65.31 63.86 39.95
N GLY B 58 65.03 63.83 41.24
CA GLY B 58 65.01 62.54 41.93
C GLY B 58 63.87 61.70 41.36
N LEU B 59 62.83 62.38 40.89
CA LEU B 59 61.70 61.73 40.27
C LEU B 59 62.08 61.17 38.91
N THR B 60 62.79 61.96 38.11
CA THR B 60 63.21 61.55 36.78
C THR B 60 64.04 60.27 36.84
N ILE B 61 64.84 60.13 37.90
CA ILE B 61 65.67 58.95 38.09
C ILE B 61 64.89 57.79 38.74
N LEU B 62 63.80 58.09 39.44
CA LEU B 62 62.97 57.01 39.93
C LEU B 62 62.20 56.43 38.75
N CYS B 63 61.82 57.31 37.81
CA CYS B 63 61.15 56.92 36.58
C CYS B 63 62.02 56.06 35.65
N TYR B 64 63.32 56.30 35.67
CA TYR B 64 64.31 55.48 34.95
C TYR B 64 64.28 54.03 35.41
N GLY B 65 64.41 53.83 36.73
CA GLY B 65 64.30 52.52 37.34
C GLY B 65 62.97 51.85 37.04
N VAL B 66 61.88 52.53 37.37
CA VAL B 66 60.57 52.00 37.11
C VAL B 66 60.21 52.16 35.64
N ALA B 67 60.99 51.51 34.79
CA ALA B 67 60.77 51.51 33.34
C ALA B 67 61.81 50.56 32.82
N ARG B 68 62.94 50.55 33.51
CA ARG B 68 63.96 49.54 33.28
C ARG B 68 63.39 48.25 33.81
N PHE B 69 62.98 48.27 35.07
CA PHE B 69 62.34 47.09 35.64
C PHE B 69 61.02 46.83 34.94
N GLY B 70 60.28 47.90 34.64
CA GLY B 70 58.99 47.76 34.02
C GLY B 70 58.99 47.10 32.65
N SER B 71 60.08 47.26 31.91
CA SER B 71 60.22 46.70 30.57
C SER B 71 60.41 45.18 30.62
N VAL B 72 61.26 44.75 31.54
CA VAL B 72 61.51 43.35 31.74
C VAL B 72 60.26 42.62 32.25
N LEU B 73 59.70 43.11 33.36
CA LEU B 73 58.53 42.50 34.02
C LEU B 73 57.36 42.32 33.06
N PHE B 74 57.07 43.34 32.27
CA PHE B 74 56.00 43.23 31.28
C PHE B 74 56.41 42.29 30.17
N GLY B 75 57.71 42.04 30.06
CA GLY B 75 58.21 41.10 29.06
C GLY B 75 58.11 39.68 29.57
N GLU B 76 58.52 39.50 30.83
CA GLU B 76 58.41 38.23 31.49
C GLU B 76 56.93 37.88 31.67
N LEU B 77 56.08 38.89 31.85
CA LEU B 77 54.65 38.65 31.94
C LEU B 77 54.07 38.29 30.58
N ARG B 78 54.68 38.81 29.52
CA ARG B 78 54.24 38.50 28.15
C ARG B 78 54.36 36.99 27.95
N ASN B 79 55.53 36.48 28.31
CA ASN B 79 55.88 35.07 28.23
C ASN B 79 54.94 34.18 29.02
N ALA B 80 54.90 34.40 30.33
CA ALA B 80 54.12 33.54 31.21
C ALA B 80 52.62 33.60 30.87
N VAL B 81 52.16 34.72 30.36
CA VAL B 81 50.77 34.77 29.95
C VAL B 81 50.59 33.97 28.68
N PHE B 82 51.53 34.10 27.75
CA PHE B 82 51.35 33.44 26.47
C PHE B 82 51.62 31.95 26.50
N ALA B 83 52.43 31.48 27.45
CA ALA B 83 52.72 30.05 27.59
C ALA B 83 51.44 29.26 27.82
N LYS B 84 50.51 29.89 28.54
CA LYS B 84 49.17 29.34 28.80
C LYS B 84 48.48 29.04 27.45
N VAL B 85 48.77 29.86 26.43
CA VAL B 85 48.15 29.69 25.12
C VAL B 85 48.86 28.59 24.37
N ALA B 86 50.18 28.62 24.46
CA ALA B 86 51.04 27.66 23.78
C ALA B 86 50.86 26.24 24.31
N GLN B 87 51.09 26.05 25.60
CA GLN B 87 50.94 24.74 26.21
C GLN B 87 49.54 24.16 26.03
N ASN B 88 48.57 25.03 25.87
CA ASN B 88 47.20 24.63 25.61
C ASN B 88 47.00 24.18 24.15
N ALA B 89 47.70 24.82 23.23
CA ALA B 89 47.61 24.42 21.83
C ALA B 89 48.31 23.10 21.60
N ILE B 90 49.34 22.83 22.38
CA ILE B 90 49.99 21.53 22.32
C ILE B 90 49.08 20.45 22.87
N ARG B 91 48.58 20.67 24.09
CA ARG B 91 47.69 19.71 24.72
C ARG B 91 46.54 19.37 23.80
N THR B 92 46.09 20.33 23.00
CA THR B 92 44.96 20.07 22.11
C THR B 92 45.37 19.19 20.93
N VAL B 93 46.54 19.46 20.38
CA VAL B 93 46.99 18.73 19.21
C VAL B 93 47.48 17.35 19.58
N SER B 94 48.19 17.25 20.70
CA SER B 94 48.69 15.95 21.16
C SER B 94 47.56 14.96 21.45
N LEU B 95 46.42 15.49 21.90
CA LEU B 95 45.24 14.68 22.16
C LEU B 95 44.58 14.32 20.85
N GLN B 96 44.34 15.34 20.04
CA GLN B 96 43.66 15.14 18.77
C GLN B 96 44.40 14.19 17.85
N THR B 97 45.72 14.22 17.91
CA THR B 97 46.52 13.30 17.13
C THR B 97 46.35 11.88 17.67
N PHE B 98 46.46 11.74 18.99
CA PHE B 98 46.28 10.45 19.66
C PHE B 98 44.95 9.77 19.29
N GLN B 99 43.87 10.53 19.41
CA GLN B 99 42.53 10.02 19.16
C GLN B 99 42.26 9.57 17.72
N HIS B 100 42.81 10.29 16.76
CA HIS B 100 42.56 10.02 15.37
C HIS B 100 43.38 8.83 14.97
N LEU B 101 44.52 8.68 15.62
CA LEU B 101 45.39 7.56 15.30
C LEU B 101 44.66 6.27 15.64
N MET B 102 43.71 6.34 16.56
CA MET B 102 43.02 5.12 16.90
C MET B 102 41.74 4.91 16.11
N LYS B 103 41.43 5.85 15.23
CA LYS B 103 40.32 5.66 14.34
C LYS B 103 40.85 5.05 13.06
N LEU B 104 42.18 5.00 12.96
CA LEU B 104 42.79 4.54 11.72
C LEU B 104 42.73 3.02 11.63
N ASP B 105 42.86 2.47 10.42
CA ASP B 105 42.72 1.03 10.20
C ASP B 105 43.98 0.20 10.52
N LEU B 106 43.75 -1.08 10.82
CA LEU B 106 44.81 -1.95 11.33
C LEU B 106 45.96 -2.10 10.35
N GLY B 107 45.66 -2.04 9.06
CA GLY B 107 46.69 -2.15 8.05
C GLY B 107 47.60 -0.94 8.10
N TRP B 108 47.00 0.21 8.32
CA TRP B 108 47.74 1.44 8.45
C TRP B 108 48.76 1.27 9.56
N HIS B 109 48.28 0.88 10.73
CA HIS B 109 49.16 0.71 11.88
C HIS B 109 50.26 -0.29 11.66
N LEU B 110 50.08 -1.20 10.73
CA LEU B 110 51.10 -2.20 10.53
C LEU B 110 52.09 -1.78 9.46
N SER B 111 51.71 -0.80 8.65
CA SER B 111 52.65 -0.28 7.66
C SER B 111 53.51 0.81 8.30
N ARG B 112 52.93 1.58 9.20
CA ARG B 112 53.63 2.65 9.92
C ARG B 112 54.50 2.17 11.10
N GLN B 113 55.80 2.46 11.05
CA GLN B 113 56.70 2.14 12.14
C GLN B 113 56.27 2.95 13.36
N THR B 114 56.08 2.29 14.50
CA THR B 114 55.45 3.00 15.63
C THR B 114 56.39 4.04 16.27
N GLY B 115 57.69 3.80 16.20
CA GLY B 115 58.63 4.77 16.74
C GLY B 115 58.59 6.06 15.96
N GLY B 116 58.55 5.94 14.63
CA GLY B 116 58.51 7.08 13.74
C GLY B 116 57.25 7.91 13.88
N LEU B 117 56.26 7.35 14.56
CA LEU B 117 55.03 8.07 14.83
C LEU B 117 55.17 8.70 16.19
N THR B 118 55.79 7.98 17.10
CA THR B 118 55.99 8.54 18.42
C THR B 118 56.96 9.71 18.27
N ARG B 119 57.97 9.55 17.40
CA ARG B 119 58.89 10.64 17.07
C ARG B 119 58.14 11.71 16.29
N ALA B 120 57.26 11.31 15.38
CA ALA B 120 56.52 12.29 14.57
C ALA B 120 55.68 13.20 15.45
N MET B 121 54.93 12.59 16.36
CA MET B 121 54.01 13.37 17.18
C MET B 121 54.69 13.93 18.41
N ASP B 122 56.01 13.96 18.39
CA ASP B 122 56.75 14.57 19.48
C ASP B 122 57.52 15.73 18.93
N ARG B 123 58.36 15.44 17.94
CA ARG B 123 59.12 16.45 17.24
C ARG B 123 58.19 17.41 16.51
N GLY B 124 56.92 17.05 16.46
CA GLY B 124 55.90 17.89 15.88
C GLY B 124 55.30 18.89 16.86
N THR B 125 55.18 18.50 18.12
CA THR B 125 54.68 19.41 19.15
C THR B 125 55.76 20.37 19.61
N LYS B 126 56.94 19.82 19.88
CA LYS B 126 58.08 20.61 20.31
C LYS B 126 58.46 21.56 19.18
N GLY B 127 58.00 21.25 17.96
CA GLY B 127 58.14 22.15 16.84
C GLY B 127 57.04 23.20 16.77
N ILE B 128 56.12 23.18 17.73
CA ILE B 128 55.07 24.18 17.78
C ILE B 128 55.42 25.27 18.80
N SER B 129 56.03 24.85 19.91
CA SER B 129 56.48 25.80 20.92
C SER B 129 57.77 26.49 20.47
N GLN B 130 58.09 26.31 19.20
CA GLN B 130 59.29 26.86 18.60
C GLN B 130 58.93 27.80 17.49
N VAL B 131 57.75 27.63 16.91
CA VAL B 131 57.32 28.55 15.87
C VAL B 131 56.50 29.62 16.55
N LEU B 132 55.85 29.28 17.65
CA LEU B 132 55.14 30.31 18.39
C LEU B 132 56.13 31.11 19.24
N THR B 133 57.13 30.44 19.81
CA THR B 133 58.16 31.15 20.56
C THR B 133 58.93 32.08 19.63
N ALA B 134 59.10 31.67 18.38
CA ALA B 134 59.75 32.53 17.39
C ALA B 134 58.95 33.79 17.15
N MET B 135 57.67 33.63 16.81
CA MET B 135 56.80 34.75 16.48
C MET B 135 56.59 35.73 17.65
N VAL B 136 56.24 35.19 18.82
CA VAL B 136 55.84 36.00 19.97
C VAL B 136 57.01 36.43 20.86
N PHE B 137 58.06 35.65 20.92
CA PHE B 137 59.15 36.00 21.83
C PHE B 137 60.31 36.74 21.18
N HIS B 138 60.37 36.71 19.84
CA HIS B 138 61.51 37.26 19.10
C HIS B 138 61.14 38.09 17.89
N ILE B 139 60.56 37.45 16.89
CA ILE B 139 60.28 38.13 15.64
C ILE B 139 59.44 39.40 15.86
N ILE B 140 58.24 39.29 16.41
CA ILE B 140 57.39 40.48 16.63
C ILE B 140 57.98 41.61 17.52
N PRO B 141 58.45 41.29 18.75
CA PRO B 141 58.99 42.32 19.64
C PRO B 141 60.21 43.07 19.07
N ILE B 142 61.06 42.36 18.31
CA ILE B 142 62.27 42.98 17.79
C ILE B 142 61.94 43.77 16.52
N SER B 143 60.77 43.49 15.96
CA SER B 143 60.34 44.21 14.77
C SER B 143 59.65 45.47 15.21
N PHE B 144 59.03 45.39 16.38
CA PHE B 144 58.40 46.55 16.98
C PHE B 144 59.48 47.51 17.40
N GLU B 145 60.38 47.03 18.26
CA GLU B 145 61.42 47.91 18.80
C GLU B 145 62.25 48.52 17.68
N ILE B 146 62.58 47.74 16.65
CA ILE B 146 63.35 48.28 15.53
C ILE B 146 62.58 49.42 14.85
N SER B 147 61.29 49.22 14.61
CA SER B 147 60.52 50.28 13.98
C SER B 147 60.39 51.51 14.88
N VAL B 148 60.03 51.31 16.14
CA VAL B 148 59.89 52.42 17.06
C VAL B 148 61.22 53.17 17.31
N VAL B 149 62.32 52.43 17.55
CA VAL B 149 63.62 53.09 17.71
C VAL B 149 64.00 53.83 16.43
N CYS B 150 63.80 53.20 15.26
CA CYS B 150 64.07 53.87 13.99
C CYS B 150 63.13 55.06 13.72
N GLY B 151 61.92 55.01 14.29
CA GLY B 151 61.00 56.13 14.23
C GLY B 151 61.45 57.28 15.10
N ILE B 152 61.66 56.96 16.38
CA ILE B 152 62.13 57.92 17.37
C ILE B 152 63.37 58.63 16.87
N LEU B 153 64.36 57.87 16.41
CA LEU B 153 65.57 58.46 15.86
C LEU B 153 65.25 59.40 14.71
N THR B 154 64.43 58.94 13.77
CA THR B 154 64.08 59.79 12.64
C THR B 154 63.47 61.11 13.08
N TYR B 155 62.52 61.02 14.01
CA TYR B 155 61.82 62.20 14.52
C TYR B 155 62.76 63.17 15.22
N GLN B 156 63.58 62.65 16.13
CA GLN B 156 64.36 63.48 17.02
C GLN B 156 65.82 63.71 16.60
N PHE B 157 66.28 63.07 15.54
CA PHE B 157 67.69 63.23 15.18
C PHE B 157 67.93 63.18 13.69
N GLY B 158 66.89 62.81 12.95
CA GLY B 158 66.96 62.72 11.50
C GLY B 158 67.29 61.34 10.96
N ALA B 159 66.91 61.10 9.72
CA ALA B 159 67.06 59.79 9.09
C ALA B 159 68.52 59.36 8.99
N SER B 160 69.42 60.28 9.27
CA SER B 160 70.86 60.00 9.25
C SER B 160 71.16 58.82 10.15
N PHE B 161 70.66 58.92 11.38
CA PHE B 161 70.81 57.90 12.40
C PHE B 161 69.94 56.68 12.10
N ALA B 162 68.66 56.93 11.82
CA ALA B 162 67.72 55.84 11.58
C ALA B 162 68.20 54.92 10.46
N ALA B 163 68.67 55.52 9.37
CA ALA B 163 69.11 54.72 8.23
C ALA B 163 70.24 53.80 8.62
N ILE B 164 71.16 54.28 9.45
CA ILE B 164 72.30 53.43 9.78
C ILE B 164 71.95 52.46 10.89
N THR B 165 71.00 52.83 11.75
CA THR B 165 70.50 51.87 12.71
C THR B 165 69.86 50.72 11.94
N PHE B 166 68.82 51.03 11.16
CA PHE B 166 68.13 50.01 10.40
C PHE B 166 69.08 49.23 9.52
N SER B 167 70.07 49.92 8.97
CA SER B 167 71.05 49.27 8.10
C SER B 167 71.86 48.27 8.92
N THR B 168 72.19 48.64 10.16
CA THR B 168 72.98 47.79 11.03
C THR B 168 72.29 46.47 11.31
N MET B 169 70.98 46.53 11.60
CA MET B 169 70.19 45.32 11.83
C MET B 169 70.25 44.44 10.62
N LEU B 170 69.96 45.03 9.47
CA LEU B 170 69.97 44.30 8.23
C LEU B 170 71.33 43.65 7.98
N LEU B 171 72.43 44.32 8.34
CA LEU B 171 73.73 43.71 8.16
C LEU B 171 73.95 42.61 9.18
N TYR B 172 73.53 42.87 10.41
CA TYR B 172 73.67 41.92 11.53
C TYR B 172 72.93 40.63 11.23
N SER B 173 71.79 40.76 10.54
CA SER B 173 70.98 39.62 10.10
C SER B 173 71.71 38.85 9.01
N ILE B 174 71.92 39.50 7.88
CA ILE B 174 72.49 38.84 6.73
C ILE B 174 73.97 38.49 6.92
N PHE B 175 74.48 38.65 8.12
CA PHE B 175 75.80 38.10 8.44
C PHE B 175 75.59 36.89 9.34
N THR B 176 74.86 37.11 10.43
CA THR B 176 74.55 36.04 11.36
C THR B 176 73.95 34.86 10.62
N ILE B 177 72.80 35.08 9.98
CA ILE B 177 72.14 34.01 9.23
C ILE B 177 73.10 33.35 8.25
N LYS B 178 73.72 34.16 7.40
CA LYS B 178 74.60 33.63 6.36
C LYS B 178 75.91 33.00 6.92
N THR B 179 76.33 33.40 8.12
CA THR B 179 77.52 32.81 8.76
C THR B 179 77.15 31.53 9.48
N THR B 180 75.96 31.54 10.06
CA THR B 180 75.50 30.40 10.85
C THR B 180 75.24 29.18 9.94
N ALA B 181 74.87 29.45 8.68
CA ALA B 181 74.63 28.38 7.70
C ALA B 181 75.96 27.80 7.27
N TRP B 182 77.01 28.58 7.45
CA TRP B 182 78.34 28.13 7.10
C TRP B 182 78.91 27.30 8.21
N ARG B 183 78.38 27.45 9.41
CA ARG B 183 78.92 26.75 10.57
C ARG B 183 78.05 25.58 11.03
N THR B 184 76.85 25.44 10.47
CA THR B 184 76.06 24.24 10.76
C THR B 184 76.73 23.07 10.08
N HIS B 185 77.48 23.39 9.01
CA HIS B 185 78.28 22.40 8.31
C HIS B 185 79.56 22.10 9.09
N PHE B 186 79.53 22.27 10.41
CA PHE B 186 80.68 22.02 11.26
C PHE B 186 80.35 21.13 12.40
N ARG B 187 79.21 21.36 13.03
CA ARG B 187 78.82 20.50 14.11
C ARG B 187 78.23 19.21 13.56
N ARG B 188 77.70 19.27 12.33
CA ARG B 188 77.14 18.05 11.73
C ARG B 188 78.27 17.08 11.40
N ASP B 189 79.50 17.55 11.47
CA ASP B 189 80.68 16.70 11.34
C ASP B 189 81.16 16.24 12.71
N ALA B 190 80.80 16.99 13.74
CA ALA B 190 81.26 16.69 15.07
C ALA B 190 80.52 15.51 15.65
N ASN B 191 79.20 15.55 15.62
CA ASN B 191 78.45 14.42 16.15
C ASN B 191 78.51 13.25 15.18
N LYS B 192 78.86 13.54 13.94
CA LYS B 192 79.15 12.49 12.98
C LYS B 192 80.32 11.69 13.50
N ALA B 193 81.39 12.38 13.87
CA ALA B 193 82.55 11.72 14.45
C ALA B 193 82.27 11.11 15.83
N ASP B 194 81.51 11.83 16.65
CA ASP B 194 81.18 11.42 18.01
C ASP B 194 80.44 10.09 18.00
N ASN B 195 79.48 9.97 17.09
CA ASN B 195 78.73 8.73 16.90
C ASN B 195 79.61 7.60 16.39
N LYS B 196 80.48 7.93 15.44
CA LYS B 196 81.42 6.95 14.96
C LYS B 196 82.26 6.48 16.12
N ALA B 197 82.78 7.43 16.90
CA ALA B 197 83.59 7.07 18.05
C ALA B 197 82.74 6.30 19.05
N ALA B 198 81.47 6.67 19.14
CA ALA B 198 80.60 6.03 20.11
C ALA B 198 80.45 4.53 19.81
N SER B 199 80.33 4.21 18.52
CA SER B 199 80.10 2.84 18.06
C SER B 199 81.32 1.99 18.26
N VAL B 200 82.47 2.54 17.89
CA VAL B 200 83.72 1.85 18.07
C VAL B 200 83.87 1.56 19.54
N ALA B 201 83.45 2.47 20.39
CA ALA B 201 83.48 2.22 21.82
C ALA B 201 82.49 1.12 22.26
N LEU B 202 81.28 1.16 21.71
CA LEU B 202 80.27 0.17 22.06
C LEU B 202 80.65 -1.21 21.53
N ASP B 203 81.06 -1.29 20.26
CA ASP B 203 81.50 -2.55 19.68
C ASP B 203 82.63 -3.16 20.50
N SER B 204 83.52 -2.32 21.00
CA SER B 204 84.62 -2.81 21.81
C SER B 204 84.20 -3.31 23.16
N LEU B 205 82.96 -3.06 23.55
CA LEU B 205 82.53 -3.50 24.85
C LEU B 205 81.54 -4.62 24.70
N ILE B 206 80.81 -4.59 23.59
CA ILE B 206 79.91 -5.68 23.25
C ILE B 206 80.70 -6.88 22.71
N ASN B 207 81.64 -6.64 21.81
CA ASN B 207 82.50 -7.69 21.28
C ASN B 207 83.84 -7.73 22.01
N PHE B 208 83.79 -7.70 23.33
CA PHE B 208 85.03 -7.65 24.13
C PHE B 208 85.85 -8.91 24.00
N GLU B 209 85.18 -10.03 23.82
CA GLU B 209 85.92 -11.28 23.71
C GLU B 209 86.52 -11.32 22.32
N ALA B 210 85.72 -10.97 21.34
CA ALA B 210 86.15 -10.95 19.95
C ALA B 210 87.42 -10.12 19.77
N VAL B 211 87.50 -8.97 20.43
CA VAL B 211 88.70 -8.15 20.28
C VAL B 211 89.86 -8.75 21.07
N LYS B 212 89.50 -9.50 22.11
CA LYS B 212 90.48 -10.16 22.94
C LYS B 212 90.98 -11.44 22.27
N TYR B 213 90.05 -12.16 21.65
CA TYR B 213 90.34 -13.42 20.97
C TYR B 213 91.24 -13.17 19.80
N PHE B 214 91.27 -11.93 19.35
CA PHE B 214 92.20 -11.58 18.30
C PHE B 214 93.29 -10.67 18.80
N ASN B 215 94.07 -10.18 17.88
CA ASN B 215 95.11 -9.23 18.25
C ASN B 215 94.44 -7.99 18.83
N ASN B 216 94.41 -6.97 18.00
CA ASN B 216 93.58 -5.80 18.18
C ASN B 216 93.81 -5.14 19.55
N GLU B 217 92.78 -4.64 20.22
CA GLU B 217 93.03 -3.76 21.39
C GLU B 217 93.78 -2.50 20.99
N LYS B 218 95.04 -2.63 20.62
CA LYS B 218 95.77 -1.51 20.05
C LYS B 218 95.11 -1.05 18.76
N TYR B 219 94.70 -1.99 17.92
CA TYR B 219 94.05 -1.66 16.64
C TYR B 219 92.79 -0.87 16.88
N LEU B 220 91.93 -1.35 17.78
CA LEU B 220 90.72 -0.61 18.08
C LEU B 220 90.97 0.63 18.92
N ALA B 221 92.10 0.66 19.63
CA ALA B 221 92.45 1.83 20.43
C ALA B 221 92.69 3.01 19.50
N ASP B 222 93.45 2.81 18.43
CA ASP B 222 93.64 3.96 17.58
C ASP B 222 92.55 4.04 16.52
N LYS B 223 91.71 3.02 16.46
CA LYS B 223 90.51 3.14 15.63
C LYS B 223 89.57 4.09 16.33
N TYR B 224 89.64 4.10 17.66
CA TYR B 224 88.87 5.00 18.49
C TYR B 224 89.49 6.39 18.37
N ASN B 225 90.76 6.49 18.73
CA ASN B 225 91.53 7.74 18.65
C ASN B 225 91.32 8.44 17.34
N GLY B 226 91.18 7.67 16.28
CA GLY B 226 90.94 8.26 14.98
C GLY B 226 89.73 9.15 15.00
N SER B 227 88.60 8.60 15.45
CA SER B 227 87.38 9.37 15.57
C SER B 227 87.41 10.40 16.70
N LEU B 228 88.22 10.15 17.72
CA LEU B 228 88.34 11.08 18.83
C LEU B 228 89.03 12.33 18.35
N MET B 229 90.05 12.13 17.51
CA MET B 229 90.79 13.20 16.91
C MET B 229 89.93 13.93 15.89
N ASN B 230 89.08 13.21 15.20
CA ASN B 230 88.19 13.85 14.25
C ASN B 230 87.13 14.67 14.93
N TYR B 231 86.85 14.33 16.19
CA TYR B 231 85.87 15.08 16.93
C TYR B 231 86.51 16.35 17.50
N ARG B 232 87.67 16.20 18.14
CA ARG B 232 88.43 17.35 18.64
C ARG B 232 88.62 18.39 17.54
N ASP B 233 89.23 17.97 16.44
CA ASP B 233 89.50 18.86 15.32
C ASP B 233 88.24 19.50 14.75
N SER B 234 87.08 18.90 14.98
CA SER B 234 85.85 19.49 14.48
C SER B 234 85.19 20.37 15.51
N GLN B 235 85.20 19.92 16.76
CA GLN B 235 84.57 20.69 17.83
C GLN B 235 85.39 21.94 18.06
N ILE B 236 86.67 21.86 17.67
CA ILE B 236 87.57 23.00 17.75
C ILE B 236 87.23 24.00 16.64
N LYS B 237 86.91 23.51 15.46
CA LYS B 237 86.50 24.42 14.40
C LYS B 237 85.04 24.83 14.57
N VAL B 238 84.43 24.40 15.67
CA VAL B 238 83.11 24.91 16.04
C VAL B 238 83.36 26.08 16.96
N SER B 239 84.12 25.83 18.02
CA SER B 239 84.48 26.85 18.99
C SER B 239 85.08 28.08 18.30
N GLN B 240 85.88 27.85 17.27
CA GLN B 240 86.46 28.91 16.47
C GLN B 240 85.41 29.66 15.67
N SER B 241 84.59 28.92 14.93
CA SER B 241 83.56 29.52 14.10
C SER B 241 82.58 30.31 14.97
N LEU B 242 82.59 30.01 16.27
CA LEU B 242 81.75 30.73 17.21
C LEU B 242 82.34 32.12 17.51
N ALA B 243 83.65 32.18 17.72
CA ALA B 243 84.34 33.44 17.92
C ALA B 243 84.10 34.31 16.70
N PHE B 244 84.34 33.76 15.52
CA PHE B 244 84.17 34.52 14.29
C PHE B 244 82.75 35.00 14.11
N LEU B 245 81.79 34.31 14.72
CA LEU B 245 80.41 34.79 14.67
C LEU B 245 80.18 35.84 15.73
N ASN B 246 80.60 35.57 16.96
CA ASN B 246 80.44 36.51 18.05
C ASN B 246 81.23 37.81 17.90
N SER B 247 82.37 37.71 17.22
CA SER B 247 83.23 38.85 17.03
C SER B 247 82.73 39.71 15.86
N GLY B 248 82.27 39.06 14.80
CA GLY B 248 81.70 39.82 13.70
C GLY B 248 80.43 40.54 14.14
N GLN B 249 79.70 39.91 15.05
CA GLN B 249 78.43 40.46 15.53
C GLN B 249 78.64 41.69 16.39
N ASN B 250 79.68 41.68 17.21
CA ASN B 250 79.95 42.83 18.05
C ASN B 250 80.50 43.97 17.21
N LEU B 251 81.29 43.60 16.21
CA LEU B 251 81.90 44.58 15.33
C LEU B 251 80.80 45.38 14.65
N ILE B 252 79.78 44.71 14.14
CA ILE B 252 78.69 45.40 13.45
C ILE B 252 78.02 46.45 14.35
N PHE B 253 77.86 46.14 15.63
CA PHE B 253 77.23 47.07 16.56
C PHE B 253 78.21 48.11 17.11
N THR B 254 79.42 47.69 17.44
CA THR B 254 80.43 48.62 17.94
C THR B 254 80.75 49.73 16.97
N THR B 255 80.86 49.42 15.68
CA THR B 255 81.10 50.52 14.74
C THR B 255 79.80 51.33 14.52
N ALA B 256 78.65 50.68 14.43
CA ALA B 256 77.42 51.43 14.35
C ALA B 256 77.30 52.42 15.53
N LEU B 257 77.77 52.01 16.70
CA LEU B 257 77.71 52.82 17.93
C LEU B 257 78.78 53.89 18.00
N THR B 258 79.94 53.57 17.41
CA THR B 258 81.08 54.47 17.33
C THR B 258 80.84 55.53 16.26
N ALA B 259 80.30 55.11 15.12
CA ALA B 259 80.00 56.07 14.07
C ALA B 259 78.87 57.01 14.51
N MET B 260 77.95 56.50 15.32
CA MET B 260 76.85 57.35 15.74
C MET B 260 77.25 58.28 16.88
N MET B 261 78.26 57.88 17.63
CA MET B 261 78.78 58.76 18.66
C MET B 261 79.41 59.96 18.04
N TYR B 262 80.20 59.72 17.02
CA TYR B 262 80.80 60.80 16.26
C TYR B 262 79.68 61.74 15.81
N MET B 263 78.81 61.24 14.93
CA MET B 263 77.64 61.97 14.43
C MET B 263 76.89 62.74 15.52
N GLY B 264 76.88 62.17 16.73
CA GLY B 264 76.23 62.81 17.85
C GLY B 264 76.97 64.02 18.31
N CYS B 265 78.29 63.89 18.36
CA CYS B 265 79.16 64.93 18.88
C CYS B 265 79.26 66.10 17.90
N THR B 266 78.83 65.85 16.67
CA THR B 266 78.85 66.91 15.69
C THR B 266 77.60 67.74 15.93
N GLY B 267 76.54 67.08 16.37
CA GLY B 267 75.31 67.76 16.69
C GLY B 267 75.32 68.38 18.08
N VAL B 268 76.41 68.20 18.80
CA VAL B 268 76.62 68.89 20.07
C VAL B 268 77.37 70.20 19.81
N ILE B 269 78.21 70.16 18.78
CA ILE B 269 78.86 71.34 18.20
C ILE B 269 77.83 72.24 17.51
N GLY B 270 77.00 71.62 16.67
CA GLY B 270 75.93 72.32 15.97
C GLY B 270 74.76 72.71 16.86
N GLY B 271 74.92 72.55 18.17
CA GLY B 271 73.93 73.03 19.13
C GLY B 271 72.58 72.37 19.00
N ASN B 272 72.49 71.34 18.16
CA ASN B 272 71.23 70.60 18.01
C ASN B 272 71.03 69.53 19.07
N LEU B 273 72.12 68.94 19.54
CA LEU B 273 72.03 67.83 20.48
C LEU B 273 72.76 68.15 21.76
N THR B 274 72.13 67.84 22.89
CA THR B 274 72.78 68.05 24.17
C THR B 274 73.83 66.96 24.41
N VAL B 275 74.50 67.02 25.54
CA VAL B 275 75.50 66.02 25.87
C VAL B 275 74.81 64.75 26.38
N GLY B 276 73.53 64.89 26.73
CA GLY B 276 72.74 63.74 27.12
C GLY B 276 72.19 63.00 25.92
N ASP B 277 72.12 63.66 24.76
CA ASP B 277 71.66 62.98 23.54
C ASP B 277 72.68 61.96 23.07
N LEU B 278 73.87 61.99 23.67
CA LEU B 278 74.89 61.03 23.28
C LEU B 278 74.52 59.71 23.95
N VAL B 279 74.15 59.80 25.22
CA VAL B 279 73.68 58.66 25.98
C VAL B 279 72.39 58.11 25.42
N LEU B 280 71.51 59.00 24.99
CA LEU B 280 70.23 58.60 24.40
C LEU B 280 70.40 57.77 23.15
N ILE B 281 70.99 58.34 22.10
CA ILE B 281 71.12 57.58 20.85
C ILE B 281 71.98 56.33 21.02
N ASN B 282 72.89 56.35 21.99
CA ASN B 282 73.71 55.17 22.21
C ASN B 282 72.89 54.07 22.84
N GLN B 283 72.39 54.37 24.03
CA GLN B 283 71.66 53.39 24.81
C GLN B 283 70.41 52.95 24.07
N LEU B 284 69.81 53.82 23.27
CA LEU B 284 68.57 53.46 22.57
C LEU B 284 68.89 52.44 21.48
N VAL B 285 69.95 52.68 20.71
CA VAL B 285 70.37 51.73 19.69
C VAL B 285 70.96 50.46 20.31
N PHE B 286 71.77 50.62 21.33
CA PHE B 286 72.35 49.47 21.98
C PHE B 286 71.34 48.48 22.51
N GLN B 287 70.21 48.98 22.98
CA GLN B 287 69.18 48.10 23.53
C GLN B 287 68.63 47.12 22.51
N LEU B 288 69.00 47.29 21.25
CA LEU B 288 68.59 46.41 20.16
C LEU B 288 69.60 45.29 19.93
N SER B 289 70.71 45.31 20.68
CA SER B 289 71.71 44.26 20.55
C SER B 289 71.35 43.12 21.50
N VAL B 290 70.72 43.47 22.60
CA VAL B 290 70.36 42.49 23.63
C VAL B 290 69.51 41.32 23.08
N PRO B 291 68.35 41.59 22.42
CA PRO B 291 67.51 40.46 22.00
C PRO B 291 67.88 39.94 20.63
N LEU B 292 68.87 40.57 20.01
CA LEU B 292 69.30 40.17 18.69
C LEU B 292 70.20 38.95 18.81
N ASN B 293 70.74 38.73 20.01
CA ASN B 293 71.57 37.56 20.25
C ASN B 293 70.82 36.24 20.06
N PHE B 294 69.56 36.18 20.48
CA PHE B 294 68.81 34.94 20.34
C PHE B 294 68.50 34.65 18.86
N LEU B 295 67.70 35.54 18.26
CA LEU B 295 67.33 35.48 16.84
C LEU B 295 68.54 35.33 15.92
N GLY B 296 69.21 34.18 16.00
CA GLY B 296 70.35 33.88 15.16
C GLY B 296 70.46 32.39 14.99
N SER B 297 70.27 31.69 16.10
CA SER B 297 70.23 30.24 16.10
C SER B 297 68.97 29.75 15.39
N VAL B 298 67.98 30.64 15.30
CA VAL B 298 66.73 30.34 14.60
C VAL B 298 66.95 30.25 13.08
N TYR B 299 66.17 31.00 12.30
CA TYR B 299 66.09 30.79 10.84
C TYR B 299 65.97 29.29 10.41
N ARG B 300 67.04 28.51 10.61
CA ARG B 300 67.04 27.09 10.22
C ARG B 300 66.07 26.25 11.05
N ASP B 301 66.04 26.51 12.36
CA ASP B 301 65.11 25.84 13.26
C ASP B 301 63.70 26.11 12.83
N LEU B 302 63.42 27.36 12.48
CA LEU B 302 62.13 27.73 11.92
C LEU B 302 61.84 26.91 10.66
N LYS B 303 62.86 26.71 9.82
CA LYS B 303 62.71 25.93 8.58
C LYS B 303 62.43 24.45 8.87
N GLN B 304 63.20 23.87 9.78
CA GLN B 304 62.98 22.49 10.17
C GLN B 304 61.67 22.34 10.93
N SER B 305 61.52 23.10 12.00
CA SER B 305 60.32 23.01 12.81
C SER B 305 59.08 23.38 11.99
N LEU B 306 59.26 23.92 10.79
CA LEU B 306 58.09 24.23 9.99
C LEU B 306 57.53 22.94 9.43
N ILE B 307 58.41 22.06 8.96
CA ILE B 307 57.96 20.81 8.36
C ILE B 307 57.65 19.74 9.41
N ASP B 308 58.44 19.67 10.49
CA ASP B 308 58.14 18.69 11.56
C ASP B 308 56.76 18.92 12.16
N MET B 309 56.29 20.15 12.03
CA MET B 309 54.95 20.54 12.43
C MET B 309 53.98 20.10 11.35
N GLU B 310 54.42 20.17 10.11
CA GLU B 310 53.55 19.80 8.99
C GLU B 310 53.32 18.30 8.96
N THR B 311 54.38 17.53 9.22
CA THR B 311 54.26 16.09 9.22
C THR B 311 53.25 15.70 10.31
N LEU B 312 53.31 16.35 11.47
CA LEU B 312 52.38 16.05 12.58
C LEU B 312 50.94 16.38 12.18
N PHE B 313 50.77 17.31 11.26
CA PHE B 313 49.43 17.68 10.80
C PHE B 313 48.91 16.69 9.76
N LYS B 314 49.83 16.09 8.98
CA LYS B 314 49.49 15.06 8.00
C LYS B 314 48.80 13.88 8.69
N LEU B 315 49.11 13.66 9.96
CA LEU B 315 48.52 12.56 10.67
C LEU B 315 47.00 12.63 10.72
N ARG B 316 46.43 13.82 10.88
CA ARG B 316 44.96 13.92 10.87
C ARG B 316 44.44 13.96 9.43
N LYS B 317 45.35 14.11 8.46
CA LYS B 317 44.95 14.02 7.06
C LYS B 317 44.43 12.63 6.79
N ASN B 318 45.12 11.63 7.33
CA ASN B 318 44.89 10.23 6.97
C ASN B 318 43.44 9.81 7.09
N GLU B 319 42.91 9.29 5.99
CA GLU B 319 41.49 8.99 5.89
C GLU B 319 41.18 7.69 6.61
N VAL B 320 39.94 7.59 7.07
CA VAL B 320 39.47 6.40 7.75
C VAL B 320 38.77 5.50 6.75
N LYS B 321 39.43 4.39 6.40
CA LYS B 321 38.94 3.45 5.39
C LYS B 321 37.81 2.53 5.88
N ILE B 322 37.87 2.13 7.14
CA ILE B 322 36.81 1.34 7.73
C ILE B 322 35.87 2.31 8.42
N LYS B 323 34.91 2.80 7.66
CA LYS B 323 33.98 3.81 8.14
C LYS B 323 32.64 3.11 8.31
N ASN B 324 31.85 3.47 9.32
CA ASN B 324 30.50 2.91 9.38
C ASN B 324 29.65 3.76 8.46
N ALA B 325 28.62 3.18 7.84
CA ALA B 325 27.90 3.91 6.80
C ALA B 325 26.87 4.89 7.36
N GLU B 326 26.20 5.61 6.48
CA GLU B 326 25.24 6.59 6.97
C GLU B 326 24.07 5.87 7.63
N ARG B 327 23.60 6.43 8.74
CA ARG B 327 22.48 5.86 9.48
C ARG B 327 22.80 4.42 9.91
N PRO B 328 23.72 4.26 10.87
CA PRO B 328 24.12 2.90 11.31
C PRO B 328 23.19 2.35 12.36
N LEU B 329 22.93 1.05 12.30
CA LEU B 329 21.95 0.45 13.20
C LEU B 329 22.76 -0.07 14.35
N MET B 330 22.17 -0.20 15.52
CA MET B 330 22.96 -0.70 16.62
C MET B 330 22.72 -2.18 16.74
N LEU B 331 21.74 -2.50 17.55
CA LEU B 331 21.10 -3.79 17.54
C LEU B 331 22.08 -4.92 17.90
N PRO B 332 21.55 -6.15 17.96
CA PRO B 332 20.17 -6.49 18.34
C PRO B 332 20.15 -6.74 19.82
N GLU B 333 19.09 -6.37 20.53
CA GLU B 333 19.20 -6.26 21.98
C GLU B 333 19.38 -7.56 22.74
N ASN B 334 18.33 -8.33 22.97
CA ASN B 334 18.53 -9.43 23.92
C ASN B 334 18.44 -10.81 23.31
N VAL B 335 19.25 -11.01 22.28
CA VAL B 335 19.31 -12.29 21.59
C VAL B 335 20.75 -12.73 21.59
N PRO B 336 20.96 -14.03 21.43
CA PRO B 336 22.32 -14.49 21.20
C PRO B 336 22.69 -14.16 19.77
N TYR B 337 23.98 -13.98 19.51
CA TYR B 337 24.43 -13.67 18.17
C TYR B 337 24.90 -14.91 17.41
N ASP B 338 24.58 -14.96 16.13
CA ASP B 338 25.23 -15.92 15.26
C ASP B 338 25.99 -15.12 14.21
N ILE B 339 27.07 -15.70 13.69
CA ILE B 339 27.88 -15.07 12.65
C ILE B 339 27.77 -15.93 11.37
N THR B 340 27.66 -15.29 10.21
CA THR B 340 27.59 -16.08 8.99
C THR B 340 28.42 -15.48 7.83
N PHE B 341 29.10 -16.37 7.11
CA PHE B 341 29.92 -16.01 5.99
C PHE B 341 29.24 -16.33 4.66
N GLU B 342 29.13 -15.33 3.78
CA GLU B 342 28.60 -15.48 2.43
C GLU B 342 29.69 -15.22 1.43
N ASN B 343 30.18 -16.28 0.80
CA ASN B 343 31.10 -16.18 -0.32
C ASN B 343 32.23 -15.22 -0.05
N VAL B 344 32.73 -15.24 1.18
CA VAL B 344 33.78 -14.34 1.61
C VAL B 344 35.11 -14.59 0.93
N THR B 345 35.53 -13.62 0.14
CA THR B 345 36.85 -13.63 -0.45
C THR B 345 37.66 -12.47 0.10
N PHE B 346 38.81 -12.75 0.70
CA PHE B 346 39.62 -11.70 1.34
C PHE B 346 41.09 -12.07 1.45
N GLY B 347 41.95 -11.05 1.43
CA GLY B 347 43.37 -11.21 1.69
C GLY B 347 43.98 -9.87 2.03
N TYR B 348 45.22 -9.88 2.46
CA TYR B 348 46.03 -8.67 2.51
C TYR B 348 46.78 -8.67 1.18
N HIS B 349 46.86 -7.52 0.49
CA HIS B 349 47.49 -7.40 -0.85
C HIS B 349 46.68 -8.16 -1.93
N PRO B 350 45.95 -7.40 -2.77
CA PRO B 350 44.83 -7.87 -3.60
C PRO B 350 45.16 -8.99 -4.56
N ASP B 351 46.42 -9.13 -4.92
CA ASP B 351 46.80 -10.18 -5.85
C ASP B 351 46.81 -11.53 -5.14
N ARG B 352 47.05 -11.50 -3.83
CA ARG B 352 47.14 -12.73 -3.03
C ARG B 352 45.93 -12.99 -2.09
N LYS B 353 44.99 -13.83 -2.55
CA LYS B 353 43.82 -14.23 -1.75
C LYS B 353 44.15 -15.28 -0.68
N ILE B 354 43.57 -15.12 0.50
CA ILE B 354 43.75 -16.06 1.61
C ILE B 354 42.54 -16.94 1.79
N LEU B 355 41.42 -16.27 2.00
CA LEU B 355 40.11 -16.89 2.08
C LEU B 355 39.48 -16.83 0.71
N LYS B 356 39.07 -17.97 0.19
CA LYS B 356 38.56 -17.96 -1.16
C LYS B 356 37.13 -18.40 -1.18
N ASN B 357 36.25 -17.41 -1.21
CA ASN B 357 34.86 -17.69 -1.43
C ASN B 357 34.25 -18.57 -0.36
N ALA B 358 34.81 -18.47 0.84
CA ALA B 358 34.36 -19.23 2.01
C ALA B 358 32.99 -18.78 2.50
N SER B 359 32.11 -19.76 2.72
CA SER B 359 30.80 -19.53 3.29
C SER B 359 30.62 -20.58 4.36
N PHE B 360 30.18 -20.15 5.54
CA PHE B 360 29.83 -21.09 6.59
C PHE B 360 29.03 -20.37 7.62
N THR B 361 28.67 -21.06 8.69
CA THR B 361 27.88 -20.42 9.72
C THR B 361 28.47 -20.70 11.12
N ILE B 362 28.51 -19.69 11.99
CA ILE B 362 28.91 -19.87 13.39
C ILE B 362 27.67 -19.70 14.23
N PRO B 363 26.99 -20.80 14.53
CA PRO B 363 25.67 -20.75 15.13
C PRO B 363 25.70 -20.27 16.57
N ALA B 364 24.57 -19.74 17.03
CA ALA B 364 24.55 -19.02 18.30
C ALA B 364 24.63 -19.94 19.48
N GLY B 365 25.36 -19.53 20.51
CA GLY B 365 25.39 -20.25 21.75
C GLY B 365 26.26 -21.49 21.69
N TRP B 366 26.69 -21.89 20.49
CA TRP B 366 27.51 -23.08 20.33
C TRP B 366 29.01 -22.76 20.54
N LYS B 367 29.83 -23.81 20.69
CA LYS B 367 31.27 -23.66 20.56
C LYS B 367 31.70 -24.11 19.17
N THR B 368 32.13 -23.17 18.33
CA THR B 368 32.52 -23.54 16.98
C THR B 368 34.04 -23.44 16.88
N ALA B 369 34.66 -24.47 16.31
CA ALA B 369 36.11 -24.49 16.10
C ALA B 369 36.39 -24.31 14.63
N ILE B 370 37.39 -23.51 14.31
CA ILE B 370 37.78 -23.33 12.92
C ILE B 370 39.21 -23.85 12.81
N VAL B 371 39.42 -24.94 12.10
CA VAL B 371 40.75 -25.52 12.07
C VAL B 371 41.22 -25.62 10.66
N GLY B 372 42.47 -26.03 10.49
CA GLY B 372 43.07 -26.28 9.20
C GLY B 372 44.57 -26.29 9.35
N SER B 373 45.32 -26.88 8.41
CA SER B 373 46.77 -26.76 8.44
C SER B 373 47.10 -25.34 7.99
N SER B 374 48.38 -25.03 7.75
CA SER B 374 48.72 -23.67 7.33
C SER B 374 48.16 -23.35 5.96
N GLY B 375 47.74 -22.10 5.78
CA GLY B 375 47.22 -21.64 4.51
C GLY B 375 45.71 -21.74 4.45
N SER B 376 45.13 -22.23 5.52
CA SER B 376 43.68 -22.38 5.62
C SER B 376 42.97 -21.03 5.65
N GLY B 377 43.63 -20.05 6.25
CA GLY B 377 43.03 -18.73 6.36
C GLY B 377 42.16 -18.60 7.57
N LYS B 378 42.24 -19.57 8.48
CA LYS B 378 41.49 -19.50 9.74
C LYS B 378 42.00 -18.31 10.52
N SER B 379 43.20 -17.91 10.13
CA SER B 379 43.99 -16.84 10.68
C SER B 379 43.26 -15.50 10.48
N THR B 380 42.25 -15.50 9.61
CA THR B 380 41.64 -14.24 9.21
C THR B 380 40.19 -14.14 9.65
N ILE B 381 39.66 -15.21 10.27
CA ILE B 381 38.25 -15.19 10.69
C ILE B 381 37.99 -14.07 11.75
N LEU B 382 38.84 -13.92 12.77
CA LEU B 382 38.60 -12.86 13.75
C LEU B 382 38.64 -11.45 13.15
N LYS B 383 39.70 -11.15 12.42
CA LYS B 383 39.90 -9.84 11.84
C LYS B 383 38.73 -9.35 10.98
N LEU B 384 38.10 -10.27 10.26
CA LEU B 384 36.98 -9.95 9.38
C LEU B 384 35.70 -9.72 10.20
N VAL B 385 35.51 -10.56 11.21
CA VAL B 385 34.36 -10.51 12.10
C VAL B 385 34.46 -9.30 13.00
N PHE B 386 35.68 -8.94 13.37
CA PHE B 386 35.88 -7.78 14.22
C PHE B 386 35.94 -6.50 13.36
N ARG B 387 35.92 -6.70 12.04
CA ARG B 387 35.94 -5.64 11.02
C ARG B 387 37.19 -4.76 11.05
N PHE B 388 38.33 -5.36 11.38
CA PHE B 388 39.61 -4.70 11.16
C PHE B 388 39.80 -4.47 9.64
N TYR B 389 39.32 -5.41 8.83
CA TYR B 389 39.35 -5.34 7.38
C TYR B 389 37.95 -5.59 6.84
N ASP B 390 37.76 -5.34 5.56
CA ASP B 390 36.52 -5.72 4.87
C ASP B 390 36.86 -6.72 3.78
N PRO B 391 35.92 -7.62 3.47
CA PRO B 391 36.26 -8.64 2.47
C PRO B 391 36.27 -7.99 1.09
N GLU B 392 37.13 -8.48 0.21
CA GLU B 392 37.19 -8.06 -1.18
C GLU B 392 35.88 -8.37 -1.91
N SER B 393 35.39 -9.60 -1.76
CA SER B 393 34.11 -10.05 -2.33
C SER B 393 33.35 -10.69 -1.20
N GLY B 394 32.04 -10.85 -1.36
CA GLY B 394 31.22 -11.47 -0.33
C GLY B 394 30.97 -10.60 0.88
N ARG B 395 30.16 -11.10 1.80
CA ARG B 395 29.89 -10.33 3.03
C ARG B 395 29.81 -11.22 4.28
N ILE B 396 29.73 -10.58 5.45
CA ILE B 396 29.78 -11.27 6.73
C ILE B 396 28.71 -10.77 7.69
N LEU B 397 27.84 -11.65 8.14
CA LEU B 397 26.66 -11.16 8.83
C LEU B 397 26.70 -11.49 10.29
N ILE B 398 26.14 -10.62 11.13
CA ILE B 398 25.79 -10.98 12.50
C ILE B 398 24.28 -10.82 12.62
N ASN B 399 23.60 -11.93 12.91
CA ASN B 399 22.14 -12.01 12.90
C ASN B 399 21.52 -11.61 11.59
N GLY B 400 22.09 -12.12 10.50
CA GLY B 400 21.54 -11.96 9.16
C GLY B 400 21.87 -10.64 8.47
N ARG B 401 22.29 -9.67 9.29
CA ARG B 401 22.58 -8.31 8.86
C ARG B 401 24.08 -8.17 8.58
N ASP B 402 24.42 -7.52 7.48
CA ASP B 402 25.80 -7.22 7.12
C ASP B 402 26.43 -6.40 8.23
N ILE B 403 27.60 -6.79 8.74
CA ILE B 403 28.20 -6.00 9.82
C ILE B 403 28.60 -4.60 9.38
N LYS B 404 28.67 -4.39 8.08
CA LYS B 404 28.89 -3.06 7.59
C LYS B 404 27.77 -2.10 8.06
N GLU B 405 26.55 -2.61 8.18
CA GLU B 405 25.42 -1.78 8.56
C GLU B 405 25.32 -1.50 10.06
N TYR B 406 26.22 -2.10 10.84
CA TYR B 406 26.22 -1.90 12.29
C TYR B 406 27.18 -0.74 12.66
N ASP B 407 26.92 -0.06 13.77
CA ASP B 407 27.83 0.95 14.32
C ASP B 407 29.12 0.30 14.77
N ILE B 408 30.21 0.55 14.07
CA ILE B 408 31.46 -0.19 14.29
C ILE B 408 31.93 -0.26 15.76
N ASP B 409 31.48 0.67 16.58
CA ASP B 409 31.84 0.55 17.97
C ASP B 409 30.89 -0.41 18.66
N ALA B 410 29.63 -0.42 18.24
CA ALA B 410 28.68 -1.35 18.83
C ALA B 410 29.10 -2.75 18.47
N LEU B 411 29.45 -2.94 17.20
CA LEU B 411 29.86 -4.24 16.72
C LEU B 411 30.95 -4.77 17.63
N ARG B 412 31.97 -3.96 17.81
CA ARG B 412 33.14 -4.42 18.53
C ARG B 412 32.84 -4.55 20.03
N LYS B 413 31.70 -4.03 20.46
CA LYS B 413 31.42 -4.07 21.90
C LYS B 413 30.94 -5.43 22.38
N VAL B 414 30.40 -6.25 21.48
CA VAL B 414 29.90 -7.57 21.86
C VAL B 414 30.86 -8.71 21.56
N ILE B 415 32.10 -8.40 21.22
CA ILE B 415 33.01 -9.46 20.84
C ILE B 415 34.20 -9.41 21.78
N GLY B 416 34.51 -10.51 22.45
CA GLY B 416 35.61 -10.55 23.40
C GLY B 416 36.72 -11.45 22.91
N VAL B 417 37.96 -11.05 23.07
CA VAL B 417 39.03 -11.80 22.41
C VAL B 417 40.16 -12.23 23.35
N VAL B 418 40.47 -13.52 23.35
CA VAL B 418 41.67 -14.00 24.03
C VAL B 418 42.65 -14.27 22.92
N PRO B 419 43.66 -13.41 22.79
CA PRO B 419 44.57 -13.49 21.65
C PRO B 419 45.73 -14.42 21.95
N GLN B 420 46.48 -14.79 20.92
CA GLN B 420 47.57 -15.75 21.08
C GLN B 420 48.65 -15.24 21.98
N ASP B 421 48.98 -13.97 21.83
CA ASP B 421 49.94 -13.34 22.70
C ASP B 421 49.28 -12.15 23.33
N THR B 422 49.17 -12.17 24.65
CA THR B 422 48.53 -11.07 25.37
C THR B 422 49.52 -9.93 25.59
N PRO B 423 49.07 -8.69 25.39
CA PRO B 423 49.96 -7.57 25.63
C PRO B 423 49.81 -7.03 27.05
N LEU B 424 50.89 -6.50 27.59
CA LEU B 424 50.87 -5.90 28.91
C LEU B 424 51.04 -4.38 28.86
N PHE B 425 50.12 -3.64 29.46
CA PHE B 425 50.34 -2.21 29.56
C PHE B 425 51.31 -1.91 30.69
N ASN B 426 52.14 -0.88 30.50
CA ASN B 426 53.05 -0.43 31.57
C ASN B 426 52.27 0.24 32.67
N ASP B 427 51.83 -0.58 33.60
CA ASP B 427 50.98 -0.15 34.67
C ASP B 427 51.04 -1.27 35.69
N THR B 428 50.09 -1.34 36.62
CA THR B 428 50.07 -2.46 37.56
C THR B 428 49.34 -3.63 36.94
N ILE B 429 49.51 -4.82 37.52
CA ILE B 429 48.70 -5.95 37.09
C ILE B 429 47.24 -5.60 37.26
N TRP B 430 46.90 -4.99 38.40
CA TRP B 430 45.51 -4.65 38.65
C TRP B 430 44.97 -3.86 37.49
N GLU B 431 45.73 -2.90 37.00
CA GLU B 431 45.24 -2.08 35.91
C GLU B 431 45.21 -2.84 34.59
N ASN B 432 46.03 -3.89 34.48
CA ASN B 432 45.98 -4.76 33.30
C ASN B 432 44.77 -5.67 33.32
N VAL B 433 44.46 -6.23 34.48
CA VAL B 433 43.26 -7.03 34.61
C VAL B 433 42.04 -6.13 34.49
N LYS B 434 42.10 -4.91 35.02
CA LYS B 434 40.94 -4.03 34.98
C LYS B 434 40.69 -3.47 33.59
N PHE B 435 41.69 -3.57 32.72
CA PHE B 435 41.64 -2.97 31.39
C PHE B 435 40.48 -3.51 30.58
N GLY B 436 39.97 -4.68 31.01
CA GLY B 436 38.92 -5.40 30.31
C GLY B 436 37.60 -4.69 30.33
N ARG B 437 37.24 -4.17 31.49
CA ARG B 437 36.09 -3.27 31.63
C ARG B 437 36.42 -2.20 32.66
N ILE B 438 36.32 -0.94 32.24
CA ILE B 438 36.83 0.15 33.04
C ILE B 438 36.02 0.40 34.30
N ASP B 439 34.71 0.42 34.14
CA ASP B 439 33.82 0.83 35.20
C ASP B 439 33.51 -0.30 36.13
N ALA B 440 34.42 -1.27 36.22
CA ALA B 440 34.15 -2.44 37.05
C ALA B 440 34.41 -2.17 38.53
N THR B 441 33.56 -2.74 39.40
CA THR B 441 33.77 -2.61 40.84
C THR B 441 35.05 -3.34 41.21
N ASP B 442 35.62 -2.99 42.35
CA ASP B 442 36.87 -3.61 42.76
C ASP B 442 36.62 -5.10 42.99
N GLU B 443 35.41 -5.43 43.41
CA GLU B 443 35.13 -6.80 43.76
C GLU B 443 35.02 -7.64 42.51
N GLU B 444 34.40 -7.06 41.47
CA GLU B 444 34.31 -7.70 40.15
C GLU B 444 35.69 -8.10 39.64
N VAL B 445 36.66 -7.20 39.81
CA VAL B 445 38.03 -7.44 39.38
C VAL B 445 38.65 -8.59 40.15
N ILE B 446 38.21 -8.78 41.39
CA ILE B 446 38.75 -9.85 42.23
C ILE B 446 38.22 -11.22 41.81
N THR B 447 36.90 -11.33 41.71
CA THR B 447 36.28 -12.60 41.36
C THR B 447 36.93 -13.10 40.06
N VAL B 448 37.05 -12.21 39.08
CA VAL B 448 37.65 -12.56 37.81
C VAL B 448 39.15 -12.94 37.92
N VAL B 449 39.85 -12.38 38.90
CA VAL B 449 41.24 -12.79 39.09
C VAL B 449 41.26 -14.20 39.70
N GLU B 450 40.25 -14.48 40.53
CA GLU B 450 40.07 -15.81 41.12
C GLU B 450 39.67 -16.82 40.04
N LYS B 451 38.62 -16.52 39.27
CA LYS B 451 38.12 -17.40 38.20
C LYS B 451 39.20 -17.71 37.19
N ALA B 452 40.04 -16.72 36.94
CA ALA B 452 41.11 -16.89 35.97
C ALA B 452 42.26 -17.75 36.48
N GLN B 453 42.28 -18.04 37.78
CA GLN B 453 43.41 -18.70 38.48
C GLN B 453 44.65 -17.82 38.44
N LEU B 454 44.42 -16.51 38.48
CA LEU B 454 45.50 -15.57 38.41
C LEU B 454 45.99 -15.27 39.80
N ALA B 455 45.11 -15.50 40.77
CA ALA B 455 45.40 -15.20 42.16
C ALA B 455 46.78 -15.66 42.61
N PRO B 456 47.12 -16.94 42.40
CA PRO B 456 48.43 -17.38 42.88
C PRO B 456 49.61 -16.61 42.29
N LEU B 457 49.39 -15.82 41.23
CA LEU B 457 50.44 -14.95 40.70
C LEU B 457 50.56 -13.71 41.57
N ILE B 458 49.43 -13.13 41.97
CA ILE B 458 49.48 -11.91 42.77
C ILE B 458 50.00 -12.20 44.18
N LYS B 459 49.90 -13.46 44.61
CA LYS B 459 50.40 -13.84 45.93
C LYS B 459 51.91 -14.07 45.84
N LYS B 460 52.32 -14.71 44.75
CA LYS B 460 53.72 -14.98 44.41
C LYS B 460 54.46 -13.66 44.10
N LEU B 461 53.70 -12.65 43.69
CA LEU B 461 54.27 -11.36 43.37
C LEU B 461 54.45 -10.59 44.65
N PRO B 462 55.66 -10.00 44.82
CA PRO B 462 56.01 -9.26 46.04
C PRO B 462 55.01 -8.14 46.30
N GLN B 463 54.94 -7.20 45.37
CA GLN B 463 54.16 -6.00 45.58
C GLN B 463 52.68 -6.22 45.28
N GLY B 464 52.28 -7.50 45.22
CA GLY B 464 50.89 -7.87 45.03
C GLY B 464 50.26 -7.25 43.80
N PHE B 465 48.98 -6.86 43.93
CA PHE B 465 48.27 -6.25 42.83
C PHE B 465 48.93 -4.98 42.30
N ASP B 466 49.77 -4.33 43.11
CA ASP B 466 50.39 -3.06 42.73
C ASP B 466 51.72 -3.24 42.04
N THR B 467 52.08 -4.48 41.73
CA THR B 467 53.34 -4.76 41.08
C THR B 467 53.36 -4.15 39.67
N ILE B 468 54.51 -3.68 39.22
CA ILE B 468 54.54 -3.09 37.88
C ILE B 468 54.99 -4.13 36.84
N VAL B 469 54.06 -4.45 35.95
CA VAL B 469 54.33 -5.37 34.85
C VAL B 469 54.45 -4.56 33.57
N GLY B 470 54.92 -5.21 32.50
CA GLY B 470 54.98 -4.53 31.22
C GLY B 470 56.37 -4.61 30.63
N GLU B 471 56.48 -4.16 29.38
CA GLU B 471 57.74 -4.16 28.65
C GLU B 471 58.85 -3.52 29.48
N ARG B 472 58.47 -2.48 30.22
CA ARG B 472 59.40 -1.80 31.09
C ARG B 472 59.00 -2.03 32.54
N GLY B 473 58.77 -3.29 32.88
CA GLY B 473 58.37 -3.64 34.23
C GLY B 473 58.79 -5.05 34.55
N LEU B 474 57.91 -5.82 35.17
CA LEU B 474 58.24 -7.21 35.46
C LEU B 474 57.55 -8.15 34.49
N MET B 475 58.33 -8.80 33.62
CA MET B 475 57.75 -9.78 32.71
C MET B 475 57.20 -10.95 33.53
N ILE B 476 55.99 -11.39 33.18
CA ILE B 476 55.38 -12.57 33.79
C ILE B 476 55.26 -13.65 32.70
N SER B 477 55.00 -14.90 33.08
CA SER B 477 55.01 -15.98 32.09
C SER B 477 53.86 -15.88 31.10
N GLY B 478 53.99 -16.63 30.00
CA GLY B 478 52.93 -16.71 29.01
C GLY B 478 51.65 -17.27 29.63
N GLY B 479 51.81 -18.25 30.52
CA GLY B 479 50.67 -18.84 31.18
C GLY B 479 49.88 -17.77 31.89
N GLU B 480 50.58 -16.92 32.65
CA GLU B 480 49.93 -15.87 33.41
C GLU B 480 49.37 -14.76 32.52
N LYS B 481 50.02 -14.56 31.37
CA LYS B 481 49.52 -13.60 30.42
C LYS B 481 48.18 -14.08 29.88
N GLN B 482 48.14 -15.29 29.35
CA GLN B 482 46.89 -15.83 28.79
C GLN B 482 45.84 -15.92 29.85
N ARG B 483 46.29 -16.21 31.07
CA ARG B 483 45.43 -16.26 32.23
C ARG B 483 44.82 -14.87 32.52
N LEU B 484 45.66 -13.85 32.41
CA LEU B 484 45.22 -12.47 32.55
C LEU B 484 44.26 -12.15 31.42
N ALA B 485 44.58 -12.63 30.23
CA ALA B 485 43.76 -12.39 29.06
C ALA B 485 42.34 -12.88 29.24
N ILE B 486 42.22 -14.07 29.84
CA ILE B 486 40.96 -14.70 30.18
C ILE B 486 40.17 -13.86 31.17
N ALA B 487 40.91 -13.25 32.09
CA ALA B 487 40.32 -12.38 33.08
C ALA B 487 39.65 -11.19 32.40
N ARG B 488 40.39 -10.54 31.51
CA ARG B 488 39.91 -9.38 30.78
C ARG B 488 38.59 -9.68 30.06
N VAL B 489 38.55 -10.78 29.31
CA VAL B 489 37.35 -11.08 28.52
C VAL B 489 36.20 -11.44 29.43
N LEU B 490 36.53 -11.88 30.64
CA LEU B 490 35.51 -12.17 31.65
C LEU B 490 34.87 -10.87 32.13
N LEU B 491 35.69 -9.85 32.39
CA LEU B 491 35.18 -8.55 32.83
C LEU B 491 34.39 -7.90 31.72
N LYS B 492 34.89 -7.97 30.48
CA LYS B 492 34.20 -7.36 29.33
C LYS B 492 32.87 -8.03 29.13
N ASN B 493 32.87 -9.34 29.40
CA ASN B 493 31.68 -10.20 29.40
C ASN B 493 30.83 -10.12 28.15
N ALA B 494 31.48 -10.28 27.02
CA ALA B 494 30.82 -10.15 25.73
C ALA B 494 30.09 -11.42 25.34
N ARG B 495 29.16 -11.26 24.43
CA ARG B 495 28.28 -12.33 23.97
C ARG B 495 28.94 -13.25 22.93
N ILE B 496 29.78 -12.69 22.07
CA ILE B 496 30.60 -13.46 21.14
C ILE B 496 31.99 -13.56 21.72
N MET B 497 32.59 -14.72 21.65
CA MET B 497 33.86 -14.93 22.29
C MET B 497 34.81 -15.59 21.32
N PHE B 498 35.98 -15.00 21.12
CA PHE B 498 36.96 -15.60 20.23
C PHE B 498 38.16 -16.09 21.01
N PHE B 499 38.59 -17.32 20.78
CA PHE B 499 39.83 -17.81 21.35
C PHE B 499 40.76 -18.08 20.19
N ASP B 500 41.52 -17.07 19.81
CA ASP B 500 42.39 -17.12 18.64
C ASP B 500 43.75 -17.71 19.02
N GLU B 501 43.82 -19.03 18.96
CA GLU B 501 45.02 -19.76 19.30
C GLU B 501 45.53 -19.38 20.67
N ALA B 502 44.65 -19.39 21.66
CA ALA B 502 45.00 -18.90 22.99
C ALA B 502 46.19 -19.64 23.60
N THR B 503 46.28 -20.94 23.30
CA THR B 503 47.20 -21.78 24.04
C THR B 503 48.39 -22.29 23.26
N SER B 504 48.98 -21.43 22.46
CA SER B 504 50.27 -21.75 21.85
C SER B 504 51.38 -21.19 22.75
N ALA B 505 51.09 -21.34 24.04
CA ALA B 505 52.02 -21.14 25.15
C ALA B 505 52.97 -22.32 25.05
N LEU B 506 54.16 -22.04 24.51
CA LEU B 506 55.20 -23.07 24.21
C LEU B 506 55.68 -23.89 25.44
N ASP B 507 54.74 -24.61 26.05
CA ASP B 507 55.00 -25.69 27.00
C ASP B 507 53.67 -26.41 27.17
N THR B 508 53.74 -27.72 27.28
CA THR B 508 52.55 -28.53 27.27
C THR B 508 51.75 -28.47 28.55
N HIS B 509 52.44 -28.57 29.69
CA HIS B 509 51.74 -28.71 30.97
C HIS B 509 50.88 -27.47 31.24
N THR B 510 51.28 -26.35 30.66
CA THR B 510 50.59 -25.09 30.88
C THR B 510 49.32 -25.00 30.04
N GLU B 511 49.44 -25.42 28.79
CA GLU B 511 48.30 -25.51 27.88
C GLU B 511 47.20 -26.38 28.46
N GLN B 512 47.62 -27.49 29.05
CA GLN B 512 46.71 -28.40 29.71
C GLN B 512 45.96 -27.65 30.82
N ALA B 513 46.71 -27.00 31.70
CA ALA B 513 46.12 -26.31 32.83
C ALA B 513 45.25 -25.17 32.37
N LEU B 514 45.63 -24.57 31.26
CA LEU B 514 44.93 -23.40 30.75
C LEU B 514 43.62 -23.76 30.08
N LEU B 515 43.65 -24.80 29.25
CA LEU B 515 42.48 -25.22 28.52
C LEU B 515 41.36 -25.50 29.50
N ARG B 516 41.73 -25.92 30.71
CA ARG B 516 40.78 -26.23 31.76
C ARG B 516 40.07 -24.99 32.26
N THR B 517 40.83 -23.95 32.56
CA THR B 517 40.21 -22.76 33.13
C THR B 517 39.32 -22.06 32.08
N ILE B 518 39.63 -22.27 30.80
CA ILE B 518 38.75 -21.78 29.76
C ILE B 518 37.47 -22.59 29.80
N ARG B 519 37.57 -23.89 29.99
CA ARG B 519 36.34 -24.67 29.93
C ARG B 519 35.51 -24.50 31.19
N ASP B 520 36.15 -24.03 32.26
CA ASP B 520 35.40 -23.74 33.47
C ASP B 520 34.70 -22.39 33.39
N ASN B 521 35.33 -21.40 32.77
CA ASN B 521 34.71 -20.09 32.72
C ASN B 521 33.81 -19.89 31.52
N PHE B 522 34.00 -20.69 30.48
CA PHE B 522 33.30 -20.42 29.23
C PHE B 522 32.49 -21.55 28.64
N THR B 523 31.72 -22.26 29.45
CA THR B 523 30.98 -23.41 28.94
C THR B 523 29.51 -23.16 28.57
N SER B 524 29.28 -23.13 27.25
CA SER B 524 27.99 -23.03 26.54
C SER B 524 26.90 -22.08 27.07
N GLY B 525 27.26 -21.24 28.05
CA GLY B 525 26.34 -20.33 28.74
C GLY B 525 25.74 -19.22 27.88
N SER B 526 25.13 -19.60 26.76
CA SER B 526 24.53 -18.65 25.80
C SER B 526 25.55 -17.57 25.39
N ARG B 527 26.81 -17.97 25.43
CA ARG B 527 27.87 -17.18 24.83
C ARG B 527 28.20 -18.02 23.63
N THR B 528 28.38 -17.35 22.51
CA THR B 528 28.68 -18.09 21.32
C THR B 528 30.21 -17.98 21.15
N SER B 529 30.90 -19.11 21.25
CA SER B 529 32.37 -19.13 21.37
C SER B 529 33.02 -19.60 20.08
N VAL B 530 34.00 -18.85 19.54
CA VAL B 530 34.73 -19.27 18.35
C VAL B 530 36.19 -19.62 18.63
N TYR B 531 36.59 -20.86 18.35
CA TYR B 531 37.95 -21.30 18.66
C TYR B 531 38.76 -21.45 17.41
N ILE B 532 39.78 -20.61 17.27
CA ILE B 532 40.65 -20.71 16.13
C ILE B 532 41.85 -21.50 16.59
N ALA B 533 41.98 -22.73 16.13
CA ALA B 533 43.13 -23.45 16.60
C ALA B 533 43.70 -24.44 15.64
N HIS B 534 44.94 -24.77 15.94
CA HIS B 534 45.69 -25.64 15.09
C HIS B 534 45.98 -26.96 15.80
N ARG B 535 45.95 -26.98 17.12
CA ARG B 535 46.02 -28.27 17.78
C ARG B 535 44.58 -28.77 17.89
N LEU B 536 44.16 -29.69 17.04
CA LEU B 536 42.74 -30.11 17.01
C LEU B 536 42.31 -30.73 18.34
N ARG B 537 43.28 -31.32 19.03
CA ARG B 537 43.06 -31.99 20.31
C ARG B 537 42.39 -31.06 21.32
N THR B 538 42.57 -29.75 21.14
CA THR B 538 42.11 -28.76 22.10
C THR B 538 40.73 -28.25 21.80
N ILE B 539 40.08 -28.82 20.80
CA ILE B 539 38.73 -28.38 20.46
C ILE B 539 37.83 -29.55 20.12
N ALA B 540 38.15 -30.77 20.57
CA ALA B 540 37.39 -31.92 20.12
C ALA B 540 35.98 -31.93 20.70
N ASP B 541 35.77 -31.16 21.75
CA ASP B 541 34.49 -31.15 22.41
C ASP B 541 33.59 -30.08 21.81
N ALA B 542 33.98 -29.58 20.64
CA ALA B 542 33.31 -28.43 20.04
C ALA B 542 31.95 -28.79 19.51
N ASP B 543 31.02 -27.85 19.54
CA ASP B 543 29.71 -28.14 19.00
C ASP B 543 29.73 -28.21 17.49
N LYS B 544 30.65 -27.48 16.87
CA LYS B 544 30.77 -27.51 15.42
C LYS B 544 32.21 -27.30 15.09
N ILE B 545 32.72 -28.05 14.14
CA ILE B 545 34.08 -27.80 13.75
C ILE B 545 34.06 -27.54 12.26
N ILE B 546 34.66 -26.44 11.83
CA ILE B 546 34.69 -26.08 10.43
C ILE B 546 36.10 -26.25 9.92
N VAL B 547 36.37 -27.20 9.05
CA VAL B 547 37.76 -27.34 8.64
C VAL B 547 38.05 -26.68 7.27
N LEU B 548 39.07 -25.82 7.27
CA LEU B 548 39.45 -25.06 6.09
C LEU B 548 40.74 -25.59 5.51
N ASP B 549 40.83 -25.51 4.18
CA ASP B 549 42.08 -25.78 3.51
C ASP B 549 42.25 -24.91 2.30
N ASN B 550 43.43 -24.28 2.24
CA ASN B 550 43.72 -23.33 1.18
C ASN B 550 42.61 -22.30 1.00
N GLY B 551 42.03 -21.87 2.12
CA GLY B 551 41.18 -20.71 2.10
C GLY B 551 39.74 -21.02 1.79
N ARG B 552 39.44 -22.29 1.58
CA ARG B 552 38.09 -22.72 1.26
C ARG B 552 37.59 -23.73 2.31
N VAL B 553 36.28 -23.78 2.53
CA VAL B 553 35.70 -24.70 3.52
C VAL B 553 35.63 -26.13 3.01
N ARG B 554 36.34 -27.08 3.62
CA ARG B 554 36.33 -28.44 3.09
C ARG B 554 35.34 -29.41 3.79
N GLU B 555 35.28 -29.41 5.12
CA GLU B 555 34.37 -30.26 5.88
C GLU B 555 33.79 -29.54 7.09
N GLU B 556 32.66 -30.02 7.58
CA GLU B 556 32.05 -29.41 8.74
C GLU B 556 31.30 -30.46 9.54
N GLY B 557 31.64 -30.65 10.80
CA GLY B 557 30.89 -31.58 11.63
C GLY B 557 31.42 -31.59 13.04
N LYS B 558 30.99 -32.57 13.82
CA LYS B 558 31.52 -32.73 15.16
C LYS B 558 32.71 -33.66 15.03
N HIS B 559 33.55 -33.69 16.06
CA HIS B 559 34.83 -34.40 16.08
C HIS B 559 34.74 -35.90 15.77
N LEU B 560 33.98 -36.63 16.58
CA LEU B 560 33.81 -38.07 16.45
C LEU B 560 33.21 -38.49 15.10
N GLU B 561 32.35 -37.62 14.55
CA GLU B 561 31.69 -37.79 13.26
C GLU B 561 32.67 -37.59 12.10
N LEU B 562 33.52 -36.58 12.25
CA LEU B 562 34.51 -36.19 11.26
C LEU B 562 35.62 -37.23 11.20
N LEU B 563 36.05 -37.78 12.34
CA LEU B 563 37.05 -38.83 12.32
C LEU B 563 36.58 -40.09 11.64
N ALA B 564 35.29 -40.35 11.72
CA ALA B 564 34.76 -41.60 11.19
C ALA B 564 34.37 -41.45 9.72
N MET B 565 34.04 -40.24 9.31
CA MET B 565 33.84 -39.96 7.91
C MET B 565 35.11 -40.49 7.23
N PRO B 566 34.94 -41.37 6.24
CA PRO B 566 36.03 -41.97 5.47
C PRO B 566 36.64 -40.98 4.49
N GLY B 567 37.96 -40.97 4.39
CA GLY B 567 38.65 -40.08 3.48
C GLY B 567 38.49 -38.61 3.81
N SER B 568 38.21 -38.29 5.08
CA SER B 568 38.05 -36.90 5.49
C SER B 568 39.43 -36.26 5.62
N LEU B 569 39.50 -34.94 5.51
CA LEU B 569 40.76 -34.22 5.69
C LEU B 569 41.00 -34.10 7.16
N TYR B 570 39.92 -34.01 7.92
CA TYR B 570 40.02 -33.89 9.37
C TYR B 570 40.84 -35.00 10.01
N ARG B 571 40.57 -36.25 9.61
CA ARG B 571 41.28 -37.42 10.14
C ARG B 571 42.73 -37.36 9.80
N GLU B 572 43.03 -36.87 8.60
CA GLU B 572 44.40 -36.72 8.14
C GLU B 572 45.15 -35.68 8.97
N LEU B 573 44.48 -34.57 9.26
CA LEU B 573 45.05 -33.55 10.11
C LEU B 573 45.17 -34.08 11.50
N TRP B 574 44.14 -34.77 11.97
CA TRP B 574 44.20 -35.37 13.29
C TRP B 574 45.43 -36.26 13.42
N THR B 575 45.75 -37.03 12.39
CA THR B 575 46.86 -37.95 12.49
C THR B 575 48.19 -37.21 12.60
N ILE B 576 48.39 -36.21 11.76
CA ILE B 576 49.65 -35.49 11.76
C ILE B 576 49.89 -34.88 13.14
N GLN B 577 48.88 -34.18 13.62
CA GLN B 577 48.98 -33.44 14.85
C GLN B 577 49.32 -34.36 16.00
N GLU B 578 48.75 -35.56 15.97
CA GLU B 578 49.00 -36.55 17.00
C GLU B 578 50.50 -36.90 16.99
N ASP B 579 50.98 -37.36 15.84
CA ASP B 579 52.39 -37.71 15.66
C ASP B 579 53.30 -36.55 16.01
N LEU B 580 52.87 -35.35 15.66
CA LEU B 580 53.60 -34.13 15.97
C LEU B 580 53.73 -33.98 17.50
N ASP B 581 52.60 -34.11 18.20
CA ASP B 581 52.59 -34.04 19.67
C ASP B 581 53.37 -35.19 20.28
N HIS B 582 53.29 -36.35 19.67
CA HIS B 582 54.01 -37.46 20.21
C HIS B 582 55.48 -37.14 20.10
N LEU B 583 55.89 -36.71 18.92
CA LEU B 583 57.30 -36.47 18.63
C LEU B 583 57.93 -35.42 19.54
N GLU B 584 57.32 -34.24 19.63
CA GLU B 584 57.90 -33.14 20.40
C GLU B 584 57.88 -33.41 21.89
N ASN B 585 57.06 -34.36 22.31
CA ASN B 585 57.05 -34.76 23.71
C ASN B 585 58.06 -35.86 23.95
N GLU B 586 58.30 -36.68 22.93
CA GLU B 586 59.35 -37.69 23.01
C GLU B 586 60.66 -36.91 23.01
N LEU B 587 60.73 -35.87 22.19
CA LEU B 587 61.95 -35.09 22.05
C LEU B 587 62.30 -34.34 23.33
N LYS B 588 61.29 -33.83 24.03
CA LYS B 588 61.54 -33.05 25.24
C LYS B 588 62.14 -33.94 26.33
N ASP B 589 61.68 -35.19 26.39
CA ASP B 589 62.20 -36.16 27.34
C ASP B 589 63.67 -36.48 27.12
N GLN B 590 64.08 -36.59 25.85
CA GLN B 590 65.44 -36.95 25.56
C GLN B 590 66.38 -35.76 25.82
N GLN B 591 65.87 -34.55 25.61
CA GLN B 591 66.63 -33.37 25.91
C GLN B 591 66.87 -33.27 27.40
N GLU B 592 65.94 -33.82 28.17
CA GLU B 592 66.09 -33.89 29.63
C GLU B 592 67.33 -34.71 30.02
N LEU B 593 67.51 -35.88 29.38
CA LEU B 593 68.61 -36.79 29.68
C LEU B 593 69.97 -36.21 29.39
N TRP B 594 70.03 -35.29 28.45
CA TRP B 594 71.31 -34.74 28.08
C TRP B 594 71.53 -33.44 28.80
N SER B 595 70.59 -33.12 29.68
CA SER B 595 70.60 -31.84 30.40
C SER B 595 71.31 -31.88 31.76
N HIS B 596 71.49 -33.05 32.33
CA HIS B 596 72.10 -33.20 33.64
C HIS B 596 73.25 -34.18 33.50
N PRO B 597 74.21 -34.15 34.43
CA PRO B 597 75.27 -35.18 34.36
C PRO B 597 74.76 -36.61 34.57
N GLN B 598 75.69 -37.55 34.39
CA GLN B 598 75.43 -39.00 34.48
C GLN B 598 76.58 -39.84 35.11
N TYR C 1 -3.03 14.69 -15.25
CA TYR C 1 -3.74 14.09 -14.14
C TYR C 1 -4.27 12.68 -14.53
N ILE C 2 -4.48 12.48 -15.83
CA ILE C 2 -4.85 11.16 -16.37
C ILE C 2 -3.65 10.55 -17.15
N TRP C 3 -2.66 11.39 -17.46
CA TRP C 3 -1.39 10.97 -18.08
C TRP C 3 -1.56 10.13 -19.36
N PRO C 4 -1.94 10.77 -20.48
CA PRO C 4 -1.84 10.02 -21.72
C PRO C 4 -0.42 10.07 -22.31
N LYS C 5 0.44 10.97 -21.79
CA LYS C 5 1.87 11.07 -22.19
C LYS C 5 2.84 10.87 -21.00
N GLY C 6 3.91 10.07 -21.17
CA GLY C 6 4.87 9.82 -20.08
C GLY C 6 6.30 9.41 -20.42
N ASN C 7 6.57 8.11 -20.48
CA ASN C 7 7.84 7.62 -21.01
C ASN C 7 7.72 6.46 -22.03
N ASN C 8 6.58 6.36 -22.72
CA ASN C 8 6.31 5.31 -23.71
C ASN C 8 5.86 5.92 -25.04
N LYS C 9 6.52 5.61 -26.16
CA LYS C 9 6.14 6.23 -27.44
C LYS C 9 4.79 5.70 -27.96
N VAL C 10 3.94 5.36 -27.02
CA VAL C 10 2.54 5.13 -27.26
C VAL C 10 1.91 6.51 -27.42
N ARG C 11 2.70 7.55 -27.15
CA ARG C 11 2.23 8.92 -27.26
C ARG C 11 2.30 9.45 -28.68
N ILE C 12 2.88 8.68 -29.60
CA ILE C 12 2.81 9.05 -31.01
C ILE C 12 1.36 8.91 -31.46
N ARG C 13 0.70 7.87 -30.98
CA ARG C 13 -0.72 7.63 -31.24
C ARG C 13 -1.56 8.81 -30.75
N VAL C 14 -1.10 9.46 -29.70
CA VAL C 14 -1.78 10.65 -29.16
C VAL C 14 -1.62 11.84 -30.11
N LEU C 15 -0.43 11.96 -30.72
CA LEU C 15 -0.23 12.99 -31.72
C LEU C 15 -1.12 12.70 -32.93
N ILE C 16 -1.00 11.48 -33.48
CA ILE C 16 -1.79 11.06 -34.64
C ILE C 16 -3.28 11.32 -34.48
N ALA C 17 -3.80 11.06 -33.28
CA ALA C 17 -5.23 11.25 -33.06
C ALA C 17 -5.60 12.74 -33.13
N LEU C 18 -4.81 13.56 -32.45
CA LEU C 18 -5.02 14.99 -32.46
C LEU C 18 -4.94 15.49 -33.88
N GLY C 19 -3.96 14.95 -34.62
CA GLY C 19 -3.77 15.30 -36.01
C GLY C 19 -4.95 14.85 -36.85
N LEU C 20 -5.35 13.60 -36.68
CA LEU C 20 -6.50 13.06 -37.37
C LEU C 20 -7.73 13.86 -36.98
N LEU C 21 -7.73 14.41 -35.76
CA LEU C 21 -8.82 15.26 -35.33
C LEU C 21 -8.82 16.55 -36.14
N ILE C 22 -7.68 17.24 -36.16
CA ILE C 22 -7.51 18.48 -36.92
C ILE C 22 -7.92 18.23 -38.35
N SER C 23 -7.21 17.32 -39.02
CA SER C 23 -7.44 17.13 -40.45
C SER C 23 -8.82 16.49 -40.74
N ALA C 24 -9.68 16.43 -39.72
CA ALA C 24 -11.05 15.93 -39.92
C ALA C 24 -12.03 17.09 -39.87
N LYS C 25 -11.66 18.13 -39.12
CA LYS C 25 -12.46 19.34 -39.05
C LYS C 25 -12.16 20.24 -40.25
N ILE C 26 -10.89 20.22 -40.67
CA ILE C 26 -10.42 20.89 -41.88
C ILE C 26 -11.13 20.33 -43.08
N LEU C 27 -11.16 19.01 -43.20
CA LEU C 27 -11.87 18.36 -44.29
C LEU C 27 -13.37 18.66 -44.25
N ASN C 28 -13.86 19.06 -43.08
CA ASN C 28 -15.28 19.36 -42.94
C ASN C 28 -15.59 20.79 -43.36
N VAL C 29 -14.81 21.75 -42.89
CA VAL C 29 -15.08 23.16 -43.20
C VAL C 29 -14.94 23.43 -44.71
N GLN C 30 -14.29 22.53 -45.43
CA GLN C 30 -14.16 22.67 -46.87
C GLN C 30 -15.42 22.16 -47.59
N VAL C 31 -16.27 21.44 -46.87
CA VAL C 31 -17.49 20.87 -47.44
C VAL C 31 -18.47 21.92 -47.99
N PRO C 32 -18.63 23.05 -47.28
CA PRO C 32 -19.53 24.05 -47.86
C PRO C 32 -18.94 24.81 -49.06
N PHE C 33 -17.62 24.99 -49.08
CA PHE C 33 -16.91 25.64 -50.19
C PHE C 33 -17.16 24.92 -51.52
N PHE C 34 -16.98 23.61 -51.52
CA PHE C 34 -17.13 22.80 -52.73
C PHE C 34 -18.60 22.78 -53.13
N PHE C 35 -19.47 23.07 -52.17
CA PHE C 35 -20.90 23.21 -52.46
C PHE C 35 -21.12 24.59 -53.07
N LYS C 36 -20.44 25.61 -52.52
CA LYS C 36 -20.54 26.97 -53.03
C LYS C 36 -20.02 26.98 -54.46
N GLN C 37 -18.81 26.46 -54.66
CA GLN C 37 -18.21 26.45 -55.99
C GLN C 37 -19.08 25.69 -56.98
N THR C 38 -19.66 24.58 -56.56
CA THR C 38 -20.52 23.88 -57.48
C THR C 38 -21.78 24.75 -57.72
N ILE C 39 -22.06 25.69 -56.82
CA ILE C 39 -23.20 26.60 -57.05
C ILE C 39 -22.86 27.74 -58.03
N ASP C 40 -21.76 28.45 -57.78
CA ASP C 40 -21.34 29.55 -58.62
C ASP C 40 -20.84 29.12 -60.02
N SER C 41 -20.10 28.02 -60.07
CA SER C 41 -19.54 27.52 -61.33
C SER C 41 -20.59 26.77 -62.14
N MET C 42 -21.86 27.02 -61.83
CA MET C 42 -22.98 26.49 -62.59
C MET C 42 -23.98 27.60 -62.86
N ASN C 43 -23.73 28.75 -62.24
CA ASN C 43 -24.51 29.99 -62.45
C ASN C 43 -23.89 30.79 -63.58
N ILE C 44 -23.84 30.19 -64.77
CA ILE C 44 -23.22 30.84 -65.93
C ILE C 44 -24.07 30.61 -67.18
N ALA C 45 -23.49 30.91 -68.35
CA ALA C 45 -24.18 30.93 -69.63
C ALA C 45 -25.03 29.70 -69.96
N TRP C 46 -24.36 28.63 -70.38
CA TRP C 46 -25.01 27.38 -70.79
C TRP C 46 -25.96 27.50 -71.99
N ASP C 47 -25.63 28.38 -72.93
CA ASP C 47 -26.49 28.58 -74.11
C ASP C 47 -26.53 27.34 -74.99
N ASP C 48 -25.59 26.42 -74.74
CA ASP C 48 -25.60 25.13 -75.38
C ASP C 48 -26.02 24.04 -74.39
N PRO C 49 -27.24 23.51 -74.56
CA PRO C 49 -27.78 22.53 -73.62
C PRO C 49 -27.45 21.07 -73.98
N THR C 50 -26.56 20.84 -74.94
CA THR C 50 -26.13 19.46 -75.23
C THR C 50 -24.64 19.27 -74.93
N VAL C 51 -23.99 20.32 -74.40
CA VAL C 51 -22.57 20.29 -74.03
C VAL C 51 -22.29 19.25 -72.91
N ALA C 52 -21.07 18.70 -72.83
CA ALA C 52 -20.74 17.82 -71.69
C ALA C 52 -20.33 18.65 -70.46
N LEU C 53 -20.33 18.04 -69.26
CA LEU C 53 -19.98 18.79 -68.05
C LEU C 53 -18.49 19.05 -67.97
N PRO C 54 -18.10 20.32 -67.82
CA PRO C 54 -16.70 20.70 -67.53
C PRO C 54 -16.06 19.94 -66.34
N ALA C 55 -14.97 19.22 -66.62
CA ALA C 55 -14.26 18.46 -65.61
C ALA C 55 -13.64 19.36 -64.53
N ALA C 56 -13.52 20.64 -64.83
CA ALA C 56 -12.96 21.60 -63.87
C ALA C 56 -13.92 21.75 -62.69
N ILE C 57 -15.18 21.39 -62.91
CA ILE C 57 -16.17 21.42 -61.84
C ILE C 57 -16.61 20.00 -61.47
N GLY C 58 -16.41 19.07 -62.39
CA GLY C 58 -16.55 17.65 -62.08
C GLY C 58 -15.60 17.30 -60.96
N LEU C 59 -14.49 18.05 -60.88
CA LEU C 59 -13.54 17.98 -59.77
C LEU C 59 -14.13 18.67 -58.53
N THR C 60 -14.79 19.81 -58.73
CA THR C 60 -15.41 20.55 -57.62
C THR C 60 -16.50 19.76 -56.85
N ILE C 61 -17.25 18.92 -57.57
CA ILE C 61 -18.23 18.05 -56.91
C ILE C 61 -17.62 16.73 -56.40
N LEU C 62 -16.50 16.34 -56.99
CA LEU C 62 -15.77 15.19 -56.46
C LEU C 62 -15.10 15.59 -55.18
N CYS C 63 -14.56 16.81 -55.15
CA CYS C 63 -13.96 17.35 -53.94
C CYS C 63 -15.00 17.44 -52.86
N TYR C 64 -16.25 17.71 -53.24
CA TYR C 64 -17.33 17.74 -52.28
C TYR C 64 -17.51 16.38 -51.63
N GLY C 65 -17.71 15.33 -52.44
CA GLY C 65 -17.85 14.00 -51.87
C GLY C 65 -16.66 13.58 -51.03
N VAL C 66 -15.50 13.55 -51.66
CA VAL C 66 -14.28 13.16 -50.98
C VAL C 66 -13.75 14.31 -50.11
N ALA C 67 -14.54 14.68 -49.11
CA ALA C 67 -14.16 15.73 -48.17
C ALA C 67 -15.28 15.71 -47.18
N ARG C 68 -16.44 15.30 -47.69
CA ARG C 68 -17.55 14.95 -46.83
C ARG C 68 -17.19 13.62 -46.17
N PHE C 69 -16.92 12.60 -46.99
CA PHE C 69 -16.52 11.30 -46.50
C PHE C 69 -15.18 11.36 -45.78
N GLY C 70 -14.26 12.16 -46.28
CA GLY C 70 -12.97 12.30 -45.63
C GLY C 70 -13.09 12.88 -44.24
N SER C 71 -14.14 13.67 -44.02
CA SER C 71 -14.33 14.33 -42.73
C SER C 71 -14.79 13.33 -41.67
N VAL C 72 -15.72 12.46 -42.05
CA VAL C 72 -16.21 11.40 -41.17
C VAL C 72 -15.09 10.41 -40.91
N LEU C 73 -14.49 9.93 -41.99
CA LEU C 73 -13.49 8.87 -41.92
C LEU C 73 -12.37 9.23 -40.99
N PHE C 74 -11.80 10.42 -41.17
CA PHE C 74 -10.67 10.84 -40.34
C PHE C 74 -11.15 11.08 -38.91
N GLY C 75 -12.46 11.22 -38.73
CA GLY C 75 -13.06 11.38 -37.41
C GLY C 75 -13.25 10.04 -36.75
N GLU C 76 -13.79 9.08 -37.51
CA GLU C 76 -13.90 7.74 -37.01
C GLU C 76 -12.53 7.13 -36.80
N LEU C 77 -11.57 7.48 -37.65
CA LEU C 77 -10.23 6.95 -37.46
C LEU C 77 -9.59 7.55 -36.22
N ARG C 78 -9.94 8.79 -35.90
CA ARG C 78 -9.45 9.44 -34.71
C ARG C 78 -9.94 8.65 -33.51
N ASN C 79 -11.22 8.29 -33.52
CA ASN C 79 -11.79 7.53 -32.43
C ASN C 79 -11.06 6.23 -32.19
N ALA C 80 -11.09 5.33 -33.15
CA ALA C 80 -10.51 4.01 -32.95
C ALA C 80 -9.02 4.10 -32.60
N VAL C 81 -8.33 5.12 -33.11
CA VAL C 81 -6.94 5.27 -32.76
C VAL C 81 -6.79 5.67 -31.31
N PHE C 82 -7.64 6.58 -30.85
CA PHE C 82 -7.51 7.04 -29.47
C PHE C 82 -8.05 6.00 -28.47
N ALA C 83 -8.94 5.13 -28.95
CA ALA C 83 -9.46 4.06 -28.11
C ALA C 83 -8.32 3.19 -27.65
N LYS C 84 -7.33 2.98 -28.50
CA LYS C 84 -6.15 2.24 -28.10
C LYS C 84 -5.47 2.93 -26.92
N VAL C 85 -5.52 4.26 -26.87
CA VAL C 85 -4.86 5.03 -25.81
C VAL C 85 -5.72 5.05 -24.54
N ALA C 86 -7.03 5.15 -24.73
CA ALA C 86 -7.98 5.13 -23.62
C ALA C 86 -7.95 3.76 -22.95
N GLN C 87 -8.25 2.73 -23.74
CA GLN C 87 -8.29 1.35 -23.26
C GLN C 87 -6.99 0.90 -22.64
N ASN C 88 -5.87 1.51 -23.01
CA ASN C 88 -4.62 1.21 -22.35
C ASN C 88 -4.53 1.90 -21.01
N ALA C 89 -5.10 3.09 -20.91
CA ALA C 89 -5.05 3.85 -19.67
C ALA C 89 -5.88 3.20 -18.56
N ILE C 90 -6.98 2.56 -18.92
CA ILE C 90 -7.75 1.80 -17.93
C ILE C 90 -6.96 0.57 -17.48
N ARG C 91 -6.54 -0.26 -18.44
CA ARG C 91 -5.80 -1.48 -18.15
C ARG C 91 -4.61 -1.21 -17.26
N THR C 92 -4.01 -0.03 -17.36
CA THR C 92 -2.91 0.31 -16.47
C THR C 92 -3.36 0.69 -15.07
N VAL C 93 -4.45 1.42 -14.97
CA VAL C 93 -4.88 1.86 -13.65
C VAL C 93 -5.48 0.66 -12.90
N SER C 94 -6.26 -0.15 -13.59
CA SER C 94 -6.84 -1.31 -12.93
C SER C 94 -5.79 -2.27 -12.38
N LEU C 95 -4.65 -2.39 -13.06
CA LEU C 95 -3.62 -3.30 -12.60
C LEU C 95 -2.92 -2.72 -11.39
N GLN C 96 -2.42 -1.50 -11.51
CA GLN C 96 -1.71 -0.86 -10.41
C GLN C 96 -2.60 -0.71 -9.19
N THR C 97 -3.90 -0.51 -9.41
CA THR C 97 -4.83 -0.41 -8.29
C THR C 97 -4.87 -1.77 -7.62
N PHE C 98 -5.08 -2.81 -8.43
CA PHE C 98 -5.11 -4.16 -7.95
C PHE C 98 -3.86 -4.52 -7.16
N GLN C 99 -2.69 -4.25 -7.72
CA GLN C 99 -1.44 -4.64 -7.09
C GLN C 99 -1.24 -3.94 -5.78
N HIS C 100 -1.68 -2.70 -5.69
CA HIS C 100 -1.41 -1.92 -4.53
C HIS C 100 -2.37 -2.30 -3.42
N LEU C 101 -3.58 -2.65 -3.80
CA LEU C 101 -4.59 -3.02 -2.83
C LEU C 101 -4.10 -4.24 -2.08
N MET C 102 -3.24 -5.01 -2.71
CA MET C 102 -2.72 -6.20 -2.07
C MET C 102 -1.43 -5.96 -1.31
N LYS C 103 -0.98 -4.71 -1.30
CA LYS C 103 0.13 -4.33 -0.45
C LYS C 103 -0.49 -3.78 0.82
N LEU C 104 -1.81 -3.66 0.81
CA LEU C 104 -2.50 -3.06 1.94
C LEU C 104 -2.62 -4.04 3.12
N ASP C 105 -2.78 -3.51 4.33
CA ASP C 105 -2.76 -4.32 5.56
C ASP C 105 -4.08 -5.00 5.87
N LEU C 106 -4.03 -6.10 6.63
CA LEU C 106 -5.20 -6.97 6.75
C LEU C 106 -6.40 -6.28 7.38
N GLY C 107 -6.13 -5.40 8.35
CA GLY C 107 -7.17 -4.66 9.03
C GLY C 107 -7.89 -3.73 8.06
N TRP C 108 -7.12 -3.16 7.14
CA TRP C 108 -7.68 -2.31 6.11
C TRP C 108 -8.71 -3.13 5.34
N HIS C 109 -8.31 -4.28 4.83
CA HIS C 109 -9.20 -5.08 4.03
C HIS C 109 -10.42 -5.49 4.80
N LEU C 110 -10.32 -5.52 6.11
CA LEU C 110 -11.44 -5.97 6.92
C LEU C 110 -12.34 -4.81 7.35
N SER C 111 -11.86 -3.57 7.23
CA SER C 111 -12.77 -2.45 7.49
C SER C 111 -13.56 -2.08 6.22
N ARG C 112 -12.90 -2.17 5.06
CA ARG C 112 -13.48 -1.82 3.76
C ARG C 112 -14.48 -2.86 3.28
N GLN C 113 -15.67 -2.41 2.90
CA GLN C 113 -16.66 -3.29 2.28
C GLN C 113 -16.10 -3.72 0.91
N THR C 114 -16.06 -5.02 0.64
CA THR C 114 -15.35 -5.47 -0.56
C THR C 114 -16.05 -5.15 -1.87
N GLY C 115 -17.38 -5.09 -1.86
CA GLY C 115 -18.10 -4.71 -3.06
C GLY C 115 -17.78 -3.27 -3.40
N GLY C 116 -17.79 -2.41 -2.39
CA GLY C 116 -17.55 -0.99 -2.56
C GLY C 116 -16.18 -0.66 -3.11
N LEU C 117 -15.30 -1.62 -3.12
CA LEU C 117 -13.98 -1.46 -3.69
C LEU C 117 -14.05 -1.95 -5.11
N THR C 118 -14.89 -2.96 -5.33
CA THR C 118 -15.15 -3.49 -6.65
C THR C 118 -15.90 -2.43 -7.50
N ARG C 119 -16.86 -1.73 -6.87
CA ARG C 119 -17.58 -0.61 -7.48
C ARG C 119 -16.64 0.56 -7.69
N ALA C 120 -15.75 0.81 -6.73
CA ALA C 120 -14.86 1.95 -6.84
C ALA C 120 -13.97 1.81 -8.06
N MET C 121 -13.32 0.66 -8.18
CA MET C 121 -12.37 0.47 -9.27
C MET C 121 -13.07 -0.02 -10.54
N ASP C 122 -14.37 0.20 -10.57
CA ASP C 122 -15.16 -0.09 -11.75
C ASP C 122 -15.71 1.22 -12.25
N ARG C 123 -16.45 1.91 -11.39
CA ARG C 123 -16.97 3.23 -11.72
C ARG C 123 -15.85 4.25 -11.89
N GLY C 124 -14.66 3.88 -11.44
CA GLY C 124 -13.51 4.73 -11.61
C GLY C 124 -12.88 4.53 -12.97
N THR C 125 -12.93 3.30 -13.48
CA THR C 125 -12.42 3.05 -14.83
C THR C 125 -13.40 3.62 -15.85
N LYS C 126 -14.69 3.40 -15.62
CA LYS C 126 -15.73 3.93 -16.51
C LYS C 126 -15.77 5.46 -16.40
N GLY C 127 -15.21 6.01 -15.34
CA GLY C 127 -15.11 7.45 -15.18
C GLY C 127 -13.92 8.05 -15.90
N ILE C 128 -13.15 7.21 -16.56
CA ILE C 128 -12.03 7.65 -17.38
C ILE C 128 -12.42 7.66 -18.86
N SER C 129 -13.19 6.67 -19.27
CA SER C 129 -13.65 6.62 -20.65
C SER C 129 -14.82 7.61 -20.85
N GLN C 130 -15.06 8.45 -19.85
CA GLN C 130 -16.12 9.45 -19.92
C GLN C 130 -15.52 10.84 -19.81
N VAL C 131 -14.31 10.94 -19.27
CA VAL C 131 -13.61 12.21 -19.23
C VAL C 131 -12.66 12.29 -20.41
N LEU C 132 -12.19 11.14 -20.87
CA LEU C 132 -11.34 11.13 -22.06
C LEU C 132 -12.21 11.20 -23.35
N THR C 133 -13.35 10.51 -23.36
CA THR C 133 -14.26 10.59 -24.50
C THR C 133 -14.86 11.99 -24.62
N ALA C 134 -15.07 12.65 -23.49
CA ALA C 134 -15.57 14.03 -23.53
C ALA C 134 -14.55 14.94 -24.21
N MET C 135 -13.33 14.95 -23.68
CA MET C 135 -12.29 15.85 -24.17
C MET C 135 -11.99 15.64 -25.66
N VAL C 136 -11.71 14.41 -26.03
CA VAL C 136 -11.18 14.13 -27.36
C VAL C 136 -12.27 13.97 -28.42
N PHE C 137 -13.43 13.47 -28.04
CA PHE C 137 -14.43 13.20 -29.07
C PHE C 137 -15.44 14.33 -29.21
N HIS C 138 -15.47 15.24 -28.24
CA HIS C 138 -16.50 16.29 -28.23
C HIS C 138 -15.98 17.71 -27.93
N ILE C 139 -15.49 17.94 -26.71
CA ILE C 139 -15.05 19.25 -26.29
C ILE C 139 -14.02 19.88 -27.24
N ILE C 140 -12.86 19.24 -27.38
CA ILE C 140 -11.82 19.76 -28.27
C ILE C 140 -12.24 19.91 -29.74
N PRO C 141 -12.80 18.85 -30.36
CA PRO C 141 -13.22 18.99 -31.76
C PRO C 141 -14.28 20.07 -32.02
N ILE C 142 -15.19 20.31 -31.07
CA ILE C 142 -16.23 21.30 -31.29
C ILE C 142 -15.73 22.70 -30.99
N SER C 143 -14.63 22.78 -30.27
CA SER C 143 -14.04 24.07 -29.97
C SER C 143 -13.10 24.48 -31.09
N PHE C 144 -12.46 23.49 -31.71
CA PHE C 144 -11.61 23.79 -32.86
C PHE C 144 -12.51 24.25 -34.01
N GLU C 145 -13.51 23.44 -34.35
CA GLU C 145 -14.45 23.80 -35.43
C GLU C 145 -15.14 25.15 -35.16
N ILE C 146 -15.42 25.45 -33.90
CA ILE C 146 -15.98 26.76 -33.57
C ILE C 146 -14.99 27.85 -34.01
N SER C 147 -13.72 27.64 -33.68
CA SER C 147 -12.68 28.59 -34.03
C SER C 147 -12.52 28.77 -35.53
N VAL C 148 -12.40 27.66 -36.25
CA VAL C 148 -12.21 27.68 -37.68
C VAL C 148 -13.41 28.30 -38.37
N VAL C 149 -14.61 27.93 -37.96
CA VAL C 149 -15.79 28.60 -38.51
C VAL C 149 -15.80 30.10 -38.17
N CYS C 150 -15.50 30.44 -36.91
CA CYS C 150 -15.41 31.86 -36.53
C CYS C 150 -14.24 32.58 -37.20
N GLY C 151 -13.17 31.85 -37.52
CA GLY C 151 -12.08 32.42 -38.26
C GLY C 151 -12.54 32.69 -39.68
N ILE C 152 -13.00 31.64 -40.35
CA ILE C 152 -13.47 31.75 -41.72
C ILE C 152 -14.51 32.84 -41.87
N LEU C 153 -15.48 32.88 -40.96
CA LEU C 153 -16.52 33.90 -41.03
C LEU C 153 -15.98 35.33 -40.99
N THR C 154 -15.13 35.63 -40.01
CA THR C 154 -14.52 36.95 -39.92
C THR C 154 -13.77 37.28 -41.20
N TYR C 155 -12.96 36.34 -41.69
CA TYR C 155 -12.13 36.55 -42.88
C TYR C 155 -12.95 36.82 -44.12
N GLN C 156 -13.92 35.98 -44.38
CA GLN C 156 -14.64 36.08 -45.63
C GLN C 156 -16.00 36.76 -45.53
N PHE C 157 -16.44 37.12 -44.32
CA PHE C 157 -17.78 37.71 -44.19
C PHE C 157 -17.91 38.77 -43.10
N GLY C 158 -16.85 38.94 -42.30
CA GLY C 158 -16.83 39.99 -41.28
C GLY C 158 -17.35 39.52 -39.93
N ALA C 159 -16.88 40.16 -38.87
CA ALA C 159 -17.22 39.77 -37.51
C ALA C 159 -18.70 39.92 -37.20
N SER C 160 -19.45 40.53 -38.11
CA SER C 160 -20.89 40.66 -37.94
C SER C 160 -21.48 39.28 -37.72
N PHE C 161 -21.10 38.35 -38.60
CA PHE C 161 -21.58 36.98 -38.51
C PHE C 161 -20.94 36.27 -37.30
N ALA C 162 -19.61 36.39 -37.18
CA ALA C 162 -18.85 35.72 -36.12
C ALA C 162 -19.40 36.07 -34.74
N ALA C 163 -19.76 37.33 -34.54
CA ALA C 163 -20.34 37.77 -33.29
C ALA C 163 -21.64 37.00 -32.96
N ILE C 164 -22.39 36.58 -33.98
CA ILE C 164 -23.62 35.82 -33.70
C ILE C 164 -23.42 34.31 -33.57
N THR C 165 -22.47 33.75 -34.33
CA THR C 165 -22.15 32.32 -34.23
C THR C 165 -21.68 31.98 -32.85
N PHE C 166 -20.58 32.60 -32.42
CA PHE C 166 -20.01 32.32 -31.13
C PHE C 166 -21.05 32.56 -30.04
N SER C 167 -21.85 33.61 -30.20
CA SER C 167 -22.89 33.88 -29.22
C SER C 167 -23.96 32.79 -29.23
N THR C 168 -24.28 32.28 -30.42
CA THR C 168 -25.29 31.21 -30.54
C THR C 168 -24.87 29.95 -29.77
N MET C 169 -23.59 29.60 -29.92
CA MET C 169 -22.95 28.52 -29.18
C MET C 169 -22.98 28.83 -27.69
N LEU C 170 -22.52 30.02 -27.32
CA LEU C 170 -22.53 30.45 -25.93
C LEU C 170 -23.93 30.41 -25.36
N LEU C 171 -24.92 30.73 -26.20
CA LEU C 171 -26.30 30.69 -25.75
C LEU C 171 -26.75 29.26 -25.65
N TYR C 172 -26.40 28.46 -26.67
CA TYR C 172 -26.82 27.05 -26.72
C TYR C 172 -26.29 26.24 -25.55
N SER C 173 -25.03 26.49 -25.15
CA SER C 173 -24.42 25.82 -24.00
C SER C 173 -25.14 26.25 -22.75
N ILE C 174 -25.08 27.55 -22.44
CA ILE C 174 -25.64 28.03 -21.18
C ILE C 174 -27.17 27.97 -21.18
N PHE C 175 -27.74 27.32 -22.20
CA PHE C 175 -29.14 26.97 -22.15
C PHE C 175 -29.29 25.49 -21.86
N THR C 176 -28.69 24.67 -22.71
CA THR C 176 -28.77 23.21 -22.56
C THR C 176 -28.39 22.78 -21.17
N ILE C 177 -27.18 23.12 -20.73
CA ILE C 177 -26.74 22.81 -19.38
C ILE C 177 -27.74 23.33 -18.33
N LYS C 178 -28.09 24.61 -18.39
CA LYS C 178 -29.01 25.19 -17.41
C LYS C 178 -30.45 24.62 -17.50
N THR C 179 -30.83 24.05 -18.64
CA THR C 179 -32.14 23.41 -18.79
C THR C 179 -32.15 21.96 -18.33
N THR C 180 -31.05 21.26 -18.61
CA THR C 180 -30.94 19.84 -18.28
C THR C 180 -30.84 19.59 -16.76
N ALA C 181 -30.27 20.56 -16.04
CA ALA C 181 -30.13 20.45 -14.59
C ALA C 181 -31.49 20.65 -13.96
N TRP C 182 -32.40 21.25 -14.71
CA TRP C 182 -33.77 21.46 -14.25
C TRP C 182 -34.62 20.23 -14.47
N ARG C 183 -34.21 19.38 -15.40
CA ARG C 183 -35.00 18.21 -15.72
C ARG C 183 -34.42 16.87 -15.24
N THR C 184 -33.18 16.86 -14.75
CA THR C 184 -32.69 15.61 -14.17
C THR C 184 -33.42 15.38 -12.83
N HIS C 185 -33.91 16.46 -12.22
CA HIS C 185 -34.76 16.34 -11.03
C HIS C 185 -36.18 15.94 -11.42
N PHE C 186 -36.31 15.23 -12.54
CA PHE C 186 -37.58 14.71 -13.03
C PHE C 186 -37.42 13.24 -13.28
N ARG C 187 -36.29 12.86 -13.88
CA ARG C 187 -36.01 11.45 -14.13
C ARG C 187 -35.51 10.81 -12.86
N ARG C 188 -34.97 11.62 -11.94
CA ARG C 188 -34.58 11.09 -10.63
C ARG C 188 -35.80 10.88 -9.73
N ASP C 189 -36.93 11.45 -10.12
CA ASP C 189 -38.20 11.23 -9.44
C ASP C 189 -39.00 10.15 -10.16
N ALA C 190 -38.60 9.83 -11.38
CA ALA C 190 -39.31 8.80 -12.10
C ALA C 190 -38.86 7.46 -11.56
N ASN C 191 -37.54 7.22 -11.53
CA ASN C 191 -37.06 5.93 -11.07
C ASN C 191 -37.17 5.79 -9.57
N LYS C 192 -37.37 6.91 -8.89
CA LYS C 192 -37.60 6.86 -7.45
C LYS C 192 -38.86 6.06 -7.20
N ALA C 193 -39.94 6.44 -7.84
CA ALA C 193 -41.18 5.70 -7.68
C ALA C 193 -41.08 4.29 -8.28
N ASP C 194 -40.38 4.15 -9.41
CA ASP C 194 -40.23 2.86 -10.08
C ASP C 194 -39.64 1.90 -9.07
N ASN C 195 -38.66 2.38 -8.30
CA ASN C 195 -38.09 1.59 -7.23
C ASN C 195 -39.10 1.28 -6.13
N LYS C 196 -39.91 2.26 -5.74
CA LYS C 196 -40.95 2.00 -4.75
C LYS C 196 -41.93 0.93 -5.25
N ALA C 197 -42.40 1.09 -6.48
CA ALA C 197 -43.28 0.09 -7.07
C ALA C 197 -42.55 -1.21 -7.23
N ALA C 198 -41.23 -1.15 -7.35
CA ALA C 198 -40.46 -2.38 -7.50
C ALA C 198 -40.62 -3.23 -6.25
N SER C 199 -40.52 -2.60 -5.08
CA SER C 199 -40.58 -3.32 -3.82
C SER C 199 -42.01 -3.78 -3.55
N VAL C 200 -42.98 -2.93 -3.85
CA VAL C 200 -44.36 -3.32 -3.65
C VAL C 200 -44.70 -4.57 -4.48
N ALA C 201 -44.20 -4.66 -5.70
CA ALA C 201 -44.47 -5.85 -6.51
C ALA C 201 -43.78 -7.09 -5.93
N LEU C 202 -42.52 -6.91 -5.53
CA LEU C 202 -41.70 -8.00 -4.99
C LEU C 202 -42.21 -8.46 -3.62
N ASP C 203 -42.51 -7.50 -2.74
CA ASP C 203 -43.07 -7.83 -1.43
C ASP C 203 -44.40 -8.58 -1.58
N SER C 204 -45.24 -8.18 -2.51
CA SER C 204 -46.49 -8.90 -2.75
C SER C 204 -46.27 -10.25 -3.39
N LEU C 205 -45.02 -10.58 -3.69
CA LEU C 205 -44.73 -11.88 -4.25
C LEU C 205 -43.92 -12.77 -3.31
N ILE C 206 -43.09 -12.15 -2.47
CA ILE C 206 -42.34 -12.92 -1.48
C ILE C 206 -43.29 -13.27 -0.32
N ASN C 207 -44.05 -12.28 0.11
CA ASN C 207 -45.00 -12.42 1.19
C ASN C 207 -46.40 -12.65 0.64
N PHE C 208 -46.51 -13.54 -0.35
CA PHE C 208 -47.80 -13.76 -0.99
C PHE C 208 -48.78 -14.39 -0.03
N GLU C 209 -48.26 -15.19 0.91
CA GLU C 209 -49.09 -15.84 1.90
C GLU C 209 -49.51 -14.83 2.94
N ALA C 210 -48.56 -14.02 3.40
CA ALA C 210 -48.84 -13.00 4.40
C ALA C 210 -49.97 -12.06 3.97
N VAL C 211 -49.98 -11.69 2.69
CA VAL C 211 -51.01 -10.80 2.19
C VAL C 211 -52.31 -11.55 2.01
N LYS C 212 -52.19 -12.87 1.84
CA LYS C 212 -53.37 -13.73 1.69
C LYS C 212 -54.01 -14.02 3.04
N TYR C 213 -53.17 -14.22 4.06
CA TYR C 213 -53.57 -14.50 5.44
C TYR C 213 -54.26 -13.30 6.02
N PHE C 214 -54.01 -12.14 5.43
CA PHE C 214 -54.74 -10.99 5.88
C PHE C 214 -55.68 -10.54 4.79
N ASN C 215 -56.36 -9.44 5.05
CA ASN C 215 -57.30 -8.87 4.12
C ASN C 215 -56.55 -8.48 2.86
N ASN C 216 -56.29 -7.18 2.75
CA ASN C 216 -55.31 -6.64 1.81
C ASN C 216 -55.51 -7.14 0.37
N GLU C 217 -54.44 -7.40 -0.38
CA GLU C 217 -54.57 -7.59 -1.85
C GLU C 217 -55.08 -6.32 -2.56
N LYS C 218 -56.33 -5.92 -2.30
CA LYS C 218 -56.79 -4.64 -2.81
C LYS C 218 -55.93 -3.55 -2.25
N TYR C 219 -55.62 -3.63 -0.96
CA TYR C 219 -54.82 -2.61 -0.30
C TYR C 219 -53.46 -2.56 -0.98
N LEU C 220 -52.86 -3.71 -1.21
CA LEU C 220 -51.55 -3.75 -1.85
C LEU C 220 -51.58 -3.48 -3.35
N ALA C 221 -52.73 -3.71 -3.99
CA ALA C 221 -52.85 -3.40 -5.40
C ALA C 221 -52.78 -1.90 -5.66
N ASP C 222 -53.51 -1.10 -4.89
CA ASP C 222 -53.41 0.31 -5.16
C ASP C 222 -52.33 0.99 -4.33
N LYS C 223 -51.65 0.24 -3.48
CA LYS C 223 -50.43 0.77 -2.88
C LYS C 223 -49.41 0.78 -3.99
N TYR C 224 -49.59 -0.13 -4.95
CA TYR C 224 -48.78 -0.26 -6.15
C TYR C 224 -49.14 0.87 -7.10
N ASN C 225 -50.43 0.93 -7.42
CA ASN C 225 -50.95 1.93 -8.36
C ASN C 225 -50.50 3.35 -8.05
N GLY C 226 -50.47 3.71 -6.78
CA GLY C 226 -50.04 5.02 -6.37
C GLY C 226 -48.65 5.25 -6.91
N SER C 227 -47.74 4.34 -6.63
CA SER C 227 -46.38 4.44 -7.14
C SER C 227 -46.34 4.24 -8.65
N LEU C 228 -47.31 3.51 -9.21
CA LEU C 228 -47.38 3.37 -10.67
C LEU C 228 -47.81 4.67 -11.35
N MET C 229 -48.79 5.34 -10.75
CA MET C 229 -49.31 6.64 -11.19
C MET C 229 -48.26 7.71 -10.92
N ASN C 230 -47.53 7.57 -9.82
CA ASN C 230 -46.49 8.54 -9.51
C ASN C 230 -45.33 8.43 -10.50
N TYR C 231 -45.18 7.26 -11.13
CA TYR C 231 -44.17 7.03 -12.16
C TYR C 231 -44.64 7.47 -13.54
N ARG C 232 -45.89 7.15 -13.87
CA ARG C 232 -46.51 7.64 -15.11
C ARG C 232 -46.41 9.14 -15.14
N ASP C 233 -46.98 9.77 -14.12
CA ASP C 233 -46.99 11.22 -14.00
C ASP C 233 -45.60 11.81 -14.01
N SER C 234 -44.60 11.00 -13.73
CA SER C 234 -43.25 11.49 -13.71
C SER C 234 -42.54 11.24 -15.03
N GLN C 235 -42.79 10.09 -15.64
CA GLN C 235 -42.13 9.78 -16.93
C GLN C 235 -42.69 10.64 -18.06
N ILE C 236 -43.92 11.13 -17.86
CA ILE C 236 -44.58 12.05 -18.77
C ILE C 236 -43.95 13.44 -18.64
N LYS C 237 -43.68 13.86 -17.41
CA LYS C 237 -43.04 15.15 -17.14
C LYS C 237 -41.55 15.05 -17.43
N VAL C 238 -41.14 13.89 -17.92
CA VAL C 238 -39.82 13.75 -18.52
C VAL C 238 -39.96 13.95 -20.02
N SER C 239 -40.82 13.15 -20.63
CA SER C 239 -41.06 13.24 -22.06
C SER C 239 -41.47 14.65 -22.48
N GLN C 240 -42.29 15.32 -21.68
CA GLN C 240 -42.65 16.69 -21.97
C GLN C 240 -41.42 17.56 -21.85
N SER C 241 -40.76 17.46 -20.71
CA SER C 241 -39.59 18.31 -20.46
C SER C 241 -38.46 18.04 -21.45
N LEU C 242 -38.53 16.92 -22.17
CA LEU C 242 -37.53 16.65 -23.19
C LEU C 242 -37.80 17.46 -24.46
N ALA C 243 -39.05 17.49 -24.90
CA ALA C 243 -39.45 18.25 -26.10
C ALA C 243 -38.99 19.69 -25.97
N PHE C 244 -39.16 20.28 -24.79
CA PHE C 244 -38.72 21.64 -24.48
C PHE C 244 -37.20 21.83 -24.59
N LEU C 245 -36.41 20.79 -24.42
CA LEU C 245 -34.98 20.97 -24.62
C LEU C 245 -34.71 20.89 -26.11
N ASN C 246 -35.26 19.87 -26.75
CA ASN C 246 -35.06 19.68 -28.19
C ASN C 246 -35.55 20.84 -29.04
N SER C 247 -36.57 21.53 -28.52
CA SER C 247 -37.18 22.65 -29.21
C SER C 247 -36.44 23.95 -28.95
N GLY C 248 -36.08 24.15 -27.69
CA GLY C 248 -35.32 25.33 -27.28
C GLY C 248 -33.98 25.30 -27.98
N GLN C 249 -33.48 24.10 -28.21
CA GLN C 249 -32.20 23.95 -28.89
C GLN C 249 -32.32 24.27 -30.37
N ASN C 250 -33.44 23.89 -30.97
CA ASN C 250 -33.68 24.15 -32.39
C ASN C 250 -33.99 25.64 -32.62
N LEU C 251 -34.62 26.27 -31.63
CA LEU C 251 -34.89 27.70 -31.71
C LEU C 251 -33.57 28.45 -31.79
N ILE C 252 -32.64 28.12 -30.91
CA ILE C 252 -31.35 28.79 -30.88
C ILE C 252 -30.64 28.67 -32.23
N PHE C 253 -30.72 27.52 -32.88
CA PHE C 253 -30.02 27.40 -34.15
C PHE C 253 -30.79 28.02 -35.28
N THR C 254 -32.10 27.78 -35.34
CA THR C 254 -32.90 28.32 -36.44
C THR C 254 -32.90 29.87 -36.49
N THR C 255 -32.91 30.55 -35.36
CA THR C 255 -32.80 32.01 -35.47
C THR C 255 -31.36 32.34 -35.88
N ALA C 256 -30.38 31.65 -35.32
CA ALA C 256 -28.98 31.89 -35.70
C ALA C 256 -28.78 31.77 -37.20
N LEU C 257 -29.44 30.77 -37.82
CA LEU C 257 -29.32 30.54 -39.25
C LEU C 257 -30.27 31.41 -40.05
N THR C 258 -31.40 31.79 -39.47
CA THR C 258 -32.34 32.62 -40.22
C THR C 258 -31.81 34.07 -40.32
N ALA C 259 -31.29 34.59 -39.22
CA ALA C 259 -30.72 35.93 -39.18
C ALA C 259 -29.46 36.03 -40.05
N MET C 260 -28.77 34.91 -40.21
CA MET C 260 -27.56 34.84 -41.03
C MET C 260 -27.91 34.78 -42.52
N MET C 261 -29.11 34.28 -42.82
CA MET C 261 -29.61 34.31 -44.18
C MET C 261 -29.95 35.76 -44.53
N TYR C 262 -30.58 36.44 -43.58
CA TYR C 262 -30.79 37.87 -43.72
C TYR C 262 -29.44 38.54 -43.97
N MET C 263 -28.62 38.63 -42.91
CA MET C 263 -27.31 39.25 -42.98
C MET C 263 -26.53 38.81 -44.22
N GLY C 264 -26.76 37.59 -44.64
CA GLY C 264 -26.14 37.07 -45.83
C GLY C 264 -26.72 37.72 -47.07
N CYS C 265 -28.04 37.90 -47.09
CA CYS C 265 -28.68 38.44 -48.28
C CYS C 265 -28.54 39.97 -48.44
N THR C 266 -28.13 40.65 -47.37
CA THR C 266 -27.87 42.09 -47.46
C THR C 266 -26.46 42.33 -48.01
N GLY C 267 -25.57 41.36 -47.80
CA GLY C 267 -24.25 41.45 -48.39
C GLY C 267 -24.27 41.00 -49.84
N VAL C 268 -25.44 40.54 -50.30
CA VAL C 268 -25.65 40.16 -51.71
C VAL C 268 -26.19 41.36 -52.50
N ILE C 269 -26.89 42.24 -51.78
CA ILE C 269 -27.29 43.55 -52.31
C ILE C 269 -26.04 44.39 -52.59
N GLY C 270 -25.17 44.51 -51.59
CA GLY C 270 -23.94 45.28 -51.71
C GLY C 270 -22.90 44.66 -52.63
N GLY C 271 -23.28 43.61 -53.35
CA GLY C 271 -22.41 42.99 -54.33
C GLY C 271 -21.15 42.34 -53.78
N ASN C 272 -21.05 42.25 -52.46
CA ASN C 272 -19.91 41.58 -51.82
C ASN C 272 -20.02 40.05 -51.75
N LEU C 273 -21.25 39.53 -51.72
CA LEU C 273 -21.51 38.09 -51.57
C LEU C 273 -22.26 37.47 -52.75
N THR C 274 -21.77 36.32 -53.19
CA THR C 274 -22.47 35.59 -54.24
C THR C 274 -23.71 34.88 -53.68
N VAL C 275 -24.39 34.12 -54.53
CA VAL C 275 -25.55 33.34 -54.10
C VAL C 275 -25.10 32.02 -53.44
N GLY C 276 -23.85 31.64 -53.69
CA GLY C 276 -23.22 30.47 -53.11
C GLY C 276 -22.63 30.76 -51.74
N ASP C 277 -22.42 32.04 -51.43
CA ASP C 277 -21.98 32.45 -50.10
C ASP C 277 -23.14 32.39 -49.09
N LEU C 278 -24.34 32.18 -49.59
CA LEU C 278 -25.48 32.02 -48.70
C LEU C 278 -25.44 30.59 -48.17
N VAL C 279 -25.21 29.64 -49.08
CA VAL C 279 -25.03 28.24 -48.70
C VAL C 279 -23.81 28.07 -47.84
N LEU C 280 -22.76 28.79 -48.18
CA LEU C 280 -21.53 28.73 -47.41
C LEU C 280 -21.76 29.13 -45.93
N ILE C 281 -22.18 30.37 -45.66
CA ILE C 281 -22.36 30.81 -44.27
C ILE C 281 -23.43 29.98 -43.54
N ASN C 282 -24.35 29.39 -44.29
CA ASN C 282 -25.37 28.53 -43.70
C ASN C 282 -24.81 27.16 -43.30
N GLN C 283 -24.39 26.41 -44.32
CA GLN C 283 -23.92 25.06 -44.14
C GLN C 283 -22.69 24.97 -43.24
N LEU C 284 -21.85 25.99 -43.25
CA LEU C 284 -20.66 26.02 -42.40
C LEU C 284 -21.02 26.20 -40.92
N VAL C 285 -21.96 27.11 -40.65
CA VAL C 285 -22.45 27.37 -39.29
C VAL C 285 -23.27 26.17 -38.79
N PHE C 286 -24.13 25.65 -39.66
CA PHE C 286 -24.96 24.49 -39.34
C PHE C 286 -24.17 23.23 -38.93
N GLN C 287 -23.03 23.00 -39.57
CA GLN C 287 -22.18 21.86 -39.25
C GLN C 287 -21.68 21.87 -37.82
N LEU C 288 -21.97 22.96 -37.09
CA LEU C 288 -21.64 23.00 -35.67
C LEU C 288 -22.84 22.55 -34.81
N SER C 289 -23.96 22.21 -35.46
CA SER C 289 -25.16 21.78 -34.72
C SER C 289 -25.14 20.28 -34.48
N VAL C 290 -24.54 19.56 -35.43
CA VAL C 290 -24.51 18.09 -35.41
C VAL C 290 -23.98 17.47 -34.11
N PRO C 291 -22.77 17.87 -33.68
CA PRO C 291 -22.22 17.22 -32.48
C PRO C 291 -22.62 17.92 -31.19
N LEU C 292 -23.40 18.98 -31.29
CA LEU C 292 -23.77 19.74 -30.11
C LEU C 292 -24.85 19.00 -29.33
N ASN C 293 -25.58 18.12 -30.01
CA ASN C 293 -26.61 17.32 -29.35
C ASN C 293 -25.96 16.41 -28.31
N PHE C 294 -24.80 15.86 -28.64
CA PHE C 294 -24.08 15.01 -27.73
C PHE C 294 -23.56 15.85 -26.54
N LEU C 295 -22.63 16.76 -26.81
CA LEU C 295 -22.16 17.70 -25.78
C LEU C 295 -23.35 18.47 -25.17
N GLY C 296 -24.21 17.74 -24.47
CA GLY C 296 -25.32 18.29 -23.72
C GLY C 296 -25.67 17.30 -22.65
N SER C 297 -25.76 16.04 -23.07
CA SER C 297 -26.01 14.94 -22.16
C SER C 297 -24.78 14.76 -21.25
N VAL C 298 -23.63 15.27 -21.70
CA VAL C 298 -22.43 15.25 -20.89
C VAL C 298 -22.53 16.28 -19.74
N TYR C 299 -21.53 17.15 -19.62
CA TYR C 299 -21.39 18.07 -18.48
C TYR C 299 -21.62 17.44 -17.08
N ARG C 300 -22.83 16.91 -16.82
CA ARG C 300 -23.14 16.24 -15.53
C ARG C 300 -22.28 14.98 -15.32
N ASP C 301 -22.07 14.22 -16.41
CA ASP C 301 -21.18 13.07 -16.36
C ASP C 301 -19.80 13.52 -15.93
N LEU C 302 -19.34 14.61 -16.52
CA LEU C 302 -18.03 15.17 -16.21
C LEU C 302 -17.87 15.42 -14.71
N LYS C 303 -18.92 15.92 -14.04
CA LYS C 303 -18.85 16.17 -12.59
C LYS C 303 -18.78 14.87 -11.82
N GLN C 304 -19.65 13.93 -12.18
CA GLN C 304 -19.68 12.63 -11.54
C GLN C 304 -18.38 11.90 -11.82
N SER C 305 -18.07 11.76 -13.10
CA SER C 305 -16.88 11.06 -13.53
C SER C 305 -15.59 11.74 -13.07
N LEU C 306 -15.69 12.97 -12.58
CA LEU C 306 -14.52 13.64 -12.05
C LEU C 306 -14.15 13.14 -10.66
N ILE C 307 -15.16 12.93 -9.82
CA ILE C 307 -14.97 12.48 -8.44
C ILE C 307 -14.85 10.95 -8.33
N ASP C 308 -15.61 10.23 -9.17
CA ASP C 308 -15.52 8.78 -9.25
C ASP C 308 -14.13 8.35 -9.70
N MET C 309 -13.46 9.25 -10.40
CA MET C 309 -12.07 9.05 -10.80
C MET C 309 -11.19 9.42 -9.62
N GLU C 310 -11.62 10.42 -8.83
CA GLU C 310 -10.82 10.84 -7.69
C GLU C 310 -10.89 9.84 -6.57
N THR C 311 -12.09 9.32 -6.31
CA THR C 311 -12.21 8.31 -5.26
C THR C 311 -11.33 7.10 -5.63
N LEU C 312 -11.37 6.67 -6.90
CA LEU C 312 -10.56 5.53 -7.34
C LEU C 312 -9.06 5.77 -7.20
N PHE C 313 -8.66 7.03 -7.31
CA PHE C 313 -7.25 7.33 -7.18
C PHE C 313 -6.84 7.30 -5.71
N LYS C 314 -7.78 7.63 -4.81
CA LYS C 314 -7.50 7.62 -3.37
C LYS C 314 -7.03 6.22 -2.95
N LEU C 315 -7.45 5.20 -3.69
CA LEU C 315 -7.06 3.85 -3.36
C LEU C 315 -5.55 3.67 -3.33
N ARG C 316 -4.83 4.31 -4.25
CA ARG C 316 -3.38 4.16 -4.22
C ARG C 316 -2.76 5.10 -3.20
N LYS C 317 -3.57 6.04 -2.72
CA LYS C 317 -3.13 6.97 -1.69
C LYS C 317 -2.91 6.19 -0.40
N ASN C 318 -3.77 5.21 -0.15
CA ASN C 318 -3.73 4.49 1.12
C ASN C 318 -2.37 3.88 1.43
N GLU C 319 -1.83 4.25 2.59
CA GLU C 319 -0.46 3.90 2.98
C GLU C 319 -0.36 2.45 3.45
N VAL C 320 0.83 1.89 3.31
CA VAL C 320 1.10 0.52 3.72
C VAL C 320 1.66 0.52 5.14
N LYS C 321 0.84 0.07 6.10
CA LYS C 321 1.20 0.18 7.53
C LYS C 321 2.26 -0.84 7.98
N ILE C 322 2.20 -2.04 7.42
CA ILE C 322 3.19 -3.07 7.69
C ILE C 322 4.19 -3.07 6.55
N LYS C 323 5.25 -2.27 6.65
CA LYS C 323 6.25 -2.22 5.57
C LYS C 323 7.54 -2.84 6.06
N ASN C 324 8.28 -3.48 5.16
CA ASN C 324 9.62 -3.95 5.58
C ASN C 324 10.64 -2.83 5.51
N ALA C 325 11.63 -2.90 6.38
CA ALA C 325 12.52 -1.75 6.60
C ALA C 325 13.60 -1.61 5.55
N GLU C 326 14.47 -0.62 5.79
CA GLU C 326 15.57 -0.32 4.90
C GLU C 326 16.55 -1.50 4.94
N ARG C 327 16.94 -2.01 3.77
CA ARG C 327 17.81 -3.18 3.72
C ARG C 327 17.27 -4.32 4.61
N PRO C 328 16.22 -4.98 4.12
CA PRO C 328 15.55 -6.03 4.89
C PRO C 328 16.31 -7.33 4.74
N LEU C 329 16.19 -8.19 5.74
CA LEU C 329 16.88 -9.45 5.72
C LEU C 329 16.00 -10.56 5.10
N MET C 330 16.64 -11.61 4.59
CA MET C 330 15.95 -12.79 4.10
C MET C 330 16.24 -13.91 5.11
N LEU C 331 17.37 -14.51 4.87
CA LEU C 331 18.06 -15.27 5.88
C LEU C 331 17.34 -16.54 6.40
N PRO C 332 17.95 -17.16 7.44
CA PRO C 332 18.60 -18.46 7.62
C PRO C 332 18.34 -19.50 6.56
N GLU C 333 19.44 -20.07 6.04
CA GLU C 333 19.40 -20.89 4.82
C GLU C 333 18.84 -22.28 4.95
N ASN C 334 19.65 -23.19 5.46
CA ASN C 334 19.25 -24.60 5.49
C ASN C 334 19.17 -25.11 6.91
N VAL C 335 18.38 -24.41 7.70
CA VAL C 335 18.21 -24.73 9.10
C VAL C 335 16.73 -24.88 9.39
N PRO C 336 16.39 -25.62 10.45
CA PRO C 336 14.96 -25.57 10.82
C PRO C 336 14.68 -24.26 11.55
N TYR C 337 13.46 -23.74 11.43
CA TYR C 337 13.16 -22.47 12.08
C TYR C 337 12.49 -22.66 13.43
N ASP C 338 12.87 -21.84 14.40
CA ASP C 338 12.12 -21.75 15.63
C ASP C 338 11.49 -20.38 15.75
N ILE C 339 10.36 -20.30 16.43
CA ILE C 339 9.68 -19.05 16.63
C ILE C 339 9.73 -18.75 18.12
N THR C 340 9.93 -17.50 18.50
CA THR C 340 9.92 -17.18 19.91
C THR C 340 9.22 -15.85 20.17
N PHE C 341 8.33 -15.83 21.17
CA PHE C 341 7.61 -14.62 21.54
C PHE C 341 8.29 -14.04 22.77
N GLU C 342 8.63 -12.74 22.71
CA GLU C 342 9.22 -12.03 23.84
C GLU C 342 8.34 -10.89 24.31
N ASN C 343 7.71 -11.04 25.47
CA ASN C 343 6.91 -9.98 26.05
C ASN C 343 5.90 -9.36 25.09
N VAL C 344 5.37 -10.23 24.23
CA VAL C 344 4.44 -9.82 23.21
C VAL C 344 3.09 -9.42 23.81
N THR C 345 2.73 -8.15 23.63
CA THR C 345 1.41 -7.64 23.93
C THR C 345 0.74 -7.22 22.61
N PHE C 346 -0.48 -7.68 22.34
CA PHE C 346 -1.12 -7.30 21.07
C PHE C 346 -2.62 -7.33 21.17
N GLY C 347 -3.26 -6.46 20.39
CA GLY C 347 -4.70 -6.44 20.20
C GLY C 347 -5.12 -5.68 18.95
N TYR C 348 -6.40 -5.78 18.61
CA TYR C 348 -7.02 -4.85 17.67
C TYR C 348 -7.71 -3.81 18.54
N HIS C 349 -7.56 -2.52 18.23
CA HIS C 349 -8.05 -1.43 19.09
C HIS C 349 -7.27 -1.41 20.41
N PRO C 350 -6.42 -0.39 20.62
CA PRO C 350 -5.37 -0.41 21.66
C PRO C 350 -5.82 -0.61 23.11
N ASP C 351 -7.05 -0.22 23.40
CA ASP C 351 -7.61 -0.34 24.73
C ASP C 351 -7.98 -1.78 25.09
N ARG C 352 -8.28 -2.59 24.07
CA ARG C 352 -8.68 -3.98 24.30
C ARG C 352 -7.57 -4.96 23.90
N LYS C 353 -6.73 -5.33 24.87
CA LYS C 353 -5.60 -6.25 24.68
C LYS C 353 -6.01 -7.72 24.57
N ILE C 354 -5.45 -8.42 23.61
CA ILE C 354 -5.76 -9.84 23.45
C ILE C 354 -4.61 -10.67 24.01
N LEU C 355 -3.43 -10.47 23.47
CA LEU C 355 -2.26 -11.17 23.98
C LEU C 355 -1.56 -10.24 24.99
N LYS C 356 -1.33 -10.70 26.21
CA LYS C 356 -0.79 -9.79 27.22
C LYS C 356 0.55 -10.25 27.74
N ASN C 357 1.60 -9.65 27.23
CA ASN C 357 2.94 -9.89 27.69
C ASN C 357 3.37 -11.34 27.56
N ALA C 358 2.79 -12.00 26.57
CA ALA C 358 3.06 -13.40 26.34
C ALA C 358 4.47 -13.60 25.81
N SER C 359 5.17 -14.56 26.42
CA SER C 359 6.46 -15.05 25.94
C SER C 359 6.46 -16.57 26.02
N PHE C 360 6.92 -17.21 24.96
CA PHE C 360 7.05 -18.64 24.92
C PHE C 360 7.96 -19.02 23.77
N THR C 361 8.20 -20.31 23.62
CA THR C 361 9.06 -20.77 22.55
C THR C 361 8.35 -21.86 21.76
N ILE C 362 8.42 -21.78 20.44
CA ILE C 362 7.95 -22.83 19.56
C ILE C 362 9.20 -23.39 18.97
N PRO C 363 9.72 -24.47 19.55
CA PRO C 363 11.02 -25.01 19.20
C PRO C 363 11.00 -25.69 17.85
N ALA C 364 12.17 -25.78 17.23
CA ALA C 364 12.26 -26.18 15.84
C ALA C 364 12.09 -27.68 15.64
N GLY C 365 11.34 -28.07 14.61
CA GLY C 365 11.14 -29.46 14.26
C GLY C 365 10.09 -30.16 15.12
N TRP C 366 9.68 -29.50 16.21
CA TRP C 366 8.69 -30.07 17.10
C TRP C 366 7.30 -29.73 16.61
N LYS C 367 6.34 -30.50 17.13
CA LYS C 367 4.94 -30.16 17.02
C LYS C 367 4.56 -29.43 18.28
N THR C 368 4.24 -28.16 18.15
CA THR C 368 3.81 -27.37 19.28
C THR C 368 2.36 -27.08 19.18
N ALA C 369 1.62 -27.31 20.26
CA ALA C 369 0.19 -27.00 20.28
C ALA C 369 -0.08 -25.78 21.14
N ILE C 370 -0.91 -24.88 20.66
CA ILE C 370 -1.30 -23.73 21.47
C ILE C 370 -2.80 -23.85 21.72
N VAL C 371 -3.18 -24.14 22.95
CA VAL C 371 -4.58 -24.38 23.31
C VAL C 371 -5.02 -23.36 24.34
N GLY C 372 -6.32 -23.32 24.60
CA GLY C 372 -6.86 -22.48 25.65
C GLY C 372 -8.33 -22.22 25.38
N SER C 373 -9.11 -21.89 26.40
CA SER C 373 -10.51 -21.60 26.16
C SER C 373 -10.67 -20.23 25.50
N SER C 374 -11.89 -19.73 25.42
CA SER C 374 -12.10 -18.47 24.75
C SER C 374 -11.39 -17.35 25.48
N GLY C 375 -10.88 -16.40 24.70
CA GLY C 375 -10.21 -15.22 25.22
C GLY C 375 -8.73 -15.43 25.40
N SER C 376 -8.27 -16.62 25.10
CA SER C 376 -6.88 -17.03 25.31
C SER C 376 -5.85 -16.27 24.49
N GLY C 377 -6.25 -15.87 23.31
CA GLY C 377 -5.36 -15.19 22.41
C GLY C 377 -4.59 -16.13 21.53
N LYS C 378 -4.95 -17.40 21.49
CA LYS C 378 -4.30 -18.34 20.57
C LYS C 378 -4.67 -17.96 19.15
N SER C 379 -5.77 -17.24 19.06
CA SER C 379 -6.36 -16.78 17.81
C SER C 379 -5.47 -15.76 17.08
N THR C 380 -4.47 -15.21 17.76
CA THR C 380 -3.71 -14.09 17.18
C THR C 380 -2.28 -14.47 16.87
N ILE C 381 -1.88 -15.67 17.29
CA ILE C 381 -0.51 -16.16 17.13
C ILE C 381 -0.06 -16.17 15.67
N LEU C 382 -0.90 -16.76 14.82
CA LEU C 382 -0.62 -16.91 13.39
C LEU C 382 -0.49 -15.55 12.77
N LYS C 383 -1.50 -14.73 13.01
CA LYS C 383 -1.54 -13.38 12.45
C LYS C 383 -0.31 -12.60 12.87
N LEU C 384 0.19 -12.83 14.08
CA LEU C 384 1.39 -12.14 14.49
C LEU C 384 2.63 -12.77 13.85
N VAL C 385 2.69 -14.09 13.80
CA VAL C 385 3.87 -14.75 13.23
C VAL C 385 3.91 -14.49 11.76
N PHE C 386 2.75 -14.35 11.13
CA PHE C 386 2.67 -14.08 9.68
C PHE C 386 2.79 -12.58 9.33
N ARG C 387 2.90 -11.75 10.37
CA ARG C 387 3.06 -10.31 10.22
C ARG C 387 1.90 -9.65 9.46
N PHE C 388 0.71 -10.18 9.61
CA PHE C 388 -0.49 -9.48 9.19
C PHE C 388 -0.65 -8.24 10.06
N TYR C 389 -0.37 -8.40 11.35
CA TYR C 389 -0.37 -7.27 12.28
C TYR C 389 0.99 -7.26 12.97
N ASP C 390 1.32 -6.11 13.56
CA ASP C 390 2.52 -6.01 14.39
C ASP C 390 2.12 -5.80 15.82
N PRO C 391 2.87 -6.39 16.73
CA PRO C 391 2.47 -6.34 18.12
C PRO C 391 2.72 -4.96 18.66
N GLU C 392 1.86 -4.53 19.57
CA GLU C 392 1.97 -3.23 20.23
C GLU C 392 3.25 -3.12 21.10
N SER C 393 3.52 -4.15 21.88
CA SER C 393 4.67 -4.19 22.76
C SER C 393 5.35 -5.51 22.48
N GLY C 394 6.60 -5.70 22.89
CA GLY C 394 7.29 -6.97 22.70
C GLY C 394 7.63 -7.29 21.26
N ARG C 395 8.40 -8.36 21.05
CA ARG C 395 8.79 -8.73 19.70
C ARG C 395 8.62 -10.21 19.47
N ILE C 396 8.79 -10.61 18.21
CA ILE C 396 8.62 -11.98 17.78
C ILE C 396 9.77 -12.33 16.89
N LEU C 397 10.53 -13.38 17.21
CA LEU C 397 11.76 -13.67 16.49
C LEU C 397 11.69 -15.02 15.78
N ILE C 398 12.29 -15.14 14.61
CA ILE C 398 12.49 -16.48 14.06
C ILE C 398 13.99 -16.69 13.97
N ASN C 399 14.46 -17.67 14.73
CA ASN C 399 15.88 -17.91 14.85
C ASN C 399 16.57 -16.66 15.35
N GLY C 400 16.07 -16.06 16.42
CA GLY C 400 16.83 -14.99 17.05
C GLY C 400 16.75 -13.65 16.34
N ARG C 401 16.24 -13.62 15.12
CA ARG C 401 16.09 -12.36 14.40
C ARG C 401 14.65 -11.88 14.50
N ASP C 402 14.44 -10.60 14.77
CA ASP C 402 13.11 -9.99 14.78
C ASP C 402 12.43 -10.12 13.43
N ILE C 403 11.20 -10.63 13.39
CA ILE C 403 10.56 -10.88 12.10
C ILE C 403 10.28 -9.60 11.33
N LYS C 404 10.26 -8.47 12.04
CA LYS C 404 10.13 -7.16 11.41
C LYS C 404 11.26 -6.85 10.42
N GLU C 405 12.45 -7.37 10.71
CA GLU C 405 13.63 -7.10 9.91
C GLU C 405 13.73 -7.94 8.66
N TYR C 406 12.80 -8.86 8.48
CA TYR C 406 12.85 -9.76 7.35
C TYR C 406 12.13 -9.09 6.21
N ASP C 407 12.45 -9.50 4.99
CA ASP C 407 11.71 -9.07 3.82
C ASP C 407 10.37 -9.73 3.99
N ILE C 408 9.33 -8.96 4.20
CA ILE C 408 8.01 -9.53 4.54
C ILE C 408 7.51 -10.61 3.55
N ASP C 409 8.07 -10.62 2.34
CA ASP C 409 7.69 -11.66 1.41
C ASP C 409 8.59 -12.88 1.56
N ALA C 410 9.85 -12.70 1.94
CA ALA C 410 10.70 -13.85 2.21
C ALA C 410 10.16 -14.55 3.43
N LEU C 411 9.73 -13.77 4.43
CA LEU C 411 9.19 -14.31 5.68
C LEU C 411 8.01 -15.20 5.42
N ARG C 412 7.04 -14.67 4.70
CA ARG C 412 5.79 -15.40 4.55
C ARG C 412 5.97 -16.59 3.67
N LYS C 413 7.07 -16.61 2.94
CA LYS C 413 7.24 -17.65 1.94
C LYS C 413 7.62 -18.97 2.62
N VAL C 414 8.09 -18.90 3.86
CA VAL C 414 8.44 -20.11 4.60
C VAL C 414 7.40 -20.57 5.64
N ILE C 415 6.19 -20.06 5.54
CA ILE C 415 5.10 -20.44 6.44
C ILE C 415 3.95 -20.92 5.58
N GLY C 416 3.44 -22.11 5.86
CA GLY C 416 2.28 -22.62 5.15
C GLY C 416 1.15 -22.74 6.13
N VAL C 417 -0.08 -22.39 5.73
CA VAL C 417 -1.20 -22.35 6.65
C VAL C 417 -2.40 -23.19 6.24
N VAL C 418 -2.84 -24.10 7.12
CA VAL C 418 -4.10 -24.81 6.90
C VAL C 418 -5.11 -24.14 7.79
N PRO C 419 -5.95 -23.28 7.21
CA PRO C 419 -6.88 -22.45 7.98
C PRO C 419 -8.18 -23.19 8.33
N GLN C 420 -8.95 -22.59 9.24
CA GLN C 420 -10.20 -23.16 9.74
C GLN C 420 -11.23 -23.24 8.64
N ASP C 421 -11.28 -22.18 7.85
CA ASP C 421 -12.17 -22.18 6.75
C ASP C 421 -11.38 -21.93 5.48
N THR C 422 -11.36 -22.94 4.61
CA THR C 422 -10.65 -22.84 3.34
C THR C 422 -11.53 -22.13 2.33
N PRO C 423 -10.94 -21.23 1.52
CA PRO C 423 -11.65 -20.52 0.46
C PRO C 423 -11.50 -21.23 -0.89
N LEU C 424 -12.51 -21.09 -1.75
CA LEU C 424 -12.44 -21.62 -3.12
C LEU C 424 -12.37 -20.50 -4.18
N PHE C 425 -11.37 -20.55 -5.05
CA PHE C 425 -11.38 -19.59 -6.14
C PHE C 425 -12.34 -20.06 -7.24
N ASN C 426 -13.01 -19.12 -7.91
CA ASN C 426 -13.88 -19.49 -9.04
C ASN C 426 -13.07 -19.96 -10.23
N ASP C 427 -12.73 -21.24 -10.22
CA ASP C 427 -11.85 -21.84 -11.20
C ASP C 427 -12.05 -23.35 -11.11
N THR C 428 -11.13 -24.14 -11.64
CA THR C 428 -11.23 -25.59 -11.46
C THR C 428 -10.64 -25.96 -10.10
N ILE C 429 -10.94 -27.16 -9.66
CA ILE C 429 -10.30 -27.70 -8.48
C ILE C 429 -8.81 -27.72 -8.76
N TRP C 430 -8.44 -28.24 -9.94
CA TRP C 430 -7.05 -28.36 -10.28
C TRP C 430 -6.35 -27.02 -10.09
N GLU C 431 -7.01 -25.96 -10.50
CA GLU C 431 -6.38 -24.66 -10.34
C GLU C 431 -6.42 -24.23 -8.87
N ASN C 432 -7.35 -24.77 -8.08
CA ASN C 432 -7.39 -24.46 -6.66
C ASN C 432 -6.31 -25.23 -5.88
N VAL C 433 -6.08 -26.48 -6.23
CA VAL C 433 -5.01 -27.27 -5.64
C VAL C 433 -3.66 -26.76 -6.10
N LYS C 434 -3.58 -26.31 -7.33
CA LYS C 434 -2.31 -25.86 -7.88
C LYS C 434 -1.92 -24.52 -7.29
N PHE C 435 -2.90 -23.86 -6.68
CA PHE C 435 -2.76 -22.51 -6.16
C PHE C 435 -1.70 -22.45 -5.07
N GLY C 436 -1.36 -23.61 -4.50
CA GLY C 436 -0.36 -23.68 -3.45
C GLY C 436 1.03 -23.37 -3.99
N ARG C 437 1.36 -23.96 -5.11
CA ARG C 437 2.58 -23.59 -5.80
C ARG C 437 2.38 -23.61 -7.32
N ILE C 438 2.61 -22.46 -7.93
CA ILE C 438 2.25 -22.23 -9.31
C ILE C 438 3.10 -23.01 -10.30
N ASP C 439 4.40 -23.06 -10.05
CA ASP C 439 5.35 -23.66 -10.98
C ASP C 439 5.45 -25.17 -10.76
N ALA C 440 4.42 -25.76 -10.17
CA ALA C 440 4.46 -27.18 -9.89
C ALA C 440 4.18 -27.99 -11.15
N THR C 441 4.87 -29.12 -11.31
CA THR C 441 4.63 -30.00 -12.44
C THR C 441 3.21 -30.52 -12.30
N ASP C 442 2.60 -30.97 -13.40
CA ASP C 442 1.22 -31.46 -13.30
C ASP C 442 1.18 -32.69 -12.40
N GLU C 443 2.31 -33.38 -12.31
CA GLU C 443 2.37 -34.63 -11.58
C GLU C 443 2.43 -34.42 -10.07
N GLU C 444 3.18 -33.39 -9.66
CA GLU C 444 3.24 -32.96 -8.27
C GLU C 444 1.79 -32.74 -7.78
N VAL C 445 0.98 -32.07 -8.59
CA VAL C 445 -0.40 -31.82 -8.23
C VAL C 445 -1.16 -33.12 -8.07
N ILE C 446 -0.76 -34.17 -8.76
CA ILE C 446 -1.49 -35.43 -8.60
C ILE C 446 -1.13 -36.07 -7.26
N THR C 447 0.18 -36.20 -7.01
CA THR C 447 0.68 -36.83 -5.77
C THR C 447 0.05 -36.11 -4.58
N VAL C 448 0.13 -34.79 -4.61
CA VAL C 448 -0.45 -33.96 -3.57
C VAL C 448 -1.97 -34.13 -3.41
N VAL C 449 -2.67 -34.41 -4.51
CA VAL C 449 -4.11 -34.65 -4.43
C VAL C 449 -4.35 -36.02 -3.84
N GLU C 450 -3.46 -36.94 -4.16
CA GLU C 450 -3.53 -38.30 -3.62
C GLU C 450 -3.19 -38.28 -2.11
N LYS C 451 -2.04 -37.71 -1.75
CA LYS C 451 -1.58 -37.65 -0.37
C LYS C 451 -2.61 -37.00 0.51
N ALA C 452 -3.31 -36.01 -0.02
CA ALA C 452 -4.31 -35.31 0.77
C ALA C 452 -5.57 -36.14 0.98
N GLN C 453 -5.68 -37.25 0.23
CA GLN C 453 -6.92 -38.06 0.10
C GLN C 453 -8.00 -37.23 -0.61
N LEU C 454 -7.59 -36.51 -1.66
CA LEU C 454 -8.51 -35.67 -2.40
C LEU C 454 -9.07 -36.48 -3.59
N ALA C 455 -8.42 -37.59 -3.92
CA ALA C 455 -8.85 -38.41 -5.06
C ALA C 455 -10.35 -38.64 -5.09
N PRO C 456 -10.94 -39.19 -4.02
CA PRO C 456 -12.37 -39.48 -4.08
C PRO C 456 -13.30 -38.29 -4.33
N LEU C 457 -12.84 -37.04 -4.21
CA LEU C 457 -13.70 -35.90 -4.52
C LEU C 457 -13.76 -35.69 -6.00
N ILE C 458 -12.60 -35.79 -6.64
CA ILE C 458 -12.51 -35.60 -8.08
C ILE C 458 -13.14 -36.77 -8.85
N LYS C 459 -13.26 -37.93 -8.22
CA LYS C 459 -13.90 -39.04 -8.88
C LYS C 459 -15.40 -38.81 -8.79
N LYS C 460 -15.85 -38.33 -7.62
CA LYS C 460 -17.24 -38.01 -7.34
C LYS C 460 -17.77 -36.82 -8.14
N LEU C 461 -16.84 -35.95 -8.54
CA LEU C 461 -17.19 -34.77 -9.31
C LEU C 461 -17.32 -35.14 -10.78
N PRO C 462 -18.39 -34.67 -11.43
CA PRO C 462 -18.69 -34.99 -12.84
C PRO C 462 -17.53 -34.71 -13.80
N GLN C 463 -17.12 -33.45 -13.85
CA GLN C 463 -16.13 -32.98 -14.83
C GLN C 463 -14.66 -33.23 -14.39
N GLY C 464 -14.49 -34.14 -13.43
CA GLY C 464 -13.18 -34.52 -12.94
C GLY C 464 -12.37 -33.35 -12.42
N PHE C 465 -11.07 -33.37 -12.66
CA PHE C 465 -10.19 -32.30 -12.23
C PHE C 465 -10.59 -30.95 -12.81
N ASP C 466 -11.31 -30.96 -13.93
CA ASP C 466 -11.64 -29.72 -14.62
C ASP C 466 -13.00 -29.16 -14.18
N THR C 467 -13.60 -29.75 -13.13
CA THR C 467 -14.90 -29.32 -12.60
C THR C 467 -14.82 -27.94 -11.97
N ILE C 468 -15.85 -27.12 -12.08
CA ILE C 468 -15.76 -25.77 -11.52
C ILE C 468 -16.36 -25.67 -10.13
N VAL C 469 -15.49 -25.38 -9.17
CA VAL C 469 -15.89 -25.23 -7.78
C VAL C 469 -15.96 -23.76 -7.46
N GLY C 470 -16.59 -23.44 -6.35
CA GLY C 470 -16.62 -22.04 -5.94
C GLY C 470 -17.99 -21.48 -5.69
N GLU C 471 -17.99 -20.26 -5.14
CA GLU C 471 -19.18 -19.51 -4.79
C GLU C 471 -20.21 -19.48 -5.91
N ARG C 472 -19.73 -19.43 -7.15
CA ARG C 472 -20.60 -19.50 -8.34
C ARG C 472 -20.27 -20.74 -9.16
N GLY C 473 -20.22 -21.90 -8.50
CA GLY C 473 -19.84 -23.14 -9.15
C GLY C 473 -20.45 -24.33 -8.42
N LEU C 474 -19.63 -25.34 -8.15
CA LEU C 474 -20.10 -26.46 -7.32
C LEU C 474 -19.47 -26.44 -5.90
N MET C 475 -20.28 -26.17 -4.88
CA MET C 475 -19.83 -26.16 -3.48
C MET C 475 -19.36 -27.54 -2.99
N ILE C 476 -18.21 -27.59 -2.32
CA ILE C 476 -17.76 -28.84 -1.70
C ILE C 476 -17.84 -28.76 -0.18
N SER C 477 -17.73 -29.92 0.47
CA SER C 477 -17.93 -30.02 1.92
C SER C 477 -16.82 -29.40 2.74
N GLY C 478 -17.13 -29.15 4.01
CA GLY C 478 -16.14 -28.63 4.92
C GLY C 478 -14.96 -29.58 4.93
N GLY C 479 -15.24 -30.88 4.93
CA GLY C 479 -14.21 -31.88 4.91
C GLY C 479 -13.31 -31.78 3.70
N GLU C 480 -13.90 -31.69 2.51
CA GLU C 480 -13.14 -31.71 1.28
C GLU C 480 -12.31 -30.44 1.13
N LYS C 481 -12.87 -29.33 1.59
CA LYS C 481 -12.17 -28.06 1.54
C LYS C 481 -10.87 -28.18 2.35
N GLN C 482 -10.95 -28.59 3.62
CA GLN C 482 -9.77 -28.75 4.47
C GLN C 482 -8.83 -29.74 3.83
N ARG C 483 -9.39 -30.73 3.15
CA ARG C 483 -8.58 -31.70 2.45
C ARG C 483 -7.80 -31.03 1.32
N LEU C 484 -8.42 -30.06 0.68
CA LEU C 484 -7.78 -29.29 -0.38
C LEU C 484 -6.65 -28.47 0.21
N ALA C 485 -6.94 -27.86 1.36
CA ALA C 485 -5.99 -26.97 2.03
C ALA C 485 -4.68 -27.68 2.35
N ILE C 486 -4.78 -28.95 2.73
CA ILE C 486 -3.63 -29.76 3.03
C ILE C 486 -2.85 -29.98 1.75
N ALA C 487 -3.58 -30.19 0.67
CA ALA C 487 -2.96 -30.40 -0.64
C ALA C 487 -2.14 -29.17 -1.00
N ARG C 488 -2.76 -28.01 -0.88
CA ARG C 488 -2.09 -26.75 -1.16
C ARG C 488 -0.78 -26.57 -0.37
N VAL C 489 -0.83 -26.73 0.94
CA VAL C 489 0.33 -26.44 1.76
C VAL C 489 1.42 -27.45 1.46
N LEU C 490 1.01 -28.61 0.94
CA LEU C 490 1.93 -29.65 0.53
C LEU C 490 2.71 -29.23 -0.70
N LEU C 491 2.03 -28.60 -1.65
CA LEU C 491 2.70 -28.10 -2.82
C LEU C 491 3.64 -26.96 -2.41
N LYS C 492 3.18 -26.07 -1.54
CA LYS C 492 4.04 -24.96 -1.12
C LYS C 492 5.29 -25.45 -0.40
N ASN C 493 5.13 -26.52 0.38
CA ASN C 493 6.27 -27.14 1.08
C ASN C 493 7.12 -26.18 1.90
N ALA C 494 6.44 -25.39 2.72
CA ALA C 494 7.08 -24.40 3.57
C ALA C 494 7.65 -25.08 4.79
N ARG C 495 8.66 -24.45 5.38
CA ARG C 495 9.43 -25.03 6.47
C ARG C 495 8.71 -24.90 7.84
N ILE C 496 7.96 -23.82 8.04
CA ILE C 496 7.09 -23.66 9.21
C ILE C 496 5.67 -23.96 8.79
N MET C 497 4.94 -24.70 9.61
CA MET C 497 3.61 -25.14 9.24
C MET C 497 2.59 -24.83 10.34
N PHE C 498 1.51 -24.13 9.99
CA PHE C 498 0.44 -23.78 10.94
C PHE C 498 -0.88 -24.46 10.63
N PHE C 499 -1.50 -25.06 11.64
CA PHE C 499 -2.83 -25.61 11.48
C PHE C 499 -3.72 -24.83 12.42
N ASP C 500 -4.29 -23.74 11.92
CA ASP C 500 -5.12 -22.82 12.71
C ASP C 500 -6.52 -23.36 12.76
N GLU C 501 -6.82 -24.15 13.78
CA GLU C 501 -8.14 -24.72 13.96
C GLU C 501 -8.62 -25.44 12.72
N ALA C 502 -7.72 -26.22 12.13
CA ALA C 502 -8.00 -26.86 10.85
C ALA C 502 -9.24 -27.73 10.89
N THR C 503 -9.53 -28.29 12.06
CA THR C 503 -10.56 -29.33 12.16
C THR C 503 -11.80 -28.95 12.96
N SER C 504 -12.32 -27.74 12.78
CA SER C 504 -13.66 -27.43 13.31
C SER C 504 -14.71 -27.75 12.23
N ALA C 505 -14.46 -28.92 11.62
CA ALA C 505 -15.34 -29.57 10.65
C ALA C 505 -16.55 -30.05 11.43
N LEU C 506 -17.64 -29.28 11.33
CA LEU C 506 -18.89 -29.54 12.04
C LEU C 506 -19.47 -30.96 11.77
N ASP C 507 -18.65 -31.99 12.05
CA ASP C 507 -19.07 -33.39 12.12
C ASP C 507 -17.92 -34.19 12.70
N THR C 508 -18.25 -35.23 13.46
CA THR C 508 -17.26 -35.98 14.18
C THR C 508 -16.40 -36.83 13.27
N HIS C 509 -17.06 -37.57 12.39
CA HIS C 509 -16.37 -38.57 11.58
C HIS C 509 -15.29 -37.92 10.71
N THR C 510 -15.52 -36.66 10.34
CA THR C 510 -14.62 -35.97 9.43
C THR C 510 -13.39 -35.41 10.11
N GLU C 511 -13.58 -34.80 11.28
CA GLU C 511 -12.43 -34.30 12.06
C GLU C 511 -11.45 -35.43 12.22
N GLN C 512 -11.99 -36.59 12.56
CA GLN C 512 -11.21 -37.78 12.74
C GLN C 512 -10.44 -38.14 11.48
N ALA C 513 -11.14 -38.30 10.37
CA ALA C 513 -10.49 -38.79 9.15
C ALA C 513 -9.43 -37.82 8.63
N LEU C 514 -9.64 -36.55 8.94
CA LEU C 514 -8.75 -35.53 8.46
C LEU C 514 -7.49 -35.55 9.30
N LEU C 515 -7.70 -35.60 10.61
CA LEU C 515 -6.61 -35.56 11.55
C LEU C 515 -5.61 -36.66 11.24
N ARG C 516 -6.09 -37.73 10.64
CA ARG C 516 -5.21 -38.80 10.27
C ARG C 516 -4.35 -38.41 9.10
N THR C 517 -4.99 -37.81 8.09
CA THR C 517 -4.23 -37.48 6.89
C THR C 517 -3.17 -36.41 7.21
N ILE C 518 -3.46 -35.58 8.21
CA ILE C 518 -2.52 -34.58 8.63
C ILE C 518 -1.33 -35.28 9.28
N ARG C 519 -1.61 -36.29 10.11
CA ARG C 519 -0.53 -36.91 10.88
C ARG C 519 0.34 -37.77 9.97
N ASP C 520 -0.20 -38.17 8.84
CA ASP C 520 0.59 -38.96 7.91
C ASP C 520 1.48 -38.06 7.08
N ASN C 521 0.96 -36.90 6.70
CA ASN C 521 1.75 -36.02 5.85
C ASN C 521 2.73 -35.13 6.59
N PHE C 522 2.47 -34.84 7.87
CA PHE C 522 3.24 -33.80 8.52
C PHE C 522 3.98 -34.20 9.79
N THR C 523 4.66 -35.35 9.81
CA THR C 523 5.27 -35.80 11.08
C THR C 523 6.74 -35.43 11.33
N SER C 524 6.88 -34.33 12.07
CA SER C 524 8.15 -33.77 12.57
C SER C 524 9.33 -33.73 11.59
N GLY C 525 9.02 -33.86 10.28
CA GLY C 525 10.05 -34.01 9.26
C GLY C 525 10.99 -32.81 9.18
N SER C 526 11.58 -32.44 10.32
CA SER C 526 12.41 -31.24 10.41
C SER C 526 11.59 -30.05 9.87
N ARG C 527 10.28 -30.15 10.05
CA ARG C 527 9.38 -29.03 9.84
C ARG C 527 8.81 -28.71 11.18
N THR C 528 8.69 -27.44 11.46
CA THR C 528 8.22 -27.05 12.74
C THR C 528 6.75 -26.67 12.57
N SER C 529 5.89 -27.45 13.22
CA SER C 529 4.44 -27.40 13.06
C SER C 529 3.83 -26.69 14.25
N VAL C 530 2.96 -25.71 14.05
CA VAL C 530 2.23 -25.07 15.17
C VAL C 530 0.75 -25.40 15.06
N TYR C 531 0.16 -26.05 16.07
CA TYR C 531 -1.24 -26.40 15.97
C TYR C 531 -2.09 -25.55 16.89
N ILE C 532 -2.97 -24.75 16.33
CA ILE C 532 -3.83 -23.95 17.17
C ILE C 532 -5.10 -24.73 17.31
N ALA C 533 -5.41 -25.19 18.49
CA ALA C 533 -6.59 -26.03 18.63
C ALA C 533 -7.36 -25.81 19.91
N HIS C 534 -8.63 -26.21 19.87
CA HIS C 534 -9.45 -26.06 21.06
C HIS C 534 -9.94 -27.45 21.51
N ARG C 535 -9.87 -28.40 20.61
CA ARG C 535 -10.07 -29.77 21.01
C ARG C 535 -8.74 -30.35 21.43
N LEU C 536 -8.48 -30.37 22.73
CA LEU C 536 -7.16 -30.77 23.22
C LEU C 536 -6.85 -32.21 22.83
N ARG C 537 -7.90 -33.02 22.76
CA ARG C 537 -7.79 -34.43 22.37
C ARG C 537 -7.06 -34.63 21.04
N THR C 538 -7.13 -33.60 20.19
CA THR C 538 -6.58 -33.68 18.84
C THR C 538 -5.15 -33.22 18.76
N ILE C 539 -4.52 -32.92 19.90
CA ILE C 539 -3.12 -32.51 19.89
C ILE C 539 -2.32 -33.17 20.98
N ALA C 540 -2.79 -34.30 21.48
CA ALA C 540 -2.16 -34.91 22.64
C ALA C 540 -0.82 -35.54 22.36
N ASP C 541 -0.50 -35.65 21.07
CA ASP C 541 0.74 -36.27 20.67
C ASP C 541 1.80 -35.20 20.41
N ALA C 542 1.47 -33.97 20.81
CA ALA C 542 2.30 -32.82 20.54
C ALA C 542 3.52 -32.88 21.39
N ASP C 543 4.61 -32.31 20.87
CA ASP C 543 5.88 -32.25 21.60
C ASP C 543 5.85 -31.24 22.73
N LYS C 544 5.05 -30.21 22.52
CA LYS C 544 4.90 -29.16 23.47
C LYS C 544 3.49 -28.66 23.35
N ILE C 545 2.89 -28.39 24.49
CA ILE C 545 1.57 -27.81 24.52
C ILE C 545 1.71 -26.52 25.31
N ILE C 546 1.23 -25.43 24.74
CA ILE C 546 1.34 -24.15 25.41
C ILE C 546 -0.05 -23.70 25.74
N VAL C 547 -0.39 -23.65 27.02
CA VAL C 547 -1.76 -23.27 27.35
C VAL C 547 -1.86 -21.80 27.72
N LEU C 548 -2.71 -21.08 26.99
CA LEU C 548 -2.91 -19.66 27.20
C LEU C 548 -4.24 -19.42 27.86
N ASP C 549 -4.31 -18.41 28.72
CA ASP C 549 -5.58 -17.98 29.25
C ASP C 549 -5.65 -16.49 29.46
N ASN C 550 -6.73 -15.90 28.93
CA ASN C 550 -6.91 -14.47 28.98
C ASN C 550 -5.70 -13.75 28.45
N GLY C 551 -5.05 -14.35 27.48
CA GLY C 551 -4.00 -13.64 26.79
C GLY C 551 -2.64 -13.83 27.37
N ARG C 552 -2.51 -14.64 28.40
CA ARG C 552 -1.20 -14.86 28.98
C ARG C 552 -0.83 -16.34 29.00
N VAL C 553 0.45 -16.67 28.98
CA VAL C 553 0.85 -18.06 28.98
C VAL C 553 0.75 -18.65 30.40
N ARG C 554 -0.06 -19.68 30.58
CA ARG C 554 -0.24 -20.24 31.92
C ARG C 554 0.56 -21.53 32.23
N GLU C 555 0.58 -22.51 31.33
CA GLU C 555 1.33 -23.74 31.55
C GLU C 555 1.96 -24.18 30.26
N GLU C 556 3.01 -24.99 30.37
CA GLU C 556 3.69 -25.50 29.19
C GLU C 556 4.20 -26.85 29.48
N GLY C 557 3.78 -27.85 28.73
CA GLY C 557 4.34 -29.18 28.93
C GLY C 557 3.83 -30.15 27.90
N LYS C 558 4.09 -31.43 28.13
CA LYS C 558 3.52 -32.43 27.25
C LYS C 558 2.16 -32.81 27.81
N HIS C 559 1.42 -33.62 27.05
CA HIS C 559 0.06 -33.97 27.41
C HIS C 559 -0.04 -34.67 28.76
N LEU C 560 0.62 -35.82 28.87
CA LEU C 560 0.53 -36.64 30.05
C LEU C 560 1.03 -35.92 31.29
N GLU C 561 2.04 -35.10 31.08
CA GLU C 561 2.68 -34.33 32.14
C GLU C 561 1.78 -33.22 32.63
N LEU C 562 1.06 -32.61 31.71
CA LEU C 562 0.19 -31.49 32.04
C LEU C 562 -1.05 -31.96 32.80
N LEU C 563 -1.62 -33.10 32.39
CA LEU C 563 -2.82 -33.66 33.02
C LEU C 563 -2.55 -34.09 34.45
N ALA C 564 -1.31 -34.51 34.67
CA ALA C 564 -0.91 -35.09 35.91
C ALA C 564 -0.48 -34.03 36.91
N MET C 565 0.03 -32.92 36.39
CA MET C 565 0.34 -31.78 37.22
C MET C 565 -0.90 -31.34 37.98
N PRO C 566 -0.78 -31.25 39.31
CA PRO C 566 -1.85 -30.86 40.23
C PRO C 566 -2.23 -29.41 40.08
N GLY C 567 -3.55 -29.17 40.12
CA GLY C 567 -4.17 -27.86 40.00
C GLY C 567 -4.00 -27.19 38.66
N SER C 568 -3.69 -27.99 37.65
CA SER C 568 -3.40 -27.46 36.32
C SER C 568 -4.65 -26.95 35.66
N LEU C 569 -4.46 -26.01 34.74
CA LEU C 569 -5.54 -25.49 33.94
C LEU C 569 -5.77 -26.47 32.85
N TYR C 570 -4.72 -27.11 32.39
CA TYR C 570 -4.87 -28.08 31.31
C TYR C 570 -5.92 -29.15 31.67
N ARG C 571 -5.85 -29.72 32.88
CA ARG C 571 -6.80 -30.78 33.29
C ARG C 571 -8.22 -30.27 33.36
N GLU C 572 -8.36 -29.00 33.70
CA GLU C 572 -9.66 -28.34 33.82
C GLU C 572 -10.31 -28.25 32.45
N LEU C 573 -9.50 -27.81 31.49
CA LEU C 573 -9.95 -27.59 30.13
C LEU C 573 -10.21 -28.91 29.50
N TRP C 574 -9.33 -29.84 29.78
CA TRP C 574 -9.48 -31.18 29.28
C TRP C 574 -10.83 -31.70 29.76
N THR C 575 -11.15 -31.41 31.01
CA THR C 575 -12.36 -31.94 31.59
C THR C 575 -13.61 -31.34 30.97
N ILE C 576 -13.62 -30.03 30.81
CA ILE C 576 -14.80 -29.36 30.27
C ILE C 576 -15.05 -29.92 28.88
N GLN C 577 -13.97 -30.00 28.11
CA GLN C 577 -14.01 -30.43 26.73
C GLN C 577 -14.55 -31.85 26.56
N GLU C 578 -14.22 -32.72 27.50
CA GLU C 578 -14.74 -34.08 27.47
C GLU C 578 -16.25 -34.08 27.63
N ASP C 579 -16.73 -33.48 28.72
CA ASP C 579 -18.16 -33.38 28.97
C ASP C 579 -18.91 -32.79 27.78
N LEU C 580 -18.31 -31.78 27.16
CA LEU C 580 -18.89 -31.11 26.00
C LEU C 580 -19.07 -32.12 24.86
N ASP C 581 -17.99 -32.84 24.54
CA ASP C 581 -18.01 -33.84 23.48
C ASP C 581 -19.04 -34.91 23.80
N HIS C 582 -19.15 -35.26 25.07
CA HIS C 582 -20.12 -36.25 25.50
C HIS C 582 -21.51 -35.73 25.19
N LEU C 583 -21.76 -34.51 25.63
CA LEU C 583 -23.07 -33.90 25.50
C LEU C 583 -23.50 -33.80 24.05
N GLU C 584 -22.67 -33.19 23.22
CA GLU C 584 -23.06 -32.93 21.85
C GLU C 584 -23.21 -34.20 21.00
N ASN C 585 -22.61 -35.31 21.41
CA ASN C 585 -22.82 -36.56 20.69
C ASN C 585 -24.01 -37.34 21.22
N GLU C 586 -24.29 -37.14 22.50
CA GLU C 586 -25.51 -37.66 23.13
C GLU C 586 -26.71 -36.93 22.53
N LEU C 587 -26.54 -35.63 22.31
CA LEU C 587 -27.59 -34.80 21.74
C LEU C 587 -27.84 -35.19 20.28
N LYS C 588 -26.81 -35.64 19.59
CA LYS C 588 -26.98 -36.04 18.20
C LYS C 588 -27.80 -37.32 18.07
N ASP C 589 -27.53 -38.30 18.94
CA ASP C 589 -28.27 -39.55 18.90
C ASP C 589 -29.77 -39.28 19.17
N GLN C 590 -30.04 -38.41 20.14
CA GLN C 590 -31.42 -38.12 20.58
C GLN C 590 -32.26 -37.31 19.61
N GLN C 591 -31.62 -36.42 18.85
CA GLN C 591 -32.28 -35.65 17.81
C GLN C 591 -32.67 -36.53 16.63
N GLU C 592 -31.91 -37.59 16.45
CA GLU C 592 -32.16 -38.58 15.38
C GLU C 592 -33.54 -39.22 15.58
N LEU C 593 -33.88 -39.46 16.85
CA LEU C 593 -35.14 -40.09 17.26
C LEU C 593 -36.36 -39.24 16.88
N TRP C 594 -36.17 -37.93 16.85
CA TRP C 594 -37.29 -37.05 16.57
C TRP C 594 -37.31 -36.59 15.10
N SER C 595 -36.43 -37.17 14.29
CA SER C 595 -36.28 -36.81 12.87
C SER C 595 -37.15 -37.64 11.92
N HIS C 596 -37.52 -38.84 12.36
CA HIS C 596 -38.25 -39.82 11.57
C HIS C 596 -39.53 -40.20 12.34
N PRO C 597 -40.56 -40.72 11.65
CA PRO C 597 -41.78 -41.17 12.36
C PRO C 597 -41.62 -42.35 13.33
N GLN C 598 -42.67 -42.57 14.14
CA GLN C 598 -42.69 -43.61 15.18
C GLN C 598 -44.09 -44.23 15.40
#